data_7SO7
#
_entry.id   7SO7
#
_cell.length_a   210.540
_cell.length_b   320.080
_cell.length_c   65.610
_cell.angle_alpha   90.000
_cell.angle_beta   90.000
_cell.angle_gamma   90.000
#
_symmetry.space_group_name_H-M   'P 21 21 2'
#
loop_
_entity.id
_entity.type
_entity.pdbx_description
1 polymer 'Toxin B'
2 polymer 'Fab B1 HC'
3 polymer 'FAB B1 LC'
#
loop_
_entity_poly.entity_id
_entity_poly.type
_entity_poly.pdbx_seq_one_letter_code
_entity_poly.pdbx_strand_id
1 'polypeptide(L)'
;MSLVNRKQLEKMANVRFRTQEDEYVAILDALEEYHNMSENTVVEKYLKLKDINSLTDIYIDTYKKSGRNKALKKFKEYLV
TEVLELKNNNLTPVEKNLHFVWIGGQINDTAINYINQWKDVNSDYNVNVFYDSNAFLINTLKKTVVESAINDTLESFREN
LNDPRFDYNKFFRKRMEIIYDKQKNFINYYKAQREENPELIIDDIVKTYLSNEYSKEIDELNTYIEESLNKITQNSGNDV
RNFEEFKNGESFNLYEQELVERWNLAAASDILRISALKEIGGMYLDVDMLPGIQPDLFESIEKPSSVTVDFWEMTKLEAI
MKYKEYIPEYTSEHFDMLDEEVQSSFESVLASKSDKSEIFSSLGDMEASPLEVKIAFNSKGIINQGLISVKDSYCSNLIV
KQIENRYKILNNSLNPAISEDNDFNTTTNTFIDSIMAEANADNGRFMMELGKYLRVGFFPDVKTTINLSGPEAYAAAYQD
LLMFKEGSMNIHLIEADLRNFEISKTNISQSTEQEMASLWSFDDARAKAQFEEYKRNY
;
A,B
2 'polypeptide(L)'
;EVQLVESGGGLVQPGGSLRLSCAASGFTFRSYWMHWVRQVPGKGLVWVSCINKEGSSTTYADSVKGRFTISRDNAKNTLY
LEMNSLRADDTAVYYCLRGYDVDYWGQGTLVTVSSASTKGPSVFPLAPGGTAALGCLVKDYFPEPVTVSWNSGALTSGVH
TFPAVLQSSGLYSLSSVVTVPSSSLGTQTYICNVNHKPSNTKVDKKVEPKSCD
;
X,H
3 'polypeptide(L)'
;QAVLTQPSSLSASPGASVSLTCTLRSAINVGTYRIYWYQQKPGSPPRYLLRYKSGLDKHQGSGVPSRFSGSKDDSANAGI
LFISGLQSEDEADYYCLIWHSSAVVFGGGTKLTVLGQPKAAPSVTLFPPSSEELQANKATLVCLISDFYPGAVTVAWKAD
GSPVKAGVETTKPSKQSNNKYAASSYLSLTPEQWKSHRSYSCQVTHEGSTVEKTVAPT
;
Y,L
#
# COMPACT_ATOMS: atom_id res chain seq x y z
N MET A 1 -41.70 30.78 -0.77
CA MET A 1 -42.45 31.47 -1.81
C MET A 1 -43.35 30.51 -2.56
N SER A 2 -43.56 30.80 -3.84
CA SER A 2 -44.24 29.91 -4.75
C SER A 2 -43.86 30.30 -6.17
N LEU A 3 -44.62 29.81 -7.14
CA LEU A 3 -44.52 30.24 -8.52
C LEU A 3 -45.35 31.50 -8.73
N VAL A 4 -45.14 32.16 -9.86
CA VAL A 4 -45.99 33.31 -10.20
C VAL A 4 -47.40 32.80 -10.50
N ASN A 5 -48.40 33.60 -10.16
CA ASN A 5 -49.79 33.24 -10.40
C ASN A 5 -50.29 33.88 -11.69
N ARG A 6 -51.57 33.70 -11.97
CA ARG A 6 -52.13 34.15 -13.25
C ARG A 6 -52.04 35.67 -13.39
N LYS A 7 -52.43 36.40 -12.34
CA LYS A 7 -52.31 37.86 -12.38
C LYS A 7 -50.86 38.28 -12.61
N GLN A 8 -49.91 37.60 -11.97
CA GLN A 8 -48.51 37.97 -12.12
C GLN A 8 -48.01 37.70 -13.53
N LEU A 9 -48.30 36.51 -14.05
CA LEU A 9 -47.89 36.19 -15.42
C LEU A 9 -48.54 37.13 -16.42
N GLU A 10 -49.74 37.62 -16.13
CA GLU A 10 -50.39 38.60 -17.00
C GLU A 10 -49.59 39.90 -17.04
N LYS A 11 -48.96 40.26 -15.92
CA LYS A 11 -48.12 41.46 -15.89
C LYS A 11 -46.87 41.27 -16.73
N MET A 12 -46.17 40.14 -16.54
CA MET A 12 -44.93 39.89 -17.27
C MET A 12 -45.15 39.94 -18.77
N ALA A 13 -46.03 39.08 -19.27
CA ALA A 13 -46.24 38.90 -20.71
C ALA A 13 -47.29 39.82 -21.28
N ASN A 14 -47.57 40.94 -20.63
CA ASN A 14 -48.45 41.93 -21.23
C ASN A 14 -47.72 42.72 -22.30
N VAL A 15 -48.39 42.92 -23.43
CA VAL A 15 -47.94 43.83 -24.46
C VAL A 15 -49.11 44.76 -24.77
N ARG A 16 -48.93 46.05 -24.50
CA ARG A 16 -50.02 46.99 -24.68
C ARG A 16 -50.49 46.98 -26.14
N PHE A 17 -51.81 46.94 -26.32
CA PHE A 17 -52.45 46.92 -27.63
C PHE A 17 -52.19 45.59 -28.35
N ARG A 18 -52.44 44.50 -27.62
CA ARG A 18 -52.24 43.15 -28.16
C ARG A 18 -53.10 42.21 -27.29
N THR A 19 -54.24 41.79 -27.84
CA THR A 19 -55.19 41.01 -27.06
C THR A 19 -54.65 39.62 -26.78
N GLN A 20 -55.34 38.91 -25.89
CA GLN A 20 -54.91 37.59 -25.45
C GLN A 20 -55.32 36.53 -26.48
N GLU A 21 -54.33 35.80 -27.00
CA GLU A 21 -54.57 34.76 -27.98
C GLU A 21 -55.20 33.53 -27.33
N ASP A 22 -55.80 32.68 -28.17
CA ASP A 22 -56.43 31.45 -27.68
C ASP A 22 -55.45 30.59 -26.88
N GLU A 23 -54.20 30.50 -27.35
CA GLU A 23 -53.21 29.66 -26.68
C GLU A 23 -52.50 30.37 -25.54
N TYR A 24 -52.41 31.70 -25.57
CA TYR A 24 -51.87 32.44 -24.43
C TYR A 24 -52.77 32.28 -23.21
N VAL A 25 -54.08 32.24 -23.42
CA VAL A 25 -55.00 32.02 -22.31
C VAL A 25 -54.91 30.57 -21.82
N ALA A 26 -54.62 29.63 -22.72
CA ALA A 26 -54.44 28.25 -22.29
C ALA A 26 -53.33 28.11 -21.26
N ILE A 27 -52.34 29.00 -21.32
CA ILE A 27 -51.27 29.00 -20.32
C ILE A 27 -51.75 29.63 -19.01
N LEU A 28 -52.39 30.79 -19.12
CA LEU A 28 -52.96 31.45 -17.93
C LEU A 28 -53.98 30.55 -17.24
N ASP A 29 -54.80 29.86 -18.02
CA ASP A 29 -55.84 29.01 -17.44
C ASP A 29 -55.23 27.84 -16.68
N ALA A 30 -54.24 27.16 -17.30
CA ALA A 30 -53.63 26.03 -16.63
C ALA A 30 -52.80 26.44 -15.43
N LEU A 31 -52.20 27.64 -15.47
CA LEU A 31 -51.46 28.13 -14.30
C LEU A 31 -52.39 28.43 -13.15
N GLU A 32 -53.54 29.07 -13.43
CA GLU A 32 -54.52 29.30 -12.38
C GLU A 32 -55.03 27.98 -11.81
N GLU A 33 -55.29 27.01 -12.69
CA GLU A 33 -55.69 25.68 -12.24
C GLU A 33 -54.64 25.06 -11.32
N TYR A 34 -53.37 25.41 -11.52
CA TYR A 34 -52.30 24.83 -10.72
C TYR A 34 -52.35 25.31 -9.27
N HIS A 35 -52.45 26.62 -9.07
CA HIS A 35 -52.42 27.13 -7.71
C HIS A 35 -53.66 26.76 -6.91
N ASN A 36 -54.68 26.18 -7.53
CA ASN A 36 -55.78 25.55 -6.81
C ASN A 36 -55.62 24.03 -6.83
N MET A 37 -54.49 23.59 -6.27
CA MET A 37 -54.14 22.17 -6.23
C MET A 37 -53.41 21.84 -4.92
N SER A 38 -53.94 22.29 -3.79
CA SER A 38 -53.35 21.96 -2.50
C SER A 38 -53.80 20.60 -1.98
N GLU A 39 -54.97 20.13 -2.42
CA GLU A 39 -55.45 18.80 -2.03
C GLU A 39 -54.69 17.67 -2.71
N ASN A 40 -53.97 17.96 -3.79
CA ASN A 40 -53.28 16.96 -4.59
C ASN A 40 -51.87 16.68 -4.05
N THR A 41 -51.31 15.55 -4.48
CA THR A 41 -50.01 15.10 -4.01
C THR A 41 -48.90 15.65 -4.91
N VAL A 42 -47.65 15.21 -4.64
CA VAL A 42 -46.50 15.82 -5.29
C VAL A 42 -46.39 15.36 -6.74
N VAL A 43 -46.58 14.06 -6.98
CA VAL A 43 -46.33 13.48 -8.30
C VAL A 43 -47.25 14.13 -9.32
N GLU A 44 -48.56 13.90 -9.21
CA GLU A 44 -49.48 14.49 -10.16
C GLU A 44 -49.59 16.01 -10.03
N LYS A 45 -48.98 16.61 -9.01
CA LYS A 45 -48.71 18.04 -9.07
C LYS A 45 -47.70 18.35 -10.16
N TYR A 46 -46.64 17.54 -10.24
CA TYR A 46 -45.54 17.78 -11.17
C TYR A 46 -45.98 17.75 -12.63
N LEU A 47 -47.07 17.06 -12.96
CA LEU A 47 -47.52 16.99 -14.35
C LEU A 47 -48.91 17.59 -14.52
N LYS A 48 -49.96 16.94 -13.98
CA LYS A 48 -51.36 17.22 -14.30
C LYS A 48 -51.62 18.69 -14.59
N LEU A 49 -51.04 19.58 -13.78
CA LEU A 49 -51.05 21.01 -14.09
C LEU A 49 -49.73 21.68 -13.74
N LYS A 50 -48.60 20.98 -13.91
CA LYS A 50 -47.27 21.61 -13.87
C LYS A 50 -46.44 21.27 -15.09
N ASP A 51 -47.07 20.85 -16.18
CA ASP A 51 -46.32 20.89 -17.43
C ASP A 51 -46.26 22.33 -17.92
N ILE A 52 -47.40 22.87 -18.37
CA ILE A 52 -47.52 24.29 -18.65
C ILE A 52 -46.52 24.68 -19.72
N ASN A 53 -45.23 24.50 -19.40
CA ASN A 53 -44.12 24.44 -20.35
C ASN A 53 -44.59 23.95 -21.71
N SER A 54 -45.42 22.91 -21.73
CA SER A 54 -45.98 22.42 -22.99
C SER A 54 -46.85 23.50 -23.64
N LEU A 55 -47.85 23.98 -22.92
CA LEU A 55 -48.70 25.05 -23.45
C LEU A 55 -47.91 26.33 -23.70
N THR A 56 -46.82 26.54 -22.96
CA THR A 56 -45.96 27.70 -23.23
C THR A 56 -45.19 27.50 -24.52
N ASP A 57 -44.48 26.37 -24.64
CA ASP A 57 -43.73 26.07 -25.86
C ASP A 57 -44.64 26.03 -27.08
N ILE A 58 -45.93 25.76 -26.88
CA ILE A 58 -46.89 25.86 -27.99
C ILE A 58 -46.99 27.30 -28.46
N TYR A 59 -47.07 28.25 -27.51
CA TYR A 59 -47.22 29.65 -27.87
C TYR A 59 -46.02 30.18 -28.63
N ILE A 60 -44.82 29.68 -28.33
CA ILE A 60 -43.62 30.18 -28.97
C ILE A 60 -43.40 29.56 -30.34
N ASP A 61 -44.03 28.42 -30.64
CA ASP A 61 -43.95 27.82 -31.97
C ASP A 61 -45.06 28.28 -32.90
N THR A 62 -46.15 28.83 -32.37
CA THR A 62 -47.19 29.42 -33.22
C THR A 62 -46.87 30.87 -33.54
N TYR A 63 -46.63 31.68 -32.51
CA TYR A 63 -46.30 33.10 -32.70
C TYR A 63 -44.79 33.29 -32.50
N LYS A 64 -44.03 32.83 -33.51
CA LYS A 64 -42.58 32.94 -33.42
C LYS A 64 -42.10 34.37 -33.27
N LYS A 65 -42.91 35.34 -33.72
CA LYS A 65 -42.50 36.73 -33.73
C LYS A 65 -43.16 37.53 -32.60
N SER A 66 -43.91 36.88 -31.71
CA SER A 66 -44.66 37.58 -30.69
C SER A 66 -43.72 38.32 -29.73
N GLY A 67 -44.23 39.42 -29.19
CA GLY A 67 -43.46 40.16 -28.20
C GLY A 67 -43.35 39.41 -26.88
N ARG A 68 -44.39 38.64 -26.53
CA ARG A 68 -44.41 37.94 -25.25
C ARG A 68 -43.40 36.82 -25.17
N ASN A 69 -42.73 36.46 -26.27
CA ASN A 69 -41.80 35.33 -26.25
C ASN A 69 -40.70 35.53 -25.23
N LYS A 70 -40.07 36.72 -25.24
CA LYS A 70 -38.97 36.98 -24.31
C LYS A 70 -39.42 36.82 -22.86
N ALA A 71 -40.62 37.29 -22.54
CA ALA A 71 -41.12 37.17 -21.18
C ALA A 71 -41.45 35.72 -20.83
N LEU A 72 -42.13 35.01 -21.74
CA LEU A 72 -42.52 33.64 -21.46
C LEU A 72 -41.32 32.72 -21.38
N LYS A 73 -40.23 33.04 -22.08
CA LYS A 73 -39.00 32.26 -21.95
C LYS A 73 -38.49 32.26 -20.52
N LYS A 74 -38.52 33.43 -19.87
CA LYS A 74 -38.18 33.48 -18.45
C LYS A 74 -39.20 32.70 -17.61
N PHE A 75 -40.47 32.71 -18.03
CA PHE A 75 -41.49 31.96 -17.31
C PHE A 75 -41.15 30.48 -17.24
N LYS A 76 -40.62 29.93 -18.33
CA LYS A 76 -40.22 28.52 -18.33
C LYS A 76 -39.11 28.26 -17.32
N GLU A 77 -38.24 29.25 -17.10
CA GLU A 77 -37.20 29.11 -16.08
C GLU A 77 -37.80 29.01 -14.69
N TYR A 78 -38.82 29.82 -14.39
CA TYR A 78 -39.49 29.73 -13.10
C TYR A 78 -40.22 28.41 -12.91
N LEU A 79 -40.41 27.64 -13.98
CA LEU A 79 -41.02 26.33 -13.85
C LEU A 79 -40.02 25.30 -13.36
N VAL A 80 -38.79 25.34 -13.88
CA VAL A 80 -37.73 24.46 -13.39
C VAL A 80 -37.50 24.69 -11.90
N THR A 81 -37.50 25.96 -11.49
CA THR A 81 -37.25 26.28 -10.08
C THR A 81 -38.36 25.74 -9.19
N GLU A 82 -39.62 25.90 -9.61
CA GLU A 82 -40.74 25.41 -8.81
C GLU A 82 -40.69 23.89 -8.66
N VAL A 83 -40.16 23.19 -9.66
CA VAL A 83 -39.98 21.74 -9.53
C VAL A 83 -39.01 21.44 -8.39
N LEU A 84 -37.97 22.25 -8.24
CA LEU A 84 -37.02 22.03 -7.16
C LEU A 84 -37.59 22.43 -5.80
N GLU A 85 -38.49 23.42 -5.77
CA GLU A 85 -39.20 23.71 -4.53
C GLU A 85 -40.13 22.57 -4.15
N LEU A 86 -40.74 21.93 -5.16
CA LEU A 86 -41.56 20.74 -4.90
C LEU A 86 -40.73 19.60 -4.32
N LYS A 87 -39.54 19.38 -4.87
CA LYS A 87 -38.70 18.28 -4.44
C LYS A 87 -38.19 18.48 -3.01
N ASN A 88 -38.01 19.73 -2.58
CA ASN A 88 -37.35 20.02 -1.32
C ASN A 88 -38.30 20.31 -0.16
N ASN A 89 -39.60 20.50 -0.43
CA ASN A 89 -40.53 20.91 0.62
C ASN A 89 -41.64 19.91 0.88
N ASN A 90 -41.61 18.74 0.24
CA ASN A 90 -42.66 17.73 0.42
C ASN A 90 -41.99 16.37 0.44
N LEU A 91 -41.71 15.86 1.64
CA LEU A 91 -40.91 14.65 1.81
C LEU A 91 -41.69 13.63 2.61
N THR A 92 -41.73 12.39 2.10
CA THR A 92 -42.37 11.23 2.72
C THR A 92 -41.31 10.27 3.24
N PRO A 93 -41.63 9.45 4.25
CA PRO A 93 -40.63 8.50 4.76
C PRO A 93 -40.28 7.45 3.73
N VAL A 94 -39.05 6.96 3.82
CA VAL A 94 -38.51 6.00 2.86
C VAL A 94 -38.60 4.60 3.46
N GLU A 95 -38.81 3.62 2.58
CA GLU A 95 -38.82 2.22 2.97
C GLU A 95 -37.51 1.85 3.66
N LYS A 96 -37.60 1.16 4.80
CA LYS A 96 -36.41 0.74 5.52
C LYS A 96 -35.88 -0.56 4.93
N ASN A 97 -35.30 -0.43 3.74
CA ASN A 97 -34.71 -1.52 2.99
C ASN A 97 -33.33 -1.12 2.54
N LEU A 98 -32.37 -2.02 2.68
CA LEU A 98 -31.02 -1.83 2.19
C LEU A 98 -30.72 -2.90 1.16
N HIS A 99 -30.24 -2.49 -0.01
CA HIS A 99 -30.05 -3.39 -1.14
C HIS A 99 -28.57 -3.49 -1.47
N PHE A 100 -28.08 -4.73 -1.56
CA PHE A 100 -26.76 -5.04 -2.11
C PHE A 100 -26.92 -6.02 -3.26
N VAL A 101 -25.87 -6.15 -4.07
CA VAL A 101 -25.89 -7.07 -5.20
C VAL A 101 -24.54 -7.81 -5.23
N TRP A 102 -24.60 -9.13 -5.19
CA TRP A 102 -23.43 -9.97 -5.46
C TRP A 102 -23.87 -11.11 -6.37
N ILE A 103 -23.47 -11.04 -7.64
CA ILE A 103 -23.89 -12.00 -8.66
C ILE A 103 -22.66 -12.49 -9.39
N GLY A 104 -22.67 -13.76 -9.78
CA GLY A 104 -21.63 -14.34 -10.62
C GLY A 104 -20.62 -15.19 -9.90
N GLY A 105 -20.45 -15.02 -8.59
CA GLY A 105 -19.50 -15.83 -7.85
C GLY A 105 -19.83 -16.01 -6.38
N GLN A 106 -18.90 -16.56 -5.62
CA GLN A 106 -19.10 -16.70 -4.18
C GLN A 106 -18.77 -15.38 -3.48
N ILE A 107 -19.64 -14.97 -2.57
CA ILE A 107 -19.42 -13.74 -1.82
C ILE A 107 -18.22 -13.92 -0.90
N ASN A 108 -17.23 -13.02 -1.03
CA ASN A 108 -16.07 -13.11 -0.18
C ASN A 108 -16.33 -12.44 1.17
N ASP A 109 -15.46 -12.74 2.14
CA ASP A 109 -15.75 -12.35 3.51
C ASP A 109 -15.60 -10.85 3.74
N THR A 110 -14.71 -10.18 2.98
CA THR A 110 -14.55 -8.75 3.14
C THR A 110 -15.85 -8.02 2.84
N ALA A 111 -16.60 -8.49 1.85
CA ALA A 111 -17.89 -7.87 1.54
C ALA A 111 -18.90 -8.12 2.66
N ILE A 112 -18.84 -9.29 3.29
CA ILE A 112 -19.78 -9.58 4.38
C ILE A 112 -19.43 -8.75 5.61
N ASN A 113 -18.14 -8.53 5.86
CA ASN A 113 -17.73 -7.70 6.99
C ASN A 113 -18.25 -6.28 6.83
N TYR A 114 -18.20 -5.74 5.61
CA TYR A 114 -18.74 -4.41 5.36
C TYR A 114 -20.25 -4.38 5.51
N ILE A 115 -20.94 -5.44 5.08
CA ILE A 115 -22.38 -5.48 5.20
C ILE A 115 -22.79 -5.60 6.66
N ASN A 116 -22.09 -6.45 7.42
CA ASN A 116 -22.41 -6.62 8.84
C ASN A 116 -22.30 -5.32 9.63
N GLN A 117 -21.53 -4.35 9.13
CA GLN A 117 -21.45 -3.05 9.79
C GLN A 117 -22.73 -2.25 9.61
N TRP A 118 -23.41 -2.42 8.48
CA TRP A 118 -24.69 -1.73 8.28
C TRP A 118 -25.79 -2.36 9.13
N LYS A 119 -25.77 -3.68 9.29
CA LYS A 119 -26.80 -4.36 10.06
C LYS A 119 -26.70 -4.01 11.53
N ASP A 120 -25.48 -3.86 12.05
CA ASP A 120 -25.29 -3.66 13.48
C ASP A 120 -25.74 -2.27 13.92
N VAL A 121 -25.48 -1.24 13.11
CA VAL A 121 -25.90 0.11 13.47
C VAL A 121 -27.34 0.38 13.06
N ASN A 122 -27.82 -0.27 11.98
CA ASN A 122 -29.18 -0.05 11.50
C ASN A 122 -30.03 -1.31 11.69
N SER A 123 -30.27 -1.69 12.94
CA SER A 123 -31.01 -2.92 13.25
C SER A 123 -32.50 -2.83 12.94
N ASP A 124 -32.97 -1.73 12.35
CA ASP A 124 -34.37 -1.58 11.97
C ASP A 124 -34.57 -1.66 10.46
N TYR A 125 -33.58 -2.13 9.71
CA TYR A 125 -33.66 -2.16 8.26
C TYR A 125 -33.58 -3.58 7.73
N ASN A 126 -34.41 -3.87 6.73
CA ASN A 126 -34.28 -5.11 5.98
C ASN A 126 -33.04 -5.04 5.10
N VAL A 127 -32.33 -6.15 5.00
CA VAL A 127 -31.10 -6.25 4.23
C VAL A 127 -31.30 -7.32 3.17
N ASN A 128 -31.29 -6.92 1.91
CA ASN A 128 -31.38 -7.82 0.77
C ASN A 128 -30.04 -7.81 0.06
N VAL A 129 -29.43 -8.99 -0.09
CA VAL A 129 -28.10 -9.10 -0.70
C VAL A 129 -28.23 -9.88 -2.01
N PHE A 130 -28.90 -9.29 -2.98
CA PHE A 130 -29.38 -9.97 -4.18
C PHE A 130 -28.31 -10.84 -4.83
N TYR A 131 -28.68 -12.09 -5.15
CA TYR A 131 -27.84 -12.97 -5.95
C TYR A 131 -28.70 -13.71 -6.95
N ASP A 132 -28.11 -14.04 -8.09
CA ASP A 132 -28.74 -14.89 -9.10
C ASP A 132 -28.42 -16.33 -8.75
N SER A 133 -29.43 -17.09 -8.33
CA SER A 133 -29.23 -18.48 -7.95
C SER A 133 -28.86 -19.36 -9.15
N ASN A 134 -29.15 -18.93 -10.37
CA ASN A 134 -28.92 -19.74 -11.56
C ASN A 134 -27.57 -19.47 -12.21
N ALA A 135 -26.75 -18.57 -11.67
CA ALA A 135 -25.53 -18.13 -12.35
C ALA A 135 -24.42 -17.85 -11.35
N PHE A 136 -23.95 -18.90 -10.67
CA PHE A 136 -22.80 -18.79 -9.78
C PHE A 136 -21.47 -18.98 -10.49
N LEU A 137 -21.47 -19.50 -11.72
CA LEU A 137 -20.25 -19.81 -12.43
C LEU A 137 -19.95 -18.82 -13.54
N ILE A 138 -20.58 -17.65 -13.53
CA ILE A 138 -20.31 -16.66 -14.56
C ILE A 138 -18.97 -15.98 -14.33
N ASN A 139 -18.60 -15.77 -13.06
CA ASN A 139 -17.24 -15.33 -12.75
C ASN A 139 -16.23 -16.45 -12.98
N THR A 140 -16.65 -17.70 -12.77
CA THR A 140 -15.73 -18.82 -12.97
C THR A 140 -15.43 -19.05 -14.44
N LEU A 141 -16.43 -18.89 -15.29
CA LEU A 141 -16.23 -19.11 -16.72
C LEU A 141 -15.49 -17.94 -17.38
N LYS A 142 -15.67 -16.73 -16.86
CA LYS A 142 -14.94 -15.58 -17.40
C LYS A 142 -13.44 -15.75 -17.18
N LYS A 143 -13.05 -16.18 -15.98
CA LYS A 143 -11.63 -16.37 -15.68
C LYS A 143 -11.03 -17.46 -16.56
N THR A 144 -11.73 -18.59 -16.69
CA THR A 144 -11.20 -19.72 -17.45
C THR A 144 -10.91 -19.31 -18.90
N VAL A 145 -11.79 -18.52 -19.51
CA VAL A 145 -11.65 -18.19 -20.92
C VAL A 145 -10.42 -17.32 -21.15
N VAL A 146 -10.27 -16.26 -20.35
CA VAL A 146 -9.15 -15.35 -20.56
C VAL A 146 -7.83 -16.01 -20.14
N GLU A 147 -7.88 -16.90 -19.14
CA GLU A 147 -6.72 -17.74 -18.85
C GLU A 147 -6.28 -18.51 -20.08
N SER A 148 -7.23 -19.21 -20.72
CA SER A 148 -6.92 -19.93 -21.95
C SER A 148 -6.71 -19.01 -23.14
N ALA A 149 -7.23 -17.78 -23.08
CA ALA A 149 -7.01 -16.84 -24.17
C ALA A 149 -5.58 -16.35 -24.25
N ILE A 150 -4.84 -16.42 -23.15
CA ILE A 150 -3.44 -15.99 -23.15
C ILE A 150 -2.51 -17.16 -23.47
N ASN A 151 -2.85 -18.36 -23.01
CA ASN A 151 -2.08 -19.54 -23.37
C ASN A 151 -2.03 -19.72 -24.88
N ASP A 152 -3.13 -19.43 -25.57
CA ASP A 152 -3.16 -19.53 -27.03
C ASP A 152 -2.59 -18.27 -27.69
N THR A 153 -2.66 -17.12 -27.00
CA THR A 153 -2.05 -15.90 -27.55
C THR A 153 -0.54 -16.03 -27.59
N LEU A 154 0.07 -16.48 -26.48
CA LEU A 154 1.51 -16.62 -26.42
C LEU A 154 2.02 -17.80 -27.24
N GLU A 155 1.16 -18.78 -27.54
CA GLU A 155 1.60 -19.92 -28.33
C GLU A 155 2.07 -19.50 -29.73
N SER A 156 1.35 -18.54 -30.34
CA SER A 156 1.77 -18.03 -31.64
C SER A 156 2.33 -16.63 -31.50
N PHE A 157 3.38 -16.48 -30.70
CA PHE A 157 4.05 -15.19 -30.47
C PHE A 157 5.51 -15.44 -30.10
N ARG A 158 6.23 -16.11 -30.98
CA ARG A 158 7.66 -16.37 -30.81
C ARG A 158 8.43 -15.30 -31.58
N GLU A 159 8.95 -14.31 -30.86
CA GLU A 159 9.65 -13.19 -31.49
C GLU A 159 10.92 -13.67 -32.20
N ASP A 167 6.78 -5.58 -26.11
CA ASP A 167 5.90 -5.58 -27.27
C ASP A 167 4.50 -5.08 -26.91
N TYR A 168 3.75 -5.93 -26.21
CA TYR A 168 2.33 -5.78 -25.87
C TYR A 168 1.55 -5.02 -26.94
N ASN A 169 0.45 -4.36 -26.56
CA ASN A 169 -0.42 -3.67 -27.51
C ASN A 169 -0.91 -4.64 -28.58
N LYS A 170 0.01 -5.10 -29.44
CA LYS A 170 -0.26 -6.25 -30.30
C LYS A 170 -0.69 -7.47 -29.49
N PHE A 171 -0.30 -7.54 -28.21
CA PHE A 171 -0.77 -8.63 -27.34
C PHE A 171 -2.25 -8.49 -27.04
N PHE A 172 -2.64 -7.36 -26.41
CA PHE A 172 -4.04 -7.15 -26.08
C PHE A 172 -4.91 -7.11 -27.33
N ARG A 173 -4.37 -6.63 -28.45
CA ARG A 173 -5.10 -6.63 -29.72
C ARG A 173 -5.44 -8.06 -30.14
N LYS A 174 -4.41 -8.89 -30.33
CA LYS A 174 -4.63 -10.27 -30.77
C LYS A 174 -5.19 -11.16 -29.66
N ARG A 175 -5.33 -10.66 -28.43
CA ARG A 175 -5.97 -11.47 -27.40
C ARG A 175 -7.48 -11.31 -27.44
N MET A 176 -7.96 -10.07 -27.65
CA MET A 176 -9.40 -9.83 -27.71
C MET A 176 -10.06 -10.60 -28.85
N GLU A 177 -9.33 -10.80 -29.95
CA GLU A 177 -9.85 -11.60 -31.06
C GLU A 177 -10.14 -13.03 -30.60
N ILE A 178 -9.25 -13.61 -29.81
CA ILE A 178 -9.46 -14.96 -29.29
C ILE A 178 -10.61 -14.98 -28.31
N ILE A 179 -10.67 -14.00 -27.41
CA ILE A 179 -11.73 -13.97 -26.40
C ILE A 179 -13.09 -13.86 -27.06
N TYR A 180 -13.22 -13.01 -28.08
CA TYR A 180 -14.49 -12.85 -28.76
C TYR A 180 -14.93 -14.15 -29.44
N ASP A 181 -14.00 -14.86 -30.06
CA ASP A 181 -14.35 -16.13 -30.69
C ASP A 181 -14.80 -17.16 -29.66
N LYS A 182 -14.06 -17.29 -28.56
CA LYS A 182 -14.50 -18.17 -27.47
C LYS A 182 -15.76 -17.65 -26.82
N GLN A 183 -15.97 -16.33 -26.84
CA GLN A 183 -17.23 -15.76 -26.37
C GLN A 183 -18.37 -16.10 -27.34
N LYS A 184 -18.22 -15.70 -28.61
CA LYS A 184 -19.23 -15.97 -29.62
C LYS A 184 -19.51 -17.46 -29.74
N ASN A 185 -18.52 -18.29 -29.42
CA ASN A 185 -18.74 -19.73 -29.44
C ASN A 185 -19.67 -20.17 -28.32
N PHE A 186 -19.48 -19.61 -27.11
CA PHE A 186 -20.32 -19.98 -25.99
C PHE A 186 -21.75 -19.48 -26.17
N ILE A 187 -21.92 -18.30 -26.78
CA ILE A 187 -23.25 -17.75 -26.97
C ILE A 187 -24.05 -18.61 -27.93
N ASN A 188 -23.39 -19.16 -28.95
CA ASN A 188 -24.07 -20.08 -29.86
C ASN A 188 -24.44 -21.38 -29.16
N TYR A 189 -23.58 -21.84 -28.24
CA TYR A 189 -23.88 -23.04 -27.46
C TYR A 189 -25.05 -22.79 -26.51
N TYR A 190 -25.13 -21.58 -25.95
CA TYR A 190 -26.21 -21.26 -25.03
C TYR A 190 -27.55 -21.15 -25.78
N LYS A 191 -27.59 -20.30 -26.82
CA LYS A 191 -28.83 -20.13 -27.58
C LYS A 191 -29.33 -21.44 -28.14
N ALA A 192 -28.44 -22.40 -28.36
CA ALA A 192 -28.80 -23.72 -28.86
C ALA A 192 -29.26 -24.64 -27.73
N GLN A 193 -28.51 -24.69 -26.63
CA GLN A 193 -28.91 -25.54 -25.50
C GLN A 193 -30.26 -25.13 -24.95
N ARG A 194 -30.56 -23.83 -24.93
CA ARG A 194 -31.85 -23.37 -24.44
C ARG A 194 -32.98 -23.72 -25.40
N GLU A 195 -32.67 -23.98 -26.67
CA GLU A 195 -33.72 -24.39 -27.62
C GLU A 195 -34.03 -25.87 -27.47
N GLU A 196 -33.01 -26.72 -27.39
CA GLU A 196 -33.24 -28.15 -27.22
C GLU A 196 -33.89 -28.42 -25.86
N ASN A 197 -33.33 -27.84 -24.79
CA ASN A 197 -33.80 -28.07 -23.44
C ASN A 197 -34.10 -26.73 -22.79
N PRO A 198 -35.36 -26.29 -22.77
CA PRO A 198 -35.70 -25.03 -22.09
C PRO A 198 -35.54 -25.10 -20.58
N GLU A 199 -35.39 -26.29 -20.00
CA GLU A 199 -35.34 -26.44 -18.56
C GLU A 199 -33.93 -26.31 -17.98
N LEU A 200 -32.91 -26.19 -18.82
CA LEU A 200 -31.56 -25.96 -18.32
C LEU A 200 -31.42 -24.52 -17.86
N ILE A 201 -30.85 -24.33 -16.67
CA ILE A 201 -30.55 -23.00 -16.18
C ILE A 201 -29.15 -22.63 -16.63
N ILE A 202 -28.75 -21.38 -16.36
CA ILE A 202 -27.46 -20.88 -16.84
C ILE A 202 -26.31 -21.68 -16.25
N ASP A 203 -26.44 -22.11 -14.99
CA ASP A 203 -25.35 -22.83 -14.33
C ASP A 203 -25.16 -24.21 -14.93
N ASP A 204 -26.25 -24.89 -15.30
CA ASP A 204 -26.13 -26.19 -15.94
C ASP A 204 -25.34 -26.10 -17.24
N ILE A 205 -25.65 -25.09 -18.05
CA ILE A 205 -25.02 -24.95 -19.35
C ILE A 205 -23.54 -24.60 -19.19
N VAL A 206 -23.17 -23.90 -18.12
CA VAL A 206 -21.80 -23.45 -17.97
C VAL A 206 -20.90 -24.57 -17.46
N LYS A 207 -21.36 -25.35 -16.48
CA LYS A 207 -20.55 -26.47 -16.01
C LYS A 207 -20.42 -27.55 -17.07
N THR A 208 -21.41 -27.65 -17.96
CA THR A 208 -21.30 -28.57 -19.08
C THR A 208 -20.28 -28.09 -20.10
N TYR A 209 -20.33 -26.79 -20.44
CA TYR A 209 -19.39 -26.23 -21.39
C TYR A 209 -17.98 -26.19 -20.80
N LEU A 210 -17.86 -25.87 -19.51
CA LEU A 210 -16.54 -25.82 -18.88
C LEU A 210 -15.92 -27.21 -18.77
N SER A 211 -16.74 -28.24 -18.61
CA SER A 211 -16.21 -29.60 -18.46
C SER A 211 -15.84 -30.20 -19.81
N ASN A 212 -16.59 -29.88 -20.86
CA ASN A 212 -16.33 -30.47 -22.17
C ASN A 212 -15.10 -29.84 -22.82
N GLU A 213 -15.05 -28.51 -22.88
CA GLU A 213 -14.02 -27.81 -23.65
C GLU A 213 -12.87 -27.29 -22.80
N TYR A 214 -12.90 -27.49 -21.48
CA TYR A 214 -11.79 -27.04 -20.64
C TYR A 214 -11.39 -28.06 -19.58
N SER A 215 -11.95 -29.28 -19.62
CA SER A 215 -11.51 -30.39 -18.77
C SER A 215 -11.55 -30.02 -17.29
N LYS A 216 -12.67 -29.44 -16.87
CA LYS A 216 -12.85 -29.01 -15.49
C LYS A 216 -13.43 -30.13 -14.66
N GLU A 217 -12.78 -30.44 -13.54
CA GLU A 217 -13.32 -31.37 -12.55
C GLU A 217 -14.73 -30.95 -12.16
N ILE A 218 -15.70 -31.38 -12.96
CA ILE A 218 -17.10 -31.02 -12.69
C ILE A 218 -17.54 -31.60 -11.35
N ASP A 219 -16.91 -32.67 -10.89
CA ASP A 219 -17.09 -33.12 -9.51
C ASP A 219 -16.86 -31.96 -8.53
N GLU A 220 -15.78 -31.21 -8.73
CA GLU A 220 -15.39 -30.11 -7.86
C GLU A 220 -15.99 -28.77 -8.29
N LEU A 221 -16.86 -28.77 -9.30
CA LEU A 221 -17.59 -27.57 -9.70
C LEU A 221 -18.92 -27.45 -8.95
N ASN A 222 -19.70 -28.54 -8.89
CA ASN A 222 -20.94 -28.54 -8.13
C ASN A 222 -20.69 -28.42 -6.62
N THR A 223 -19.43 -28.38 -6.20
CA THR A 223 -19.10 -28.03 -4.82
C THR A 223 -19.07 -26.51 -4.64
N TYR A 224 -18.50 -25.79 -5.62
CA TYR A 224 -18.50 -24.34 -5.59
C TYR A 224 -19.91 -23.77 -5.60
N ILE A 225 -20.85 -24.47 -6.22
CA ILE A 225 -22.23 -24.01 -6.26
C ILE A 225 -22.89 -24.22 -4.90
N GLU A 226 -22.63 -25.36 -4.26
CA GLU A 226 -23.25 -25.64 -2.97
C GLU A 226 -22.71 -24.73 -1.87
N GLU A 227 -21.40 -24.46 -1.88
CA GLU A 227 -20.81 -23.57 -0.88
C GLU A 227 -21.22 -22.13 -1.11
N SER A 228 -21.38 -21.71 -2.37
CA SER A 228 -21.75 -20.33 -2.65
C SER A 228 -23.16 -20.02 -2.15
N LEU A 229 -24.10 -20.95 -2.32
CA LEU A 229 -25.46 -20.73 -1.84
C LEU A 229 -25.55 -20.88 -0.32
N ASN A 230 -24.88 -21.88 0.24
CA ASN A 230 -24.88 -22.05 1.70
C ASN A 230 -24.32 -20.81 2.39
N LYS A 231 -23.35 -20.15 1.77
CA LYS A 231 -22.77 -18.95 2.35
C LYS A 231 -23.73 -17.77 2.27
N ILE A 232 -24.22 -17.48 1.06
CA ILE A 232 -25.03 -16.27 0.88
C ILE A 232 -26.39 -16.41 1.56
N THR A 233 -26.87 -17.64 1.77
CA THR A 233 -28.21 -17.80 2.30
C THR A 233 -28.28 -17.56 3.80
N GLN A 234 -27.19 -17.80 4.53
CA GLN A 234 -27.16 -17.54 5.97
C GLN A 234 -26.62 -16.16 6.29
N ASN A 235 -26.21 -15.40 5.29
CA ASN A 235 -25.82 -14.01 5.47
C ASN A 235 -26.89 -13.11 4.86
N SER A 236 -28.01 -13.00 5.59
CA SER A 236 -29.09 -12.05 5.30
C SER A 236 -29.83 -12.34 4.00
N GLY A 237 -29.11 -12.76 2.96
CA GLY A 237 -29.69 -13.15 1.69
C GLY A 237 -30.83 -12.27 1.22
N ASN A 238 -32.08 -12.71 1.47
CA ASN A 238 -33.28 -11.94 1.18
C ASN A 238 -33.38 -11.62 -0.32
N ASP A 239 -33.38 -12.67 -1.15
CA ASP A 239 -33.13 -12.45 -2.58
C ASP A 239 -33.51 -13.63 -3.48
N VAL A 240 -32.50 -14.16 -4.19
CA VAL A 240 -32.62 -15.23 -5.18
C VAL A 240 -33.16 -14.63 -6.49
N ARG A 241 -32.97 -15.34 -7.60
CA ARG A 241 -33.67 -15.05 -8.84
C ARG A 241 -35.18 -15.12 -8.61
N ASN A 242 -35.72 -14.21 -7.80
CA ASN A 242 -37.16 -14.14 -7.65
C ASN A 242 -37.66 -12.95 -8.43
N PHE A 243 -38.21 -11.94 -7.74
CA PHE A 243 -38.62 -10.70 -8.41
C PHE A 243 -39.57 -10.94 -9.57
N GLU A 244 -40.85 -11.14 -9.27
CA GLU A 244 -41.81 -11.36 -10.35
C GLU A 244 -41.99 -10.10 -11.20
N GLU A 245 -41.84 -8.92 -10.59
CA GLU A 245 -42.00 -7.66 -11.33
C GLU A 245 -40.75 -7.29 -12.11
N PHE A 246 -39.60 -7.86 -11.77
CA PHE A 246 -38.38 -7.62 -12.52
C PHE A 246 -38.30 -8.52 -13.74
N LYS A 247 -38.89 -9.72 -13.66
CA LYS A 247 -38.84 -10.64 -14.77
C LYS A 247 -39.92 -10.33 -15.81
N ASN A 248 -41.07 -9.83 -15.39
CA ASN A 248 -42.06 -9.35 -16.35
C ASN A 248 -41.64 -8.03 -16.99
N GLY A 249 -40.80 -7.26 -16.31
CA GLY A 249 -40.36 -5.99 -16.86
C GLY A 249 -39.48 -6.17 -18.08
N GLU A 250 -39.44 -5.11 -18.89
CA GLU A 250 -38.62 -5.12 -20.10
C GLU A 250 -37.14 -5.14 -19.79
N SER A 251 -36.75 -4.80 -18.56
CA SER A 251 -35.35 -4.65 -18.19
C SER A 251 -34.64 -5.97 -17.92
N PHE A 252 -35.30 -7.11 -18.14
CA PHE A 252 -34.71 -8.38 -17.72
C PHE A 252 -33.73 -8.91 -18.75
N ASN A 253 -34.17 -9.13 -19.99
CA ASN A 253 -33.23 -9.65 -20.98
C ASN A 253 -32.13 -8.66 -21.32
N LEU A 254 -32.18 -7.46 -20.74
CA LEU A 254 -31.01 -6.58 -20.71
C LEU A 254 -30.01 -7.04 -19.66
N TYR A 255 -30.53 -7.45 -18.49
CA TYR A 255 -29.67 -7.96 -17.43
C TYR A 255 -29.06 -9.31 -17.80
N GLU A 256 -29.84 -10.18 -18.44
CA GLU A 256 -29.30 -11.46 -18.89
C GLU A 256 -28.31 -11.28 -20.03
N GLN A 257 -28.43 -10.20 -20.81
CA GLN A 257 -27.48 -9.95 -21.89
C GLN A 257 -26.11 -9.55 -21.34
N GLU A 258 -26.09 -8.67 -20.35
CA GLU A 258 -24.82 -8.33 -19.70
C GLU A 258 -24.28 -9.47 -18.86
N LEU A 259 -25.12 -10.43 -18.47
CA LEU A 259 -24.70 -11.51 -17.59
C LEU A 259 -24.15 -12.71 -18.36
N VAL A 260 -24.86 -13.14 -19.40
CA VAL A 260 -24.51 -14.37 -20.10
C VAL A 260 -23.79 -14.03 -21.40
N GLU A 261 -24.42 -13.19 -22.24
CA GLU A 261 -23.84 -12.87 -23.53
C GLU A 261 -22.62 -11.97 -23.42
N ARG A 262 -22.43 -11.30 -22.28
CA ARG A 262 -21.36 -10.32 -22.14
C ARG A 262 -20.40 -10.58 -20.99
N TRP A 263 -20.79 -11.35 -19.97
CA TRP A 263 -19.92 -11.66 -18.83
C TRP A 263 -19.47 -10.39 -18.12
N ASN A 264 -20.29 -9.37 -18.13
CA ASN A 264 -20.00 -8.10 -17.48
C ASN A 264 -20.80 -8.07 -16.17
N LEU A 265 -20.20 -8.64 -15.12
CA LEU A 265 -20.91 -8.80 -13.85
C LEU A 265 -21.47 -7.48 -13.34
N ALA A 266 -20.68 -6.41 -13.45
CA ALA A 266 -21.11 -5.12 -12.90
C ALA A 266 -22.23 -4.51 -13.72
N ALA A 267 -22.16 -4.60 -15.05
CA ALA A 267 -23.17 -3.96 -15.88
C ALA A 267 -24.54 -4.61 -15.70
N ALA A 268 -24.58 -5.88 -15.33
CA ALA A 268 -25.84 -6.51 -14.97
C ALA A 268 -26.32 -6.02 -13.62
N SER A 269 -25.40 -5.60 -12.74
CA SER A 269 -25.79 -5.01 -11.46
C SER A 269 -26.33 -3.60 -11.63
N ASP A 270 -25.76 -2.83 -12.56
CA ASP A 270 -26.27 -1.49 -12.83
C ASP A 270 -27.73 -1.54 -13.28
N ILE A 271 -28.10 -2.58 -14.02
CA ILE A 271 -29.47 -2.73 -14.47
C ILE A 271 -30.37 -3.16 -13.31
N LEU A 272 -29.83 -3.97 -12.40
CA LEU A 272 -30.65 -4.52 -11.32
C LEU A 272 -30.97 -3.49 -10.25
N ARG A 273 -29.96 -2.71 -9.84
CA ARG A 273 -30.12 -1.84 -8.67
C ARG A 273 -31.21 -0.79 -8.89
N ILE A 274 -31.25 -0.17 -10.07
CA ILE A 274 -32.22 0.90 -10.30
C ILE A 274 -33.61 0.32 -10.45
N SER A 275 -33.73 -0.91 -10.96
CA SER A 275 -35.04 -1.54 -11.08
C SER A 275 -35.54 -2.03 -9.73
N ALA A 276 -34.64 -2.54 -8.88
CA ALA A 276 -35.04 -3.00 -7.55
C ALA A 276 -35.46 -1.83 -6.67
N LEU A 277 -34.78 -0.70 -6.79
CA LEU A 277 -35.16 0.48 -6.02
C LEU A 277 -36.54 0.97 -6.41
N LYS A 278 -36.86 0.93 -7.71
CA LYS A 278 -38.15 1.42 -8.20
C LYS A 278 -39.30 0.51 -7.80
N GLU A 279 -39.04 -0.77 -7.54
CA GLU A 279 -40.10 -1.72 -7.22
C GLU A 279 -40.24 -2.01 -5.73
N ILE A 280 -39.19 -1.76 -4.94
CA ILE A 280 -39.19 -2.03 -3.51
C ILE A 280 -39.13 -0.74 -2.69
N GLY A 281 -38.24 0.16 -3.07
CA GLY A 281 -37.93 1.30 -2.22
C GLY A 281 -36.82 0.97 -1.24
N GLY A 282 -36.09 2.01 -0.85
CA GLY A 282 -35.00 1.84 0.10
C GLY A 282 -33.73 2.57 -0.30
N MET A 283 -32.60 1.87 -0.22
CA MET A 283 -31.30 2.49 -0.47
C MET A 283 -30.32 1.43 -0.94
N TYR A 284 -29.72 1.65 -2.10
CA TYR A 284 -28.75 0.72 -2.67
C TYR A 284 -27.34 1.14 -2.30
N LEU A 285 -26.48 0.15 -2.04
CA LEU A 285 -25.07 0.38 -1.76
C LEU A 285 -24.23 -0.71 -2.42
N ASP A 286 -23.07 -0.31 -2.94
CA ASP A 286 -22.03 -1.29 -3.22
C ASP A 286 -21.51 -1.87 -1.91
N VAL A 287 -20.89 -3.04 -2.01
CA VAL A 287 -20.47 -3.76 -0.81
C VAL A 287 -19.13 -3.20 -0.30
N ASP A 288 -18.67 -2.13 -0.93
CA ASP A 288 -17.45 -1.45 -0.51
C ASP A 288 -17.74 -0.19 0.29
N MET A 289 -18.98 0.01 0.70
CA MET A 289 -19.41 1.21 1.41
C MET A 289 -19.66 0.89 2.86
N LEU A 290 -19.41 1.88 3.72
CA LEU A 290 -19.55 1.76 5.16
C LEU A 290 -20.45 2.87 5.68
N PRO A 291 -21.14 2.63 6.80
CA PRO A 291 -22.00 3.68 7.36
C PRO A 291 -21.20 4.94 7.68
N GLY A 292 -21.90 6.08 7.64
CA GLY A 292 -21.26 7.32 7.98
C GLY A 292 -20.77 7.36 9.42
N ILE A 293 -19.80 8.21 9.66
CA ILE A 293 -19.25 8.39 10.98
C ILE A 293 -20.03 9.49 11.70
N GLN A 294 -20.25 9.31 13.00
CA GLN A 294 -20.89 10.32 13.82
C GLN A 294 -20.19 11.66 13.62
N PRO A 295 -20.91 12.70 13.19
CA PRO A 295 -20.24 13.98 12.89
C PRO A 295 -19.53 14.60 14.08
N ASP A 296 -19.91 14.26 15.31
CA ASP A 296 -19.33 14.84 16.51
C ASP A 296 -18.05 14.16 16.96
N LEU A 297 -17.71 13.01 16.37
CA LEU A 297 -16.70 12.14 16.97
C LEU A 297 -15.34 12.80 17.04
N PHE A 298 -14.77 13.16 15.89
CA PHE A 298 -13.39 13.63 15.82
C PHE A 298 -13.31 15.13 15.56
N GLU A 299 -14.25 15.91 16.10
CA GLU A 299 -14.20 17.35 15.93
C GLU A 299 -13.12 18.00 16.78
N SER A 300 -12.65 17.32 17.83
CA SER A 300 -11.63 17.88 18.71
C SER A 300 -10.22 17.61 18.23
N ILE A 301 -10.06 16.83 17.16
CA ILE A 301 -8.74 16.51 16.62
C ILE A 301 -8.61 17.33 15.33
N GLU A 302 -7.98 18.49 15.45
CA GLU A 302 -7.77 19.37 14.30
C GLU A 302 -6.95 18.65 13.24
N LYS A 303 -7.47 18.63 12.01
CA LYS A 303 -6.75 18.02 10.91
C LYS A 303 -5.53 18.87 10.56
N PRO A 304 -4.37 18.25 10.36
CA PRO A 304 -3.18 19.02 10.00
C PRO A 304 -3.37 19.76 8.68
N SER A 305 -2.95 21.02 8.66
CA SER A 305 -3.12 21.87 7.47
C SER A 305 -2.23 21.44 6.31
N SER A 306 -1.35 20.46 6.50
CA SER A 306 -0.44 20.01 5.47
C SER A 306 -0.81 18.63 4.94
N VAL A 307 -2.10 18.31 4.92
CA VAL A 307 -2.58 16.96 4.60
C VAL A 307 -3.87 17.08 3.81
N THR A 308 -4.05 16.20 2.82
CA THR A 308 -5.25 16.21 2.01
C THR A 308 -6.48 15.86 2.84
N VAL A 309 -7.65 16.17 2.28
CA VAL A 309 -8.89 15.87 2.97
C VAL A 309 -9.18 14.37 2.92
N ASP A 310 -8.92 13.74 1.77
CA ASP A 310 -9.15 12.31 1.64
C ASP A 310 -8.34 11.51 2.65
N PHE A 311 -7.08 11.91 2.86
CA PHE A 311 -6.23 11.21 3.82
C PHE A 311 -6.85 11.23 5.21
N TRP A 312 -7.27 12.41 5.67
CA TRP A 312 -7.93 12.53 6.96
C TRP A 312 -9.20 11.71 7.04
N GLU A 313 -9.83 11.41 5.90
CA GLU A 313 -11.06 10.62 5.92
C GLU A 313 -10.77 9.14 6.06
N MET A 314 -9.75 8.63 5.36
CA MET A 314 -9.43 7.21 5.49
C MET A 314 -8.81 6.91 6.85
N THR A 315 -7.93 7.80 7.35
CA THR A 315 -7.33 7.59 8.66
C THR A 315 -8.38 7.50 9.76
N LYS A 316 -9.50 8.20 9.60
CA LYS A 316 -10.59 8.10 10.57
C LYS A 316 -11.12 6.68 10.64
N LEU A 317 -11.49 6.11 9.49
CA LEU A 317 -12.01 4.75 9.48
C LEU A 317 -10.95 3.75 9.92
N GLU A 318 -9.68 3.98 9.54
CA GLU A 318 -8.62 3.06 9.92
C GLU A 318 -8.36 3.08 11.41
N ALA A 319 -8.51 4.25 12.05
CA ALA A 319 -8.38 4.32 13.49
C ALA A 319 -9.52 3.60 14.19
N ILE A 320 -10.76 3.82 13.73
CA ILE A 320 -11.92 3.17 14.32
C ILE A 320 -11.78 1.66 14.23
N MET A 321 -11.17 1.15 13.17
CA MET A 321 -10.97 -0.28 13.02
C MET A 321 -9.74 -0.79 13.75
N LYS A 322 -8.90 0.10 14.27
CA LYS A 322 -7.71 -0.34 15.00
C LYS A 322 -7.96 -0.47 16.50
N TYR A 323 -8.69 0.46 17.10
CA TYR A 323 -8.96 0.42 18.54
C TYR A 323 -10.30 -0.17 18.89
N LYS A 324 -11.12 -0.52 17.91
CA LYS A 324 -12.35 -1.25 18.13
C LYS A 324 -12.40 -2.59 17.42
N GLU A 325 -11.70 -2.73 16.29
CA GLU A 325 -11.53 -4.02 15.60
C GLU A 325 -12.88 -4.64 15.27
N TYR A 326 -13.83 -3.80 14.85
CA TYR A 326 -15.06 -4.33 14.25
C TYR A 326 -14.72 -5.17 13.02
N ILE A 327 -13.76 -4.71 12.22
CA ILE A 327 -13.29 -5.42 11.03
C ILE A 327 -11.79 -5.64 11.20
N PRO A 328 -11.37 -6.81 11.68
CA PRO A 328 -9.95 -7.13 11.69
C PRO A 328 -9.41 -7.20 10.26
N GLU A 329 -8.09 -7.10 10.14
CA GLU A 329 -7.37 -7.08 8.86
C GLU A 329 -7.68 -5.85 8.02
N TYR A 330 -8.40 -4.88 8.58
CA TYR A 330 -8.51 -3.57 7.97
C TYR A 330 -7.18 -2.83 8.11
N THR A 331 -6.63 -2.39 7.00
CA THR A 331 -5.32 -1.75 7.03
C THR A 331 -5.31 -0.50 7.88
N SER A 332 -4.33 -0.42 8.78
CA SER A 332 -3.85 0.84 9.35
C SER A 332 -2.82 1.49 8.45
N GLU A 333 -2.92 1.25 7.13
CA GLU A 333 -1.91 1.72 6.18
C GLU A 333 -1.70 3.23 6.25
N HIS A 334 -2.78 3.99 6.42
CA HIS A 334 -2.70 5.45 6.48
C HIS A 334 -2.59 5.98 7.89
N PHE A 335 -3.06 5.23 8.88
CA PHE A 335 -2.97 5.67 10.27
C PHE A 335 -1.54 5.59 10.78
N ASP A 336 -0.79 4.60 10.31
CA ASP A 336 0.56 4.33 10.82
C ASP A 336 1.57 5.40 10.42
N MET A 337 1.10 6.55 9.91
CA MET A 337 1.99 7.62 9.48
C MET A 337 1.76 8.92 10.26
N LEU A 338 1.22 8.82 11.46
CA LEU A 338 1.05 9.96 12.35
C LEU A 338 1.91 9.76 13.60
N ASP A 339 2.37 10.87 14.18
CA ASP A 339 3.10 10.78 15.44
C ASP A 339 2.20 10.22 16.54
N GLU A 340 2.85 9.68 17.57
CA GLU A 340 2.11 9.22 18.75
C GLU A 340 1.41 10.38 19.45
N GLU A 341 1.86 11.62 19.21
CA GLU A 341 1.11 12.77 19.72
C GLU A 341 -0.30 12.83 19.12
N VAL A 342 -0.45 12.38 17.87
CA VAL A 342 -1.77 12.39 17.24
C VAL A 342 -2.49 11.05 17.42
N GLN A 343 -1.76 9.93 17.35
CA GLN A 343 -2.40 8.63 17.56
C GLN A 343 -2.94 8.49 18.97
N SER A 344 -2.37 9.20 19.94
CA SER A 344 -2.95 9.22 21.28
C SER A 344 -4.30 9.94 21.28
N SER A 345 -4.44 10.97 20.45
CA SER A 345 -5.71 11.69 20.37
C SER A 345 -6.84 10.78 19.90
N PHE A 346 -6.53 9.85 19.00
CA PHE A 346 -7.55 8.91 18.53
C PHE A 346 -7.84 7.83 19.55
N GLU A 347 -6.79 7.23 20.13
CA GLU A 347 -6.99 6.15 21.09
C GLU A 347 -7.78 6.61 22.30
N SER A 348 -7.58 7.87 22.72
CA SER A 348 -8.34 8.39 23.84
C SER A 348 -9.81 8.58 23.49
N VAL A 349 -10.09 9.07 22.28
CA VAL A 349 -11.48 9.29 21.87
C VAL A 349 -12.18 7.97 21.61
N LEU A 350 -11.47 6.99 21.04
CA LEU A 350 -12.05 5.66 20.87
C LEU A 350 -12.16 4.90 22.18
N ALA A 351 -11.59 5.41 23.26
CA ALA A 351 -11.83 4.84 24.57
C ALA A 351 -13.11 5.36 25.19
N SER A 352 -13.43 6.63 24.94
CA SER A 352 -14.59 7.30 25.52
C SER A 352 -15.90 6.95 24.82
N LYS A 353 -15.92 5.90 24.01
CA LYS A 353 -17.14 5.38 23.42
C LYS A 353 -17.19 3.87 23.65
N SER A 354 -18.40 3.34 23.84
CA SER A 354 -18.57 1.95 24.22
C SER A 354 -19.53 1.16 23.33
N ASP A 355 -20.15 1.78 22.33
CA ASP A 355 -21.07 1.09 21.44
C ASP A 355 -20.76 1.45 20.00
N LYS A 356 -21.13 0.56 19.08
CA LYS A 356 -20.92 0.81 17.66
C LYS A 356 -21.75 2.00 17.19
N SER A 357 -22.98 2.13 17.68
CA SER A 357 -23.85 3.23 17.29
C SER A 357 -23.46 4.55 17.94
N GLU A 358 -22.51 4.54 18.89
CA GLU A 358 -21.88 5.77 19.35
C GLU A 358 -20.86 6.29 18.35
N ILE A 359 -20.39 5.44 17.44
CA ILE A 359 -19.34 5.76 16.50
C ILE A 359 -19.89 5.96 15.08
N PHE A 360 -20.76 5.06 14.64
CA PHE A 360 -21.40 5.15 13.34
C PHE A 360 -22.81 5.70 13.48
N SER A 361 -23.17 6.61 12.58
CA SER A 361 -24.51 7.19 12.57
C SER A 361 -25.48 6.21 11.93
N SER A 362 -26.63 6.02 12.55
CA SER A 362 -27.67 5.21 11.95
C SER A 362 -28.45 6.03 10.93
N LEU A 363 -29.11 5.33 10.01
CA LEU A 363 -29.94 6.01 9.03
C LEU A 363 -31.25 6.46 9.65
N GLY A 364 -31.96 5.53 10.29
CA GLY A 364 -33.19 5.89 10.98
C GLY A 364 -34.31 6.24 10.03
N ASP A 365 -35.23 7.07 10.52
CA ASP A 365 -36.39 7.45 9.73
C ASP A 365 -35.97 8.43 8.63
N MET A 366 -35.49 7.92 7.51
CA MET A 366 -35.13 8.80 6.40
C MET A 366 -36.38 9.23 5.64
N GLU A 367 -36.25 10.34 4.92
CA GLU A 367 -37.35 10.82 4.09
C GLU A 367 -36.79 11.43 2.80
N ALA A 368 -37.54 11.25 1.72
CA ALA A 368 -37.18 11.79 0.42
C ALA A 368 -38.46 12.12 -0.33
N SER A 369 -38.31 12.72 -1.51
CA SER A 369 -39.43 13.19 -2.30
C SER A 369 -39.92 12.09 -3.25
N PRO A 370 -41.24 12.05 -3.51
CA PRO A 370 -41.77 11.09 -4.50
C PRO A 370 -41.25 11.33 -5.91
N LEU A 371 -40.57 12.45 -6.16
CA LEU A 371 -40.08 12.74 -7.50
C LEU A 371 -38.63 12.34 -7.71
N GLU A 372 -37.83 12.25 -6.64
CA GLU A 372 -36.38 12.20 -6.76
C GLU A 372 -35.82 10.79 -6.55
N VAL A 373 -34.59 10.60 -7.04
CA VAL A 373 -33.73 9.48 -6.70
C VAL A 373 -32.39 10.08 -6.31
N LYS A 374 -32.04 9.98 -5.03
CA LYS A 374 -30.84 10.63 -4.51
C LYS A 374 -29.60 9.82 -4.87
N ILE A 375 -28.62 10.47 -5.49
CA ILE A 375 -27.42 9.82 -5.99
C ILE A 375 -26.21 10.32 -5.20
N ALA A 376 -25.16 9.51 -5.18
CA ALA A 376 -23.95 9.82 -4.44
C ALA A 376 -22.97 10.61 -5.31
N PHE A 377 -21.96 11.19 -4.65
CA PHE A 377 -21.01 12.08 -5.29
C PHE A 377 -19.60 11.73 -4.87
N ASN A 378 -18.65 12.02 -5.76
CA ASN A 378 -17.23 12.05 -5.43
C ASN A 378 -16.57 13.21 -6.18
N SER A 379 -15.27 13.11 -6.45
CA SER A 379 -14.56 14.21 -7.10
C SER A 379 -14.81 14.27 -8.60
N LYS A 380 -15.18 13.16 -9.23
CA LYS A 380 -15.36 13.09 -10.67
C LYS A 380 -16.84 13.04 -11.07
N GLY A 381 -17.71 13.64 -10.27
CA GLY A 381 -19.12 13.72 -10.61
C GLY A 381 -19.98 12.73 -9.85
N ILE A 382 -21.18 12.51 -10.38
CA ILE A 382 -22.12 11.58 -9.76
C ILE A 382 -21.60 10.16 -9.93
N ILE A 383 -21.98 9.29 -9.00
CA ILE A 383 -21.61 7.87 -9.03
C ILE A 383 -22.71 7.08 -8.34
N ASN A 384 -23.05 5.93 -8.93
CA ASN A 384 -24.13 5.09 -8.41
C ASN A 384 -23.62 4.01 -7.46
N GLN A 385 -22.65 4.34 -6.60
CA GLN A 385 -22.29 3.45 -5.49
C GLN A 385 -23.22 3.65 -4.29
N GLY A 386 -24.19 4.55 -4.42
CA GLY A 386 -25.18 4.78 -3.38
C GLY A 386 -26.39 5.51 -3.95
N LEU A 387 -27.56 4.88 -3.84
CA LEU A 387 -28.80 5.46 -4.35
C LEU A 387 -29.87 5.36 -3.28
N ILE A 388 -30.75 6.37 -3.26
CA ILE A 388 -31.91 6.39 -2.38
C ILE A 388 -33.14 6.77 -3.20
N SER A 389 -34.25 6.08 -2.96
CA SER A 389 -35.49 6.39 -3.66
C SER A 389 -36.66 5.75 -2.93
N VAL A 390 -37.80 6.45 -2.95
CA VAL A 390 -39.05 5.84 -2.50
C VAL A 390 -39.60 4.96 -3.61
N LYS A 391 -40.46 4.03 -3.22
CA LYS A 391 -41.05 3.08 -4.16
C LYS A 391 -41.76 3.82 -5.29
N ASP A 392 -41.43 3.44 -6.52
CA ASP A 392 -42.06 3.99 -7.72
C ASP A 392 -41.95 5.51 -7.77
N SER A 393 -40.81 6.04 -7.33
CA SER A 393 -40.55 7.47 -7.47
C SER A 393 -40.48 7.83 -8.96
N TYR A 394 -40.77 9.09 -9.26
CA TYR A 394 -40.80 9.51 -10.65
C TYR A 394 -39.43 9.43 -11.30
N CYS A 395 -38.36 9.69 -10.56
CA CYS A 395 -37.02 9.63 -11.15
C CYS A 395 -36.62 8.20 -11.47
N SER A 396 -36.95 7.26 -10.58
CA SER A 396 -36.58 5.87 -10.79
C SER A 396 -37.19 5.32 -12.07
N ASN A 397 -38.44 5.73 -12.38
CA ASN A 397 -39.04 5.33 -13.65
C ASN A 397 -38.29 5.93 -14.82
N LEU A 398 -37.79 7.16 -14.68
CA LEU A 398 -37.09 7.81 -15.77
C LEU A 398 -35.72 7.18 -16.02
N ILE A 399 -35.03 6.78 -14.95
CA ILE A 399 -33.73 6.15 -15.12
C ILE A 399 -33.89 4.81 -15.82
N VAL A 400 -34.93 4.05 -15.49
CA VAL A 400 -35.14 2.75 -16.11
C VAL A 400 -35.50 2.91 -17.58
N LYS A 401 -36.41 3.85 -17.89
CA LYS A 401 -36.69 4.12 -19.31
C LYS A 401 -35.46 4.63 -20.03
N GLN A 402 -34.57 5.34 -19.33
CA GLN A 402 -33.35 5.84 -19.97
C GLN A 402 -32.40 4.69 -20.31
N ILE A 403 -32.18 3.78 -19.36
CA ILE A 403 -31.31 2.64 -19.61
C ILE A 403 -31.92 1.73 -20.68
N GLU A 404 -33.23 1.48 -20.57
CA GLU A 404 -33.93 0.69 -21.58
C GLU A 404 -33.79 1.33 -22.96
N ASN A 405 -33.98 2.64 -23.05
CA ASN A 405 -33.87 3.33 -24.32
C ASN A 405 -32.45 3.26 -24.87
N ARG A 406 -31.44 3.35 -23.99
CA ARG A 406 -30.06 3.36 -24.47
C ARG A 406 -29.64 1.99 -24.97
N TYR A 407 -30.10 0.92 -24.32
CA TYR A 407 -29.80 -0.42 -24.82
C TYR A 407 -30.55 -0.70 -26.12
N LYS A 408 -31.79 -0.23 -26.22
CA LYS A 408 -32.53 -0.37 -27.48
C LYS A 408 -31.75 0.21 -28.64
N ILE A 409 -31.02 1.30 -28.39
CA ILE A 409 -30.17 1.89 -29.42
C ILE A 409 -28.97 0.99 -29.69
N LEU A 410 -28.34 0.48 -28.62
CA LEU A 410 -27.16 -0.36 -28.77
C LEU A 410 -27.42 -1.57 -29.65
N ASN A 411 -28.60 -2.19 -29.50
CA ASN A 411 -28.85 -3.47 -30.14
C ASN A 411 -29.43 -3.35 -31.54
N ASN A 412 -30.08 -2.23 -31.87
CA ASN A 412 -30.53 -2.01 -33.24
C ASN A 412 -29.37 -2.05 -34.22
N SER A 413 -28.17 -1.70 -33.76
CA SER A 413 -26.98 -1.66 -34.60
C SER A 413 -26.00 -2.80 -34.35
N LEU A 414 -25.97 -3.34 -33.13
CA LEU A 414 -24.99 -4.38 -32.81
C LEU A 414 -25.49 -5.76 -33.23
N ASN A 415 -26.75 -6.07 -32.95
CA ASN A 415 -27.27 -7.40 -33.27
C ASN A 415 -27.20 -7.74 -34.75
N PRO A 416 -27.36 -6.81 -35.71
CA PRO A 416 -27.09 -7.16 -37.11
C PRO A 416 -25.70 -7.74 -37.33
N ALA A 417 -24.67 -7.18 -36.67
CA ALA A 417 -23.30 -7.65 -36.87
C ALA A 417 -23.02 -8.95 -36.13
N ILE A 418 -23.71 -9.21 -35.01
CA ILE A 418 -23.55 -10.48 -34.32
C ILE A 418 -24.11 -11.62 -35.16
N SER A 419 -25.16 -11.35 -35.93
CA SER A 419 -25.82 -12.38 -36.73
C SER A 419 -25.01 -12.77 -37.97
N GLU A 420 -24.02 -11.99 -38.35
CA GLU A 420 -23.23 -12.30 -39.53
C GLU A 420 -22.06 -13.22 -39.22
N ASP A 421 -21.73 -13.42 -37.94
CA ASP A 421 -20.83 -14.48 -37.49
C ASP A 421 -19.46 -14.40 -38.16
N ASN A 422 -18.96 -13.18 -38.33
CA ASN A 422 -17.62 -12.99 -38.84
C ASN A 422 -16.63 -13.00 -37.67
N ASP A 423 -15.36 -12.67 -37.93
CA ASP A 423 -14.39 -12.60 -36.85
C ASP A 423 -14.61 -11.33 -36.03
N PHE A 424 -13.60 -10.90 -35.28
CA PHE A 424 -13.81 -9.75 -34.40
C PHE A 424 -13.81 -8.44 -35.17
N ASN A 425 -12.96 -8.30 -36.17
CA ASN A 425 -12.80 -6.99 -36.82
C ASN A 425 -13.88 -6.74 -37.86
N THR A 426 -14.29 -7.76 -38.62
CA THR A 426 -15.39 -7.59 -39.55
C THR A 426 -16.69 -7.29 -38.81
N THR A 427 -16.82 -7.82 -37.59
CA THR A 427 -18.01 -7.55 -36.78
C THR A 427 -17.97 -6.13 -36.21
N THR A 428 -16.79 -5.63 -35.85
CA THR A 428 -16.69 -4.26 -35.37
C THR A 428 -16.96 -3.25 -36.50
N ASN A 429 -16.42 -3.51 -37.70
CA ASN A 429 -16.65 -2.62 -38.83
C ASN A 429 -18.13 -2.55 -39.20
N THR A 430 -18.83 -3.70 -39.16
CA THR A 430 -20.26 -3.70 -39.43
C THR A 430 -21.03 -2.99 -38.32
N PHE A 431 -20.55 -3.07 -37.08
CA PHE A 431 -21.23 -2.43 -35.96
C PHE A 431 -20.96 -0.94 -35.88
N ILE A 432 -19.78 -0.49 -36.31
CA ILE A 432 -19.47 0.93 -36.26
C ILE A 432 -20.22 1.70 -37.33
N ASP A 433 -20.36 1.12 -38.53
CA ASP A 433 -21.16 1.76 -39.57
C ASP A 433 -22.63 1.85 -39.17
N SER A 434 -23.13 0.84 -38.47
CA SER A 434 -24.56 0.81 -38.13
C SER A 434 -24.91 1.88 -37.11
N ILE A 435 -24.02 2.16 -36.15
CA ILE A 435 -24.25 3.28 -35.26
C ILE A 435 -23.96 4.60 -35.96
N MET A 436 -23.01 4.61 -36.90
CA MET A 436 -22.75 5.81 -37.68
C MET A 436 -23.87 6.09 -38.68
N ALA A 437 -24.61 5.06 -39.09
CA ALA A 437 -25.75 5.24 -39.98
C ALA A 437 -26.91 5.88 -39.22
N GLU A 438 -27.53 5.11 -38.32
CA GLU A 438 -28.65 5.61 -37.54
C GLU A 438 -28.16 6.58 -36.46
N ALA A 439 -27.17 7.40 -36.80
CA ALA A 439 -26.62 8.38 -35.89
C ALA A 439 -27.46 9.66 -35.91
N ASN A 440 -27.24 10.50 -34.90
CA ASN A 440 -27.99 11.73 -34.72
C ASN A 440 -27.05 12.81 -34.24
N ALA A 441 -27.45 14.07 -34.47
CA ALA A 441 -26.72 15.21 -33.94
C ALA A 441 -26.93 15.39 -32.44
N ASP A 442 -28.00 14.79 -31.89
CA ASP A 442 -28.24 14.88 -30.45
C ASP A 442 -27.36 13.92 -29.67
N ASN A 443 -27.22 12.67 -30.14
CA ASN A 443 -26.46 11.65 -29.43
C ASN A 443 -25.02 11.56 -29.92
N GLY A 444 -24.43 12.68 -30.37
CA GLY A 444 -23.06 12.63 -30.85
C GLY A 444 -22.08 12.18 -29.79
N ARG A 445 -22.18 12.78 -28.60
CA ARG A 445 -21.34 12.35 -27.49
C ARG A 445 -21.62 10.90 -27.08
N PHE A 446 -22.81 10.40 -27.38
CA PHE A 446 -23.18 9.05 -26.95
C PHE A 446 -22.64 7.98 -27.89
N MET A 447 -22.91 8.14 -29.19
CA MET A 447 -22.54 7.08 -30.15
C MET A 447 -21.04 6.88 -30.24
N MET A 448 -20.24 7.85 -29.83
CA MET A 448 -18.79 7.66 -29.80
C MET A 448 -18.40 6.61 -28.77
N GLU A 449 -18.88 6.76 -27.54
CA GLU A 449 -18.58 5.78 -26.50
C GLU A 449 -19.19 4.42 -26.80
N LEU A 450 -20.16 4.34 -27.71
CA LEU A 450 -20.79 3.06 -28.01
C LEU A 450 -19.90 2.15 -28.81
N GLY A 451 -19.04 2.70 -29.68
CA GLY A 451 -18.19 1.86 -30.51
C GLY A 451 -17.26 0.98 -29.71
N LYS A 452 -16.91 1.40 -28.49
CA LYS A 452 -16.02 0.66 -27.63
C LYS A 452 -16.70 -0.48 -26.89
N TYR A 453 -17.93 -0.85 -27.29
CA TYR A 453 -18.74 -1.70 -26.44
C TYR A 453 -18.23 -3.14 -26.39
N LEU A 454 -17.72 -3.67 -27.51
CA LEU A 454 -17.26 -5.05 -27.52
C LEU A 454 -16.05 -5.25 -26.62
N ARG A 455 -15.23 -4.20 -26.46
CA ARG A 455 -14.00 -4.25 -25.67
C ARG A 455 -14.26 -4.01 -24.18
N VAL A 456 -15.51 -3.95 -23.75
CA VAL A 456 -15.82 -3.68 -22.36
C VAL A 456 -15.43 -4.89 -21.52
N GLY A 457 -14.53 -4.68 -20.57
CA GLY A 457 -14.04 -5.73 -19.70
C GLY A 457 -12.70 -6.32 -20.10
N PHE A 458 -12.15 -5.91 -21.25
CA PHE A 458 -10.92 -6.53 -21.76
C PHE A 458 -9.89 -5.53 -22.28
N PHE A 459 -10.08 -4.23 -22.10
CA PHE A 459 -9.17 -3.25 -22.68
C PHE A 459 -9.12 -2.02 -21.79
N PRO A 460 -8.08 -1.21 -21.94
CA PRO A 460 -8.10 0.12 -21.31
C PRO A 460 -8.83 1.15 -22.16
N ASP A 461 -9.17 2.26 -21.51
CA ASP A 461 -9.74 3.43 -22.20
C ASP A 461 -11.08 3.10 -22.86
N VAL A 462 -11.94 2.43 -22.12
CA VAL A 462 -13.27 2.05 -22.59
C VAL A 462 -14.29 2.58 -21.59
N LYS A 463 -15.01 3.64 -21.97
CA LYS A 463 -15.99 4.29 -21.11
C LYS A 463 -17.42 3.99 -21.53
N THR A 464 -17.65 2.85 -22.20
CA THR A 464 -18.99 2.54 -22.68
C THR A 464 -19.93 2.21 -21.54
N THR A 465 -19.47 1.45 -20.55
CA THR A 465 -20.33 1.03 -19.45
C THR A 465 -20.93 2.23 -18.72
N ILE A 466 -20.22 3.35 -18.70
CA ILE A 466 -20.73 4.54 -18.01
C ILE A 466 -21.85 5.17 -18.82
N ASN A 467 -21.71 5.22 -20.15
CA ASN A 467 -22.70 5.87 -21.00
C ASN A 467 -23.95 5.05 -21.22
N LEU A 468 -23.97 3.77 -20.83
CA LEU A 468 -25.11 2.88 -21.08
C LEU A 468 -26.03 2.78 -19.87
N SER A 469 -25.51 2.31 -18.73
CA SER A 469 -26.32 2.14 -17.53
C SER A 469 -25.61 2.69 -16.30
N GLY A 470 -24.75 3.69 -16.47
CA GLY A 470 -24.05 4.29 -15.36
C GLY A 470 -24.45 5.73 -15.14
N PRO A 471 -23.52 6.55 -14.63
CA PRO A 471 -23.84 7.95 -14.33
C PRO A 471 -24.48 8.72 -15.46
N GLU A 472 -24.04 8.51 -16.71
CA GLU A 472 -24.61 9.22 -17.85
C GLU A 472 -26.11 9.00 -17.96
N ALA A 473 -26.59 7.79 -17.65
CA ALA A 473 -28.02 7.51 -17.73
C ALA A 473 -28.78 8.21 -16.61
N TYR A 474 -28.18 8.28 -15.42
CA TYR A 474 -28.85 8.94 -14.29
C TYR A 474 -28.98 10.44 -14.56
N ALA A 475 -27.89 11.07 -15.02
CA ALA A 475 -27.96 12.50 -15.33
C ALA A 475 -28.92 12.77 -16.47
N ALA A 476 -28.96 11.88 -17.47
CA ALA A 476 -29.94 12.02 -18.54
C ALA A 476 -31.36 11.94 -18.02
N ALA A 477 -31.58 11.12 -16.98
CA ALA A 477 -32.90 11.07 -16.36
C ALA A 477 -33.19 12.33 -15.56
N TYR A 478 -32.17 12.87 -14.87
CA TYR A 478 -32.39 14.11 -14.12
C TYR A 478 -32.73 15.27 -15.05
N GLN A 479 -32.14 15.29 -16.25
CA GLN A 479 -32.47 16.32 -17.22
C GLN A 479 -33.91 16.17 -17.70
N ASP A 480 -34.33 14.94 -18.04
CA ASP A 480 -35.71 14.70 -18.41
C ASP A 480 -36.68 15.19 -17.34
N LEU A 481 -36.28 15.07 -16.07
CA LEU A 481 -37.11 15.59 -15.00
C LEU A 481 -37.18 17.11 -15.04
N LEU A 482 -36.01 17.76 -15.15
CA LEU A 482 -35.96 19.22 -15.04
C LEU A 482 -36.30 19.93 -16.33
N MET A 483 -36.17 19.26 -17.48
CA MET A 483 -36.53 19.86 -18.76
C MET A 483 -37.96 19.56 -19.18
N PHE A 484 -38.72 18.82 -18.37
CA PHE A 484 -40.10 18.46 -18.66
C PHE A 484 -40.21 17.68 -19.98
N LYS A 485 -39.31 16.72 -20.16
CA LYS A 485 -39.29 15.91 -21.37
C LYS A 485 -38.89 14.50 -21.00
N GLU A 486 -38.80 13.63 -22.01
CA GLU A 486 -38.29 12.29 -21.85
C GLU A 486 -37.37 11.95 -23.01
N GLY A 487 -36.24 11.31 -22.71
CA GLY A 487 -35.32 10.86 -23.73
C GLY A 487 -34.28 11.88 -24.15
N SER A 488 -33.56 12.43 -23.17
CA SER A 488 -32.44 13.31 -23.45
C SER A 488 -31.19 12.47 -23.66
N MET A 489 -30.44 12.77 -24.71
CA MET A 489 -29.25 12.00 -25.04
C MET A 489 -27.96 12.77 -24.80
N ASN A 490 -28.01 14.10 -24.84
CA ASN A 490 -26.84 14.95 -24.65
C ASN A 490 -27.02 15.75 -23.37
N ILE A 491 -26.18 15.46 -22.38
CA ILE A 491 -26.26 16.16 -21.11
C ILE A 491 -25.81 17.61 -21.29
N HIS A 492 -26.64 18.55 -20.86
CA HIS A 492 -26.26 19.95 -20.80
C HIS A 492 -26.68 20.58 -19.47
N LEU A 493 -26.67 19.79 -18.41
CA LEU A 493 -26.85 20.30 -17.05
C LEU A 493 -25.50 20.53 -16.40
N ILE A 494 -25.36 21.64 -15.70
CA ILE A 494 -24.11 21.98 -15.03
C ILE A 494 -24.00 21.21 -13.72
N GLU A 495 -22.76 21.08 -13.21
CA GLU A 495 -22.54 20.32 -11.99
C GLU A 495 -23.33 20.92 -10.83
N ALA A 496 -23.42 22.24 -10.76
CA ALA A 496 -24.20 22.87 -9.69
C ALA A 496 -25.68 22.48 -9.76
N ASP A 497 -26.15 22.08 -10.94
CA ASP A 497 -27.54 21.61 -11.06
C ASP A 497 -27.69 20.23 -10.44
N LEU A 498 -26.78 19.30 -10.77
CA LEU A 498 -26.95 17.91 -10.37
C LEU A 498 -26.79 17.69 -8.88
N ARG A 499 -26.11 18.59 -8.16
CA ARG A 499 -25.95 18.40 -6.73
C ARG A 499 -27.26 18.52 -5.97
N ASN A 500 -28.36 18.87 -6.65
CA ASN A 500 -29.66 18.88 -5.99
C ASN A 500 -30.04 17.49 -5.48
N PHE A 501 -29.59 16.45 -6.17
CA PHE A 501 -29.90 15.06 -5.81
C PHE A 501 -28.72 14.37 -5.14
N GLU A 502 -27.95 15.12 -4.35
CA GLU A 502 -26.77 14.59 -3.70
C GLU A 502 -27.15 13.88 -2.40
N ILE A 503 -26.42 12.80 -2.09
CA ILE A 503 -26.59 12.09 -0.83
C ILE A 503 -25.63 12.69 0.18
N SER A 504 -26.12 12.96 1.39
CA SER A 504 -25.32 13.60 2.42
C SER A 504 -24.11 12.74 2.77
N LYS A 505 -22.99 13.41 3.07
CA LYS A 505 -21.76 12.68 3.39
C LYS A 505 -21.84 11.99 4.75
N THR A 506 -22.81 12.34 5.59
CA THR A 506 -22.95 11.72 6.90
C THR A 506 -23.79 10.45 6.87
N ASN A 507 -24.34 10.06 5.71
CA ASN A 507 -25.11 8.83 5.58
C ASN A 507 -24.29 7.67 5.05
N ILE A 508 -23.26 7.98 4.29
CA ILE A 508 -22.32 7.01 3.73
C ILE A 508 -20.87 7.40 4.07
N SER A 509 -20.00 6.38 4.10
CA SER A 509 -18.56 6.52 4.26
C SER A 509 -17.92 5.90 3.02
N GLN A 510 -17.46 6.74 2.10
CA GLN A 510 -16.95 6.29 0.82
C GLN A 510 -15.48 5.93 0.87
N SER A 511 -14.68 6.61 1.68
CA SER A 511 -13.24 6.38 1.67
C SER A 511 -12.88 5.10 2.40
N THR A 512 -13.60 4.01 2.10
CA THR A 512 -13.28 2.72 2.69
C THR A 512 -12.00 2.17 2.05
N GLU A 513 -11.41 1.17 2.73
CA GLU A 513 -10.27 0.47 2.16
C GLU A 513 -10.58 -0.11 0.79
N GLN A 514 -11.81 -0.58 0.59
CA GLN A 514 -12.15 -1.33 -0.61
C GLN A 514 -12.29 -0.43 -1.83
N GLU A 515 -13.35 0.38 -1.90
CA GLU A 515 -13.52 1.21 -3.10
C GLU A 515 -12.39 2.22 -3.27
N MET A 516 -11.54 2.40 -2.26
CA MET A 516 -10.27 3.09 -2.47
C MET A 516 -9.25 2.20 -3.17
N ALA A 517 -9.38 0.88 -3.04
CA ALA A 517 -8.47 -0.08 -3.67
C ALA A 517 -8.93 -0.50 -5.06
N SER A 518 -10.03 0.07 -5.56
CA SER A 518 -10.47 -0.21 -6.92
C SER A 518 -10.32 1.03 -7.80
N LEU A 519 -9.13 1.65 -7.76
CA LEU A 519 -8.81 2.78 -8.61
C LEU A 519 -7.62 2.50 -9.52
N TRP A 520 -7.32 1.22 -9.78
CA TRP A 520 -6.21 0.88 -10.66
C TRP A 520 -6.42 1.46 -12.04
N SER A 521 -5.51 2.33 -12.47
CA SER A 521 -5.71 3.12 -13.68
C SER A 521 -5.79 2.24 -14.92
N PHE A 522 -4.82 1.33 -15.08
CA PHE A 522 -4.76 0.41 -16.22
C PHE A 522 -4.76 1.18 -17.54
N ASP A 523 -3.63 1.85 -17.78
CA ASP A 523 -3.44 2.64 -19.00
C ASP A 523 -1.96 2.84 -19.29
N ASP A 524 -1.58 4.09 -19.59
CA ASP A 524 -0.18 4.39 -19.88
C ASP A 524 0.70 4.22 -18.64
N ALA A 525 0.13 4.45 -17.45
CA ALA A 525 0.87 4.25 -16.20
C ALA A 525 1.08 2.77 -15.87
N ARG A 526 0.83 1.89 -16.82
CA ARG A 526 1.15 0.47 -16.70
C ARG A 526 2.37 0.08 -17.51
N ALA A 527 2.48 0.57 -18.75
CA ALA A 527 3.70 0.48 -19.55
C ALA A 527 4.25 -0.95 -19.62
N LYS A 528 3.77 -1.73 -20.59
CA LYS A 528 4.34 -3.04 -20.91
C LYS A 528 4.15 -4.07 -19.80
N ALA A 529 4.00 -3.61 -18.56
CA ALA A 529 3.94 -4.50 -17.41
C ALA A 529 2.72 -5.42 -17.46
N GLN A 530 2.60 -6.29 -16.46
CA GLN A 530 1.61 -7.35 -16.36
C GLN A 530 1.89 -8.47 -17.35
N PHE A 531 2.35 -8.15 -18.56
CA PHE A 531 2.78 -9.20 -19.48
C PHE A 531 3.91 -10.03 -18.88
N GLU A 532 4.80 -9.38 -18.12
CA GLU A 532 5.89 -10.08 -17.46
C GLU A 532 5.35 -11.11 -16.45
N GLU A 533 4.18 -10.86 -15.88
CA GLU A 533 3.54 -11.85 -15.03
C GLU A 533 3.30 -13.16 -15.78
N TYR A 534 2.95 -13.06 -17.06
CA TYR A 534 2.54 -14.22 -17.85
C TYR A 534 3.78 -15.03 -18.19
N LYS A 535 3.99 -16.12 -17.45
CA LYS A 535 5.20 -16.92 -17.54
C LYS A 535 4.86 -18.40 -17.73
N MET B 1 51.04 6.90 21.16
CA MET B 1 50.14 7.17 22.28
C MET B 1 48.93 6.24 22.28
N SER B 2 47.85 6.69 22.94
CA SER B 2 46.56 6.00 23.06
C SER B 2 46.60 4.91 24.13
N LEU B 3 47.26 3.79 23.85
CA LEU B 3 47.37 2.71 24.81
C LEU B 3 48.64 2.87 25.64
N VAL B 4 48.54 2.47 26.92
CA VAL B 4 49.67 2.61 27.83
C VAL B 4 50.86 1.78 27.32
N ASN B 5 52.06 2.19 27.73
CA ASN B 5 53.27 1.45 27.41
C ASN B 5 53.71 0.61 28.61
N ARG B 6 54.83 -0.10 28.46
CA ARG B 6 55.22 -1.10 29.44
C ARG B 6 55.56 -0.46 30.79
N LYS B 7 56.40 0.57 30.77
CA LYS B 7 56.80 1.23 32.02
C LYS B 7 55.60 1.87 32.70
N GLN B 8 54.57 2.24 31.93
CA GLN B 8 53.34 2.77 32.51
C GLN B 8 52.56 1.68 33.23
N LEU B 9 52.36 0.54 32.55
CA LEU B 9 51.62 -0.58 33.14
C LEU B 9 52.26 -1.05 34.44
N GLU B 10 53.59 -0.95 34.55
CA GLU B 10 54.26 -1.30 35.80
C GLU B 10 53.77 -0.44 36.95
N LYS B 11 53.46 0.83 36.68
CA LYS B 11 53.02 1.74 37.74
C LYS B 11 51.58 1.45 38.16
N MET B 12 50.73 1.09 37.19
CA MET B 12 49.34 0.79 37.51
C MET B 12 49.24 -0.48 38.35
N ALA B 13 49.74 -1.60 37.83
CA ALA B 13 49.60 -2.89 38.47
C ALA B 13 50.69 -3.17 39.51
N ASN B 14 51.38 -2.13 39.98
CA ASN B 14 52.37 -2.34 41.02
C ASN B 14 51.70 -2.65 42.36
N VAL B 15 52.36 -3.49 43.14
CA VAL B 15 51.99 -3.75 44.53
C VAL B 15 53.27 -3.77 45.34
N ARG B 16 53.36 -2.91 46.36
CA ARG B 16 54.58 -2.80 47.13
C ARG B 16 54.83 -4.10 47.90
N PHE B 17 56.09 -4.55 47.86
CA PHE B 17 56.52 -5.82 48.47
C PHE B 17 55.82 -7.00 47.79
N ARG B 18 56.09 -7.14 46.48
CA ARG B 18 55.53 -8.20 45.66
C ARG B 18 56.30 -8.23 44.34
N THR B 19 57.27 -9.15 44.24
CA THR B 19 58.13 -9.20 43.06
C THR B 19 57.32 -9.55 41.81
N GLN B 20 57.96 -9.41 40.65
CA GLN B 20 57.30 -9.61 39.38
C GLN B 20 57.24 -11.10 39.04
N GLU B 21 56.03 -11.63 38.96
CA GLU B 21 55.82 -13.05 38.69
C GLU B 21 56.23 -13.39 37.26
N ASP B 22 56.51 -14.68 37.03
CA ASP B 22 56.99 -15.12 35.72
C ASP B 22 55.97 -14.83 34.62
N GLU B 23 54.67 -15.01 34.92
CA GLU B 23 53.64 -14.72 33.92
C GLU B 23 53.24 -13.25 33.84
N TYR B 24 53.43 -12.49 34.90
CA TYR B 24 53.19 -11.05 34.84
C TYR B 24 54.20 -10.37 33.92
N VAL B 25 55.47 -10.79 34.00
CA VAL B 25 56.48 -10.25 33.09
C VAL B 25 56.13 -10.57 31.64
N ALA B 26 55.43 -11.68 31.40
CA ALA B 26 55.05 -12.02 30.04
C ALA B 26 54.12 -10.97 29.44
N ILE B 27 53.24 -10.40 30.27
CA ILE B 27 52.32 -9.36 29.78
C ILE B 27 53.09 -8.10 29.43
N LEU B 28 53.99 -7.67 30.33
CA LEU B 28 54.79 -6.48 30.06
C LEU B 28 55.68 -6.68 28.84
N ASP B 29 56.26 -7.86 28.69
CA ASP B 29 57.11 -8.13 27.54
C ASP B 29 56.33 -8.04 26.24
N ALA B 30 55.09 -8.55 26.23
CA ALA B 30 54.26 -8.46 25.03
C ALA B 30 53.83 -7.03 24.75
N LEU B 31 53.63 -6.22 25.79
CA LEU B 31 53.26 -4.83 25.59
C LEU B 31 54.40 -4.03 24.97
N GLU B 32 55.62 -4.25 25.45
CA GLU B 32 56.80 -3.64 24.85
C GLU B 32 56.91 -3.98 23.37
N GLU B 33 56.66 -5.25 23.04
CA GLU B 33 56.72 -5.70 21.65
C GLU B 33 55.66 -5.02 20.80
N TYR B 34 54.47 -4.81 21.37
CA TYR B 34 53.40 -4.15 20.64
C TYR B 34 53.78 -2.74 20.21
N HIS B 35 54.50 -2.02 21.06
CA HIS B 35 54.79 -0.62 20.78
C HIS B 35 55.93 -0.45 19.78
N ASN B 36 56.75 -1.47 19.56
CA ASN B 36 57.78 -1.43 18.52
C ASN B 36 57.26 -2.01 17.21
N MET B 37 56.02 -1.68 16.83
CA MET B 37 55.33 -2.26 15.68
C MET B 37 54.77 -1.17 14.77
N SER B 38 55.55 -0.10 14.54
CA SER B 38 55.09 0.96 13.65
C SER B 38 55.07 0.53 12.19
N GLU B 39 55.87 -0.48 11.83
CA GLU B 39 56.00 -0.92 10.45
C GLU B 39 54.98 -2.00 10.08
N ASN B 40 54.35 -2.63 11.06
CA ASN B 40 53.48 -3.78 10.81
C ASN B 40 52.06 -3.34 10.44
N THR B 41 51.31 -4.28 9.85
CA THR B 41 49.98 -3.98 9.35
C THR B 41 48.98 -3.85 10.48
N VAL B 42 47.77 -3.41 10.13
CA VAL B 42 46.70 -3.28 11.12
C VAL B 42 46.30 -4.66 11.64
N VAL B 43 46.27 -5.65 10.75
CA VAL B 43 45.89 -7.01 11.17
C VAL B 43 46.91 -7.56 12.16
N GLU B 44 48.20 -7.38 11.86
CA GLU B 44 49.24 -7.83 12.78
C GLU B 44 49.11 -7.15 14.13
N LYS B 45 48.84 -5.84 14.15
CA LYS B 45 48.70 -5.13 15.40
C LYS B 45 47.52 -5.66 16.22
N TYR B 46 46.46 -6.10 15.56
CA TYR B 46 45.30 -6.58 16.30
C TYR B 46 45.60 -7.89 16.99
N LEU B 47 46.29 -8.80 16.31
CA LEU B 47 46.56 -10.11 16.91
C LEU B 47 47.54 -10.00 18.06
N LYS B 48 48.50 -9.07 17.99
CA LYS B 48 49.36 -8.82 19.14
C LYS B 48 48.55 -8.37 20.34
N LEU B 49 47.49 -7.58 20.10
CA LEU B 49 46.57 -7.24 21.17
C LEU B 49 45.77 -8.46 21.61
N LYS B 50 45.40 -9.33 20.65
CA LYS B 50 44.66 -10.53 21.01
C LYS B 50 45.47 -11.42 21.97
N ASP B 51 46.79 -11.44 21.81
CA ASP B 51 47.63 -12.29 22.64
C ASP B 51 48.09 -11.61 23.92
N ILE B 52 48.17 -10.27 23.94
CA ILE B 52 48.35 -9.57 25.21
C ILE B 52 47.15 -9.81 26.11
N ASN B 53 45.95 -9.81 25.53
CA ASN B 53 44.75 -10.13 26.31
C ASN B 53 44.79 -11.57 26.80
N SER B 54 45.28 -12.49 25.97
CA SER B 54 45.38 -13.88 26.38
C SER B 54 46.34 -14.05 27.54
N LEU B 55 47.49 -13.36 27.49
CA LEU B 55 48.46 -13.46 28.57
C LEU B 55 47.92 -12.91 29.89
N THR B 56 47.00 -11.94 29.82
CA THR B 56 46.45 -11.33 31.02
C THR B 56 45.44 -12.25 31.69
N ASP B 57 44.52 -12.82 30.91
CA ASP B 57 43.57 -13.79 31.46
C ASP B 57 44.30 -14.95 32.13
N ILE B 58 45.52 -15.23 31.70
CA ILE B 58 46.32 -16.31 32.30
C ILE B 58 46.79 -15.90 33.69
N TYR B 59 47.27 -14.66 33.84
CA TYR B 59 47.69 -14.17 35.15
C TYR B 59 46.54 -14.18 36.14
N ILE B 60 45.32 -13.91 35.67
CA ILE B 60 44.19 -13.78 36.57
C ILE B 60 43.65 -15.15 36.98
N ASP B 61 43.83 -16.17 36.14
CA ASP B 61 43.43 -17.52 36.51
C ASP B 61 44.47 -18.24 37.38
N THR B 62 45.74 -17.84 37.28
CA THR B 62 46.77 -18.46 38.12
C THR B 62 46.70 -17.92 39.55
N TYR B 63 46.94 -16.62 39.72
CA TYR B 63 46.85 -15.97 41.03
C TYR B 63 45.46 -15.36 41.15
N LYS B 64 44.49 -16.18 41.55
CA LYS B 64 43.13 -15.68 41.70
C LYS B 64 43.02 -14.61 42.77
N LYS B 65 43.90 -14.63 43.77
CA LYS B 65 43.79 -13.73 44.90
C LYS B 65 44.83 -12.61 44.88
N SER B 66 45.52 -12.43 43.76
CA SER B 66 46.58 -11.43 43.71
C SER B 66 46.01 -10.02 43.79
N GLY B 67 46.87 -9.10 44.24
CA GLY B 67 46.44 -7.71 44.38
C GLY B 67 46.33 -6.99 43.05
N ARG B 68 47.12 -7.40 42.05
CA ARG B 68 47.10 -6.74 40.76
C ARG B 68 45.81 -6.98 39.99
N ASN B 69 45.01 -7.96 40.42
CA ASN B 69 43.84 -8.38 39.64
C ASN B 69 42.91 -7.21 39.34
N LYS B 70 42.58 -6.43 40.38
CA LYS B 70 41.72 -5.25 40.18
C LYS B 70 42.29 -4.32 39.13
N ALA B 71 43.61 -4.11 39.16
CA ALA B 71 44.25 -3.20 38.21
C ALA B 71 44.27 -3.79 36.81
N LEU B 72 44.60 -5.08 36.69
CA LEU B 72 44.71 -5.72 35.38
C LEU B 72 43.35 -5.91 34.71
N LYS B 73 42.28 -5.98 35.48
CA LYS B 73 40.94 -5.99 34.88
C LYS B 73 40.70 -4.69 34.11
N LYS B 74 41.11 -3.56 34.67
CA LYS B 74 41.02 -2.28 33.96
C LYS B 74 41.89 -2.29 32.72
N PHE B 75 43.05 -2.95 32.78
CA PHE B 75 43.94 -3.02 31.63
C PHE B 75 43.26 -3.69 30.44
N LYS B 76 42.48 -4.75 30.71
CA LYS B 76 41.72 -5.40 29.65
C LYS B 76 40.75 -4.43 28.98
N GLU B 77 40.27 -3.42 29.70
CA GLU B 77 39.40 -2.42 29.10
C GLU B 77 40.14 -1.56 28.11
N TYR B 78 41.37 -1.14 28.44
CA TYR B 78 42.16 -0.31 27.53
C TYR B 78 42.49 -1.05 26.24
N LEU B 79 42.43 -2.38 26.25
CA LEU B 79 42.70 -3.15 25.04
C LEU B 79 41.53 -3.09 24.07
N VAL B 80 40.31 -3.32 24.56
CA VAL B 80 39.13 -3.22 23.71
C VAL B 80 39.01 -1.79 23.17
N THR B 81 39.32 -0.80 24.00
CA THR B 81 39.34 0.58 23.54
C THR B 81 40.36 0.78 22.42
N GLU B 82 41.54 0.18 22.57
CA GLU B 82 42.59 0.35 21.57
C GLU B 82 42.21 -0.32 20.24
N VAL B 83 41.42 -1.38 20.27
CA VAL B 83 40.97 -2.02 19.03
C VAL B 83 40.10 -1.05 18.24
N LEU B 84 39.23 -0.31 18.94
CA LEU B 84 38.40 0.68 18.27
C LEU B 84 39.22 1.85 17.75
N GLU B 85 40.29 2.23 18.45
CA GLU B 85 41.20 3.25 17.95
C GLU B 85 41.88 2.78 16.67
N LEU B 86 42.41 1.54 16.68
CA LEU B 86 43.00 0.96 15.47
C LEU B 86 42.00 0.94 14.33
N LYS B 87 40.75 0.59 14.63
CA LYS B 87 39.71 0.50 13.62
C LYS B 87 39.40 1.85 13.00
N ASN B 88 39.55 2.94 13.75
CA ASN B 88 39.03 4.23 13.33
C ASN B 88 40.08 5.22 12.83
N ASN B 89 41.37 4.98 13.07
CA ASN B 89 42.42 5.90 12.67
C ASN B 89 43.33 5.35 11.58
N ASN B 90 43.15 4.10 11.17
CA ASN B 90 43.96 3.48 10.14
C ASN B 90 43.03 2.98 9.04
N LEU B 91 42.62 3.89 8.17
CA LEU B 91 41.63 3.63 7.14
C LEU B 91 42.31 3.57 5.77
N THR B 92 41.83 2.67 4.91
CA THR B 92 42.32 2.46 3.56
C THR B 92 41.15 2.49 2.59
N PRO B 93 41.39 2.89 1.34
CA PRO B 93 40.27 3.01 0.38
C PRO B 93 39.73 1.66 -0.07
N VAL B 94 38.44 1.67 -0.40
CA VAL B 94 37.71 0.44 -0.73
C VAL B 94 37.83 0.17 -2.23
N GLU B 95 37.48 -1.05 -2.62
CA GLU B 95 37.77 -1.59 -3.94
C GLU B 95 36.93 -0.96 -5.06
N LYS B 96 35.86 -0.24 -4.74
CA LYS B 96 34.98 0.38 -5.73
C LYS B 96 34.29 -0.67 -6.60
N ASN B 97 33.72 -1.68 -5.96
CA ASN B 97 32.89 -2.70 -6.61
C ASN B 97 31.54 -2.76 -5.91
N LEU B 98 30.48 -2.58 -6.68
CA LEU B 98 29.12 -2.71 -6.16
C LEU B 98 28.59 -4.10 -6.48
N HIS B 99 28.15 -4.81 -5.46
CA HIS B 99 27.80 -6.23 -5.55
C HIS B 99 26.32 -6.42 -5.36
N PHE B 100 25.66 -7.03 -6.35
CA PHE B 100 24.27 -7.43 -6.27
C PHE B 100 24.16 -8.93 -6.50
N VAL B 101 23.13 -9.54 -5.93
CA VAL B 101 22.91 -10.97 -6.06
C VAL B 101 21.48 -11.20 -6.53
N TRP B 102 21.32 -11.82 -7.70
CA TRP B 102 20.04 -12.33 -8.19
C TRP B 102 20.26 -13.75 -8.67
N ILE B 103 19.72 -14.72 -7.93
CA ILE B 103 19.86 -16.13 -8.28
C ILE B 103 18.48 -16.78 -8.26
N GLY B 104 18.36 -17.86 -9.02
CA GLY B 104 17.20 -18.73 -8.94
C GLY B 104 16.10 -18.45 -9.95
N GLY B 105 16.08 -17.28 -10.57
CA GLY B 105 15.01 -16.98 -11.50
C GLY B 105 15.38 -15.85 -12.43
N GLN B 106 14.41 -15.41 -13.22
CA GLN B 106 14.61 -14.32 -14.14
C GLN B 106 14.66 -12.99 -13.38
N ILE B 107 15.68 -12.20 -13.65
CA ILE B 107 15.76 -10.88 -13.05
C ILE B 107 14.65 -10.00 -13.64
N ASN B 108 13.83 -9.41 -12.76
CA ASN B 108 12.72 -8.62 -13.23
C ASN B 108 13.19 -7.20 -13.60
N ASP B 109 12.24 -6.37 -14.01
CA ASP B 109 12.59 -5.03 -14.49
C ASP B 109 12.83 -4.07 -13.33
N THR B 110 12.02 -4.15 -12.27
CA THR B 110 12.17 -3.24 -11.14
C THR B 110 13.54 -3.38 -10.50
N ALA B 111 14.06 -4.60 -10.45
CA ALA B 111 15.42 -4.81 -9.94
C ALA B 111 16.44 -4.08 -10.79
N ILE B 112 16.31 -4.15 -12.12
CA ILE B 112 17.26 -3.49 -13.00
C ILE B 112 17.16 -1.97 -12.85
N ASN B 113 15.95 -1.45 -12.66
CA ASN B 113 15.79 0.00 -12.53
C ASN B 113 16.48 0.52 -11.27
N TYR B 114 16.32 -0.18 -10.14
CA TYR B 114 16.99 0.23 -8.92
C TYR B 114 18.51 0.14 -9.07
N ILE B 115 19.00 -0.83 -9.84
CA ILE B 115 20.43 -0.98 -10.04
C ILE B 115 20.98 0.15 -10.91
N ASN B 116 20.25 0.50 -11.98
CA ASN B 116 20.73 1.54 -12.89
C ASN B 116 20.92 2.89 -12.22
N GLN B 117 20.24 3.14 -11.09
CA GLN B 117 20.45 4.38 -10.38
C GLN B 117 21.83 4.43 -9.74
N TRP B 118 22.34 3.29 -9.28
CA TRP B 118 23.72 3.24 -8.78
C TRP B 118 24.73 3.40 -9.91
N LYS B 119 24.44 2.85 -11.09
CA LYS B 119 25.38 2.95 -12.20
C LYS B 119 25.49 4.38 -12.72
N ASP B 120 24.40 5.15 -12.63
CA ASP B 120 24.41 6.50 -13.20
C ASP B 120 25.16 7.48 -12.31
N VAL B 121 24.97 7.39 -10.99
CA VAL B 121 25.66 8.30 -10.08
C VAL B 121 27.05 7.81 -9.70
N ASN B 122 27.33 6.52 -9.85
CA ASN B 122 28.66 5.98 -9.56
C ASN B 122 29.30 5.42 -10.83
N SER B 123 29.55 6.29 -11.81
CA SER B 123 30.12 5.85 -13.08
C SER B 123 31.56 5.39 -12.96
N ASP B 124 32.21 5.65 -11.83
CA ASP B 124 33.57 5.18 -11.57
C ASP B 124 33.60 3.83 -10.88
N TYR B 125 32.46 3.27 -10.54
CA TYR B 125 32.35 2.01 -9.81
C TYR B 125 32.01 0.87 -10.77
N ASN B 126 32.65 -0.27 -10.55
CA ASN B 126 32.27 -1.50 -11.23
C ASN B 126 31.02 -2.08 -10.60
N VAL B 127 30.15 -2.64 -11.43
CA VAL B 127 28.93 -3.30 -10.96
C VAL B 127 29.03 -4.77 -11.33
N ASN B 128 28.82 -5.63 -10.36
CA ASN B 128 28.74 -7.07 -10.56
C ASN B 128 27.40 -7.55 -10.06
N VAL B 129 26.60 -8.12 -10.94
CA VAL B 129 25.33 -8.73 -10.58
C VAL B 129 25.55 -10.24 -10.62
N PHE B 130 25.58 -10.88 -9.46
CA PHE B 130 25.90 -12.29 -9.39
C PHE B 130 24.68 -13.15 -9.67
N TYR B 131 24.84 -14.07 -10.61
CA TYR B 131 23.81 -15.04 -10.97
C TYR B 131 24.44 -16.42 -11.07
N ASP B 132 23.70 -17.44 -10.66
CA ASP B 132 24.14 -18.83 -10.84
C ASP B 132 23.54 -19.35 -12.14
N SER B 133 24.41 -19.58 -13.14
CA SER B 133 23.95 -20.02 -14.45
C SER B 133 23.47 -21.46 -14.45
N ASN B 134 23.70 -22.20 -13.37
CA ASN B 134 23.26 -23.59 -13.28
C ASN B 134 21.92 -23.75 -12.57
N ALA B 135 21.23 -22.64 -12.26
CA ALA B 135 20.00 -22.77 -11.46
C ALA B 135 18.97 -21.67 -11.73
N PHE B 136 18.57 -21.49 -12.99
CA PHE B 136 17.55 -20.50 -13.31
C PHE B 136 16.14 -20.95 -12.96
N LEU B 137 15.92 -22.25 -12.75
CA LEU B 137 14.59 -22.80 -12.56
C LEU B 137 14.29 -23.18 -11.12
N ILE B 138 15.15 -22.79 -10.18
CA ILE B 138 14.87 -23.08 -8.77
C ILE B 138 13.64 -22.32 -8.30
N ASN B 139 13.46 -21.08 -8.79
CA ASN B 139 12.22 -20.36 -8.52
C ASN B 139 11.04 -21.04 -9.20
N THR B 140 11.22 -21.45 -10.46
CA THR B 140 10.18 -22.19 -11.15
C THR B 140 9.86 -23.50 -10.42
N LEU B 141 10.90 -24.19 -9.93
CA LEU B 141 10.68 -25.46 -9.26
C LEU B 141 10.02 -25.27 -7.91
N LYS B 142 10.40 -24.23 -7.17
CA LYS B 142 9.77 -23.97 -5.88
C LYS B 142 8.31 -23.57 -6.05
N LYS B 143 8.02 -22.70 -7.03
CA LYS B 143 6.66 -22.27 -7.26
C LYS B 143 5.78 -23.45 -7.69
N THR B 144 6.31 -24.33 -8.55
CA THR B 144 5.52 -25.43 -9.08
C THR B 144 5.16 -26.44 -8.01
N VAL B 145 6.06 -26.69 -7.05
CA VAL B 145 5.79 -27.68 -6.00
C VAL B 145 4.68 -27.20 -5.07
N VAL B 146 4.70 -25.92 -4.71
CA VAL B 146 3.74 -25.42 -3.74
C VAL B 146 2.36 -25.25 -4.34
N GLU B 147 2.27 -24.86 -5.62
CA GLU B 147 0.99 -24.85 -6.32
C GLU B 147 0.36 -26.25 -6.32
N SER B 148 1.17 -27.26 -6.62
CA SER B 148 0.70 -28.64 -6.53
C SER B 148 0.45 -29.06 -5.09
N ALA B 149 1.19 -28.49 -4.14
CA ALA B 149 0.94 -28.77 -2.73
C ALA B 149 -0.40 -28.23 -2.26
N ILE B 150 -0.96 -27.26 -2.98
CA ILE B 150 -2.26 -26.69 -2.62
C ILE B 150 -3.41 -27.46 -3.25
N ASN B 151 -3.29 -27.82 -4.53
CA ASN B 151 -4.31 -28.63 -5.18
C ASN B 151 -4.53 -29.96 -4.45
N ASP B 152 -3.47 -30.53 -3.89
CA ASP B 152 -3.58 -31.80 -3.20
C ASP B 152 -4.05 -31.64 -1.75
N THR B 153 -3.76 -30.49 -1.13
CA THR B 153 -4.22 -30.27 0.24
C THR B 153 -5.73 -30.17 0.29
N LEU B 154 -6.32 -29.35 -0.60
CA LEU B 154 -7.76 -29.17 -0.61
C LEU B 154 -8.50 -30.46 -0.98
N GLU B 155 -7.83 -31.36 -1.71
CA GLU B 155 -8.50 -32.58 -2.17
C GLU B 155 -9.02 -33.40 -1.00
N SER B 156 -8.29 -33.42 0.11
CA SER B 156 -8.75 -34.11 1.30
C SER B 156 -9.05 -33.10 2.41
N PHE B 157 -9.78 -32.05 2.06
CA PHE B 157 -10.21 -31.00 3.00
C PHE B 157 -11.68 -30.66 2.77
N ARG B 158 -12.51 -31.70 2.65
CA ARG B 158 -13.94 -31.50 2.41
C ARG B 158 -14.63 -31.08 3.71
N GLU B 159 -15.22 -29.89 3.68
CA GLU B 159 -15.88 -29.25 4.84
C GLU B 159 -15.24 -29.61 6.18
N ASN B 169 -1.50 -25.02 11.34
CA ASN B 169 -2.37 -23.85 11.25
C ASN B 169 -3.63 -24.19 10.47
N LYS B 170 -4.40 -25.16 10.98
CA LYS B 170 -5.61 -25.65 10.34
C LYS B 170 -5.30 -26.18 8.94
N PHE B 171 -5.05 -25.29 7.99
CA PHE B 171 -4.74 -25.66 6.61
C PHE B 171 -3.25 -25.83 6.38
N PHE B 172 -2.45 -24.84 6.79
CA PHE B 172 -1.03 -24.83 6.44
C PHE B 172 -0.26 -25.95 7.14
N ARG B 173 -0.79 -26.47 8.24
CA ARG B 173 -0.17 -27.61 8.92
C ARG B 173 0.08 -28.77 7.95
N LYS B 174 -0.98 -29.19 7.25
CA LYS B 174 -0.88 -30.34 6.35
C LYS B 174 -0.17 -30.00 5.04
N ARG B 175 -0.13 -28.73 4.64
CA ARG B 175 0.55 -28.39 3.40
C ARG B 175 2.04 -28.69 3.51
N MET B 176 2.66 -28.24 4.61
CA MET B 176 4.08 -28.48 4.80
C MET B 176 4.42 -29.96 4.78
N GLU B 177 3.52 -30.80 5.31
CA GLU B 177 3.76 -32.23 5.30
C GLU B 177 3.83 -32.76 3.88
N ILE B 178 2.99 -32.24 2.99
CA ILE B 178 3.05 -32.63 1.58
C ILE B 178 4.33 -32.08 0.94
N ILE B 179 4.69 -30.84 1.26
CA ILE B 179 5.88 -30.23 0.66
C ILE B 179 7.14 -30.99 1.06
N TYR B 180 7.22 -31.42 2.32
CA TYR B 180 8.43 -32.07 2.79
C TYR B 180 8.65 -33.41 2.09
N ASP B 181 7.57 -34.16 1.84
CA ASP B 181 7.72 -35.41 1.11
C ASP B 181 8.15 -35.16 -0.33
N LYS B 182 7.59 -34.14 -0.96
CA LYS B 182 7.99 -33.81 -2.34
C LYS B 182 9.43 -33.31 -2.38
N GLN B 183 9.82 -32.49 -1.40
CA GLN B 183 11.21 -32.07 -1.28
C GLN B 183 12.14 -33.28 -1.20
N LYS B 184 11.84 -34.19 -0.27
CA LYS B 184 12.68 -35.37 -0.07
C LYS B 184 12.77 -36.22 -1.34
N ASN B 185 11.71 -36.23 -2.16
CA ASN B 185 11.75 -37.01 -3.39
C ASN B 185 12.68 -36.38 -4.42
N PHE B 186 12.69 -35.05 -4.52
CA PHE B 186 13.59 -34.38 -5.45
C PHE B 186 15.05 -34.51 -5.00
N ILE B 187 15.32 -34.28 -3.72
CA ILE B 187 16.67 -34.41 -3.21
C ILE B 187 17.20 -35.82 -3.45
N ASN B 188 16.34 -36.82 -3.31
CA ASN B 188 16.74 -38.19 -3.63
C ASN B 188 17.00 -38.33 -5.13
N TYR B 189 16.10 -37.79 -5.95
CA TYR B 189 16.29 -37.85 -7.40
C TYR B 189 17.52 -37.06 -7.83
N TYR B 190 17.81 -35.94 -7.13
CA TYR B 190 18.98 -35.14 -7.47
C TYR B 190 20.27 -35.91 -7.19
N LYS B 191 20.42 -36.43 -5.98
CA LYS B 191 21.65 -37.14 -5.61
C LYS B 191 21.89 -38.35 -6.51
N ALA B 192 20.81 -39.03 -6.91
CA ALA B 192 20.95 -40.21 -7.76
C ALA B 192 21.41 -39.83 -9.16
N GLN B 193 20.74 -38.86 -9.79
CA GLN B 193 21.12 -38.42 -11.12
C GLN B 193 22.58 -38.01 -11.19
N ARG B 194 23.10 -37.42 -10.11
CA ARG B 194 24.47 -36.94 -10.12
C ARG B 194 25.47 -38.09 -10.13
N GLU B 195 25.10 -39.26 -9.62
CA GLU B 195 26.02 -40.40 -9.66
C GLU B 195 26.00 -41.09 -11.02
N GLU B 196 24.82 -41.22 -11.63
CA GLU B 196 24.73 -41.85 -12.95
C GLU B 196 25.37 -40.99 -14.02
N ASN B 197 25.10 -39.68 -13.99
CA ASN B 197 25.66 -38.72 -14.94
C ASN B 197 26.21 -37.54 -14.15
N PRO B 198 27.47 -37.59 -13.75
CA PRO B 198 28.04 -36.48 -12.95
C PRO B 198 28.14 -35.17 -13.71
N GLU B 199 27.93 -35.17 -15.02
CA GLU B 199 28.01 -33.96 -15.82
C GLU B 199 26.71 -33.17 -15.82
N LEU B 200 25.65 -33.67 -15.19
CA LEU B 200 24.38 -32.96 -15.16
C LEU B 200 24.48 -31.73 -14.27
N ILE B 201 24.15 -30.57 -14.83
CA ILE B 201 24.07 -29.35 -14.06
C ILE B 201 22.69 -29.29 -13.40
N ILE B 202 22.57 -28.45 -12.37
CA ILE B 202 21.35 -28.42 -11.55
C ILE B 202 20.14 -28.09 -12.40
N ASP B 203 20.31 -27.31 -13.48
CA ASP B 203 19.19 -26.98 -14.35
C ASP B 203 18.67 -28.22 -15.08
N ASP B 204 19.58 -29.03 -15.61
CA ASP B 204 19.18 -30.19 -16.40
C ASP B 204 18.37 -31.17 -15.57
N ILE B 205 18.75 -31.36 -14.30
CA ILE B 205 18.01 -32.28 -13.44
C ILE B 205 16.65 -31.71 -13.07
N VAL B 206 16.53 -30.39 -12.95
CA VAL B 206 15.25 -29.79 -12.55
C VAL B 206 14.23 -29.89 -13.67
N LYS B 207 14.62 -29.49 -14.89
CA LYS B 207 13.67 -29.54 -16.01
C LYS B 207 13.31 -30.98 -16.35
N THR B 208 14.25 -31.91 -16.22
CA THR B 208 13.94 -33.32 -16.41
C THR B 208 12.95 -33.80 -15.35
N TYR B 209 13.17 -33.39 -14.10
CA TYR B 209 12.24 -33.72 -13.03
C TYR B 209 10.90 -33.01 -13.23
N LEU B 210 10.93 -31.73 -13.63
CA LEU B 210 9.71 -30.94 -13.72
C LEU B 210 8.78 -31.47 -14.80
N SER B 211 9.32 -32.00 -15.89
CA SER B 211 8.50 -32.46 -17.01
C SER B 211 8.02 -33.89 -16.86
N ASN B 212 8.64 -34.68 -15.98
CA ASN B 212 8.19 -36.05 -15.75
C ASN B 212 7.07 -36.09 -14.72
N GLU B 213 7.26 -35.45 -13.57
CA GLU B 213 6.32 -35.55 -12.46
C GLU B 213 5.31 -34.41 -12.43
N TYR B 214 5.52 -33.35 -13.20
CA TYR B 214 4.63 -32.19 -13.18
C TYR B 214 4.16 -31.72 -14.55
N SER B 215 4.81 -32.13 -15.64
CA SER B 215 4.30 -31.90 -17.00
C SER B 215 4.35 -30.42 -17.40
N LYS B 216 5.44 -29.75 -17.07
CA LYS B 216 5.60 -28.35 -17.47
C LYS B 216 6.11 -28.20 -18.91
N GLU B 217 6.24 -29.31 -19.64
CA GLU B 217 6.66 -29.31 -21.04
C GLU B 217 8.06 -28.72 -21.19
N ILE B 218 9.08 -29.58 -21.15
CA ILE B 218 10.47 -29.14 -21.21
C ILE B 218 10.77 -28.69 -22.64
N ASP B 219 10.29 -27.50 -23.00
CA ASP B 219 10.41 -26.96 -24.35
C ASP B 219 10.07 -25.48 -24.31
N GLU B 220 8.84 -25.18 -23.91
CA GLU B 220 8.40 -23.83 -23.57
C GLU B 220 9.06 -23.40 -22.27
N LEU B 221 9.87 -24.30 -21.71
CA LEU B 221 10.57 -24.11 -20.45
C LEU B 221 12.04 -23.78 -20.63
N ASN B 222 12.70 -24.37 -21.64
CA ASN B 222 14.10 -24.08 -21.92
C ASN B 222 14.32 -22.68 -22.47
N THR B 223 13.26 -21.96 -22.83
CA THR B 223 13.39 -20.57 -23.26
C THR B 223 13.45 -19.60 -22.09
N TYR B 224 12.84 -19.97 -20.95
CA TYR B 224 12.99 -19.15 -19.75
C TYR B 224 14.44 -19.14 -19.28
N ILE B 225 15.15 -20.25 -19.49
CA ILE B 225 16.59 -20.27 -19.26
C ILE B 225 17.30 -19.32 -20.21
N GLU B 226 16.89 -19.30 -21.47
CA GLU B 226 17.60 -18.55 -22.49
C GLU B 226 17.33 -17.05 -22.38
N GLU B 227 16.09 -16.66 -22.08
CA GLU B 227 15.78 -15.23 -21.91
C GLU B 227 16.24 -14.70 -20.57
N SER B 228 16.36 -15.57 -19.55
CA SER B 228 16.96 -15.15 -18.29
C SER B 228 18.46 -14.89 -18.47
N LEU B 229 19.15 -15.80 -19.15
CA LEU B 229 20.59 -15.66 -19.31
C LEU B 229 20.94 -14.49 -20.22
N ASN B 230 20.13 -14.26 -21.25
CA ASN B 230 20.38 -13.11 -22.13
C ASN B 230 20.17 -11.80 -21.39
N LYS B 231 19.18 -11.74 -20.50
CA LYS B 231 18.93 -10.53 -19.72
C LYS B 231 20.11 -10.21 -18.82
N ILE B 232 20.47 -11.13 -17.93
CA ILE B 232 21.48 -10.85 -16.92
C ILE B 232 22.85 -10.64 -17.54
N THR B 233 23.10 -11.19 -18.74
CA THR B 233 24.44 -11.15 -19.30
C THR B 233 24.77 -9.79 -19.90
N GLN B 234 23.76 -9.00 -20.28
CA GLN B 234 23.97 -7.64 -20.78
C GLN B 234 23.62 -6.61 -19.71
N ASN B 235 23.88 -6.93 -18.46
CA ASN B 235 23.65 -6.03 -17.33
C ASN B 235 24.76 -6.20 -16.30
N SER B 236 26.01 -6.24 -16.77
CA SER B 236 27.21 -6.39 -15.96
C SER B 236 27.18 -7.67 -15.11
N GLY B 237 26.29 -8.60 -15.42
CA GLY B 237 26.13 -9.77 -14.58
C GLY B 237 27.33 -10.70 -14.69
N ASN B 238 27.77 -11.19 -13.53
CA ASN B 238 28.90 -12.11 -13.43
C ASN B 238 28.43 -13.47 -12.95
N ASP B 239 29.00 -14.52 -13.51
CA ASP B 239 28.57 -15.88 -13.22
C ASP B 239 29.25 -16.41 -11.97
N VAL B 240 28.47 -17.08 -11.12
CA VAL B 240 29.02 -17.65 -9.89
C VAL B 240 29.89 -18.87 -10.19
N ARG B 241 29.55 -19.63 -11.24
CA ARG B 241 30.33 -20.82 -11.58
C ARG B 241 31.69 -20.50 -12.17
N ASN B 242 31.97 -19.24 -12.49
CA ASN B 242 33.31 -18.79 -12.84
C ASN B 242 33.99 -18.07 -11.68
N PHE B 243 33.33 -17.98 -10.53
CA PHE B 243 33.90 -17.44 -9.29
C PHE B 243 34.74 -18.56 -8.67
N GLU B 244 36.02 -18.61 -9.06
CA GLU B 244 36.85 -19.75 -8.69
C GLU B 244 37.12 -19.79 -7.20
N GLU B 245 37.39 -18.64 -6.59
CA GLU B 245 37.77 -18.59 -5.18
C GLU B 245 36.65 -18.98 -4.24
N PHE B 246 35.40 -18.89 -4.70
CA PHE B 246 34.26 -19.26 -3.86
C PHE B 246 34.04 -20.77 -3.87
N LYS B 247 34.16 -21.39 -5.04
CA LYS B 247 33.88 -22.82 -5.16
C LYS B 247 34.91 -23.65 -4.41
N ASN B 248 36.20 -23.35 -4.60
CA ASN B 248 37.26 -24.10 -3.94
C ASN B 248 37.27 -23.95 -2.43
N GLY B 249 36.44 -23.06 -1.89
CA GLY B 249 36.35 -22.89 -0.45
C GLY B 249 35.33 -23.81 0.19
N GLU B 250 35.44 -23.93 1.52
CA GLU B 250 34.56 -24.78 2.31
C GLU B 250 33.18 -24.15 2.53
N SER B 251 32.96 -22.93 2.04
CA SER B 251 31.67 -22.26 2.18
C SER B 251 30.69 -22.64 1.07
N PHE B 252 31.12 -23.42 0.08
CA PHE B 252 30.31 -23.58 -1.12
C PHE B 252 29.20 -24.61 -0.94
N ASN B 253 29.49 -25.74 -0.30
CA ASN B 253 28.45 -26.76 -0.15
C ASN B 253 27.37 -26.35 0.85
N LEU B 254 27.58 -25.25 1.59
CA LEU B 254 26.49 -24.65 2.34
C LEU B 254 25.59 -23.83 1.44
N TYR B 255 26.17 -23.21 0.40
CA TYR B 255 25.36 -22.46 -0.57
C TYR B 255 24.50 -23.40 -1.41
N GLU B 256 25.09 -24.49 -1.92
CA GLU B 256 24.31 -25.48 -2.66
C GLU B 256 23.33 -26.23 -1.78
N GLN B 257 23.52 -26.19 -0.46
CA GLN B 257 22.55 -26.79 0.46
C GLN B 257 21.29 -25.95 0.55
N GLU B 258 21.44 -24.62 0.68
CA GLU B 258 20.30 -23.73 0.69
C GLU B 258 19.70 -23.55 -0.69
N LEU B 259 20.43 -23.90 -1.75
CA LEU B 259 19.95 -23.67 -3.11
C LEU B 259 19.16 -24.84 -3.66
N VAL B 260 19.70 -26.06 -3.55
CA VAL B 260 19.04 -27.23 -4.12
C VAL B 260 18.29 -27.99 -3.03
N GLU B 261 18.99 -28.33 -1.95
CA GLU B 261 18.38 -29.17 -0.92
C GLU B 261 17.32 -28.44 -0.11
N ARG B 262 17.20 -27.11 -0.25
CA ARG B 262 16.30 -26.38 0.63
C ARG B 262 15.40 -25.41 -0.12
N TRP B 263 15.88 -24.89 -1.26
CA TRP B 263 15.17 -23.86 -2.03
C TRP B 263 14.94 -22.60 -1.21
N ASN B 264 15.99 -22.14 -0.54
CA ASN B 264 15.92 -20.91 0.24
C ASN B 264 16.88 -19.92 -0.41
N LEU B 265 16.39 -19.26 -1.47
CA LEU B 265 17.25 -18.40 -2.28
C LEU B 265 17.83 -17.24 -1.46
N ALA B 266 17.09 -16.75 -0.47
CA ALA B 266 17.61 -15.66 0.35
C ALA B 266 18.71 -16.11 1.29
N ALA B 267 18.60 -17.33 1.83
CA ALA B 267 19.65 -17.83 2.72
C ALA B 267 20.91 -18.19 1.93
N ALA B 268 20.77 -18.62 0.68
CA ALA B 268 21.94 -18.84 -0.15
C ALA B 268 22.60 -17.52 -0.55
N SER B 269 21.81 -16.45 -0.64
CA SER B 269 22.37 -15.13 -0.91
C SER B 269 23.07 -14.56 0.32
N ASP B 270 22.57 -14.87 1.51
CA ASP B 270 23.26 -14.45 2.73
C ASP B 270 24.63 -15.09 2.84
N ILE B 271 24.81 -16.27 2.24
CA ILE B 271 26.12 -16.93 2.28
C ILE B 271 27.02 -16.41 1.15
N LEU B 272 26.43 -16.07 0.00
CA LEU B 272 27.22 -15.61 -1.13
C LEU B 272 27.75 -14.19 -0.89
N ARG B 273 26.89 -13.30 -0.38
CA ARG B 273 27.26 -11.90 -0.26
C ARG B 273 28.49 -11.71 0.62
N ILE B 274 28.60 -12.48 1.70
CA ILE B 274 29.72 -12.29 2.63
C ILE B 274 30.99 -12.94 2.09
N SER B 275 30.85 -14.07 1.40
CA SER B 275 32.01 -14.76 0.86
C SER B 275 32.59 -14.06 -0.36
N ALA B 276 31.77 -13.28 -1.07
CA ALA B 276 32.26 -12.54 -2.23
C ALA B 276 32.88 -11.20 -1.84
N LEU B 277 32.33 -10.54 -0.83
CA LEU B 277 33.00 -9.37 -0.26
C LEU B 277 34.39 -9.74 0.25
N LYS B 278 34.50 -10.92 0.87
CA LYS B 278 35.77 -11.37 1.44
C LYS B 278 36.83 -11.59 0.37
N GLU B 279 36.42 -12.01 -0.82
CA GLU B 279 37.37 -12.38 -1.87
C GLU B 279 37.57 -11.29 -2.92
N ILE B 280 36.71 -10.27 -2.96
CA ILE B 280 36.80 -9.22 -3.95
C ILE B 280 36.94 -7.84 -3.32
N GLY B 281 36.28 -7.60 -2.20
CA GLY B 281 36.28 -6.29 -1.59
C GLY B 281 35.27 -5.36 -2.24
N GLY B 282 34.72 -4.43 -1.46
CA GLY B 282 33.80 -3.47 -2.00
C GLY B 282 32.57 -3.24 -1.15
N MET B 283 31.40 -3.21 -1.77
CA MET B 283 30.15 -2.92 -1.07
C MET B 283 29.05 -3.81 -1.62
N TYR B 284 28.34 -4.50 -0.72
CA TYR B 284 27.18 -5.30 -1.09
C TYR B 284 25.88 -4.52 -0.86
N LEU B 285 24.89 -4.82 -1.69
CA LEU B 285 23.56 -4.23 -1.57
C LEU B 285 22.50 -5.24 -1.96
N ASP B 286 21.37 -5.22 -1.25
CA ASP B 286 20.15 -5.81 -1.78
C ASP B 286 19.64 -4.94 -2.92
N VAL B 287 18.86 -5.55 -3.81
CA VAL B 287 18.43 -4.87 -5.03
C VAL B 287 17.22 -3.99 -4.78
N ASP B 288 16.87 -3.79 -3.51
CA ASP B 288 15.78 -2.91 -3.11
C ASP B 288 16.30 -1.66 -2.38
N MET B 289 17.53 -1.26 -2.68
CA MET B 289 18.15 -0.09 -2.06
C MET B 289 18.49 0.93 -3.13
N LEU B 290 18.42 2.21 -2.77
CA LEU B 290 18.68 3.29 -3.70
C LEU B 290 19.79 4.19 -3.18
N PRO B 291 20.49 4.91 -4.07
CA PRO B 291 21.53 5.84 -3.62
C PRO B 291 20.97 6.90 -2.69
N GLY B 292 21.77 7.30 -1.71
CA GLY B 292 21.35 8.33 -0.79
C GLY B 292 21.14 9.66 -1.48
N ILE B 293 20.25 10.46 -0.92
CA ILE B 293 19.89 11.75 -1.49
C ILE B 293 20.88 12.80 -0.98
N GLN B 294 21.22 13.76 -1.84
CA GLN B 294 22.03 14.90 -1.44
C GLN B 294 21.44 15.55 -0.19
N PRO B 295 22.20 15.65 0.90
CA PRO B 295 21.62 16.12 2.17
C PRO B 295 20.98 17.49 2.10
N ASP B 296 21.50 18.39 1.26
CA ASP B 296 21.02 19.76 1.24
C ASP B 296 19.68 19.92 0.54
N LEU B 297 19.27 18.92 -0.25
CA LEU B 297 18.17 19.05 -1.21
C LEU B 297 16.89 19.59 -0.58
N PHE B 298 16.16 18.74 0.14
CA PHE B 298 14.84 19.08 0.64
C PHE B 298 14.87 19.74 2.01
N GLU B 299 15.98 20.42 2.34
CA GLU B 299 16.08 21.06 3.66
C GLU B 299 15.32 22.37 3.72
N SER B 300 15.03 22.99 2.57
CA SER B 300 14.17 24.17 2.53
C SER B 300 12.71 23.82 2.78
N ILE B 301 12.36 22.54 2.70
CA ILE B 301 10.98 22.08 2.89
C ILE B 301 10.94 21.44 4.28
N GLU B 302 10.43 22.18 5.26
CA GLU B 302 10.33 21.67 6.62
C GLU B 302 9.25 20.59 6.70
N LYS B 303 9.56 19.53 7.43
CA LYS B 303 8.63 18.40 7.57
C LYS B 303 7.54 18.75 8.57
N PRO B 304 6.27 18.47 8.26
CA PRO B 304 5.20 18.75 9.23
C PRO B 304 5.38 17.96 10.51
N SER B 305 5.19 18.63 11.65
CA SER B 305 5.36 18.04 12.97
C SER B 305 4.23 17.09 13.36
N SER B 306 3.28 16.80 12.46
CA SER B 306 2.22 15.83 12.71
C SER B 306 2.40 14.57 11.87
N VAL B 307 3.63 14.27 11.46
CA VAL B 307 3.93 13.21 10.51
C VAL B 307 5.17 12.44 10.99
N THR B 308 5.13 11.12 10.86
CA THR B 308 6.25 10.29 11.29
C THR B 308 7.50 10.60 10.47
N VAL B 309 8.63 10.08 10.95
CA VAL B 309 9.90 10.27 10.26
C VAL B 309 10.00 9.38 9.04
N ASP B 310 9.44 8.17 9.12
CA ASP B 310 9.50 7.25 7.98
C ASP B 310 8.75 7.82 6.77
N PHE B 311 7.62 8.49 7.01
CA PHE B 311 6.85 9.07 5.91
C PHE B 311 7.70 10.07 5.13
N TRP B 312 8.28 11.04 5.83
CA TRP B 312 9.04 12.11 5.18
C TRP B 312 10.21 11.57 4.37
N GLU B 313 10.66 10.35 4.64
CA GLU B 313 11.77 9.77 3.87
C GLU B 313 11.29 9.20 2.55
N MET B 314 10.24 8.37 2.58
CA MET B 314 9.73 7.79 1.34
C MET B 314 9.22 8.86 0.39
N THR B 315 8.47 9.85 0.90
CA THR B 315 7.93 10.90 0.05
C THR B 315 9.04 11.68 -0.64
N LYS B 316 10.23 11.77 -0.01
CA LYS B 316 11.37 12.37 -0.68
C LYS B 316 11.70 11.63 -1.96
N LEU B 317 11.71 10.29 -1.90
CA LEU B 317 11.99 9.50 -3.10
C LEU B 317 10.82 9.56 -4.08
N GLU B 318 9.59 9.49 -3.58
CA GLU B 318 8.44 9.55 -4.47
C GLU B 318 8.40 10.87 -5.23
N ALA B 319 8.70 11.97 -4.55
CA ALA B 319 8.77 13.26 -5.24
C ALA B 319 9.86 13.27 -6.31
N ILE B 320 11.01 12.66 -5.99
CA ILE B 320 12.10 12.61 -6.95
C ILE B 320 11.71 11.78 -8.17
N MET B 321 11.06 10.64 -7.94
CA MET B 321 10.65 9.79 -9.05
C MET B 321 9.35 10.26 -9.70
N LYS B 322 8.65 11.22 -9.10
CA LYS B 322 7.46 11.78 -9.71
C LYS B 322 7.78 12.97 -10.62
N TYR B 323 8.76 13.78 -10.24
CA TYR B 323 9.08 14.98 -11.01
C TYR B 323 10.25 14.79 -11.97
N LYS B 324 11.10 13.79 -11.74
CA LYS B 324 12.19 13.48 -12.66
C LYS B 324 11.95 12.20 -13.47
N GLU B 325 11.11 11.30 -12.98
CA GLU B 325 10.72 10.10 -13.71
C GLU B 325 11.90 9.22 -14.09
N TYR B 326 12.94 9.20 -13.24
CA TYR B 326 14.03 8.24 -13.42
C TYR B 326 13.51 6.82 -13.36
N ILE B 327 12.54 6.57 -12.48
CA ILE B 327 11.90 5.26 -12.37
C ILE B 327 10.40 5.44 -12.54
N PRO B 328 9.87 5.12 -13.71
CA PRO B 328 8.42 5.04 -13.86
C PRO B 328 7.85 3.88 -13.04
N GLU B 329 6.54 3.94 -12.80
CA GLU B 329 5.76 2.99 -12.02
C GLU B 329 6.09 3.05 -10.53
N TYR B 330 7.04 3.88 -10.11
CA TYR B 330 7.26 4.13 -8.70
C TYR B 330 6.03 4.83 -8.14
N THR B 331 5.35 4.19 -7.19
CA THR B 331 4.11 4.75 -6.64
C THR B 331 4.36 6.07 -5.96
N SER B 332 3.59 7.08 -6.37
CA SER B 332 3.39 8.30 -5.61
C SER B 332 2.34 8.10 -4.52
N GLU B 333 2.26 6.88 -3.97
CA GLU B 333 1.24 6.57 -2.96
C GLU B 333 1.27 7.56 -1.80
N HIS B 334 2.46 7.76 -1.22
CA HIS B 334 2.57 8.60 -0.03
C HIS B 334 2.55 10.09 -0.38
N PHE B 335 3.13 10.45 -1.52
CA PHE B 335 3.21 11.85 -1.92
C PHE B 335 1.84 12.47 -2.08
N ASP B 336 0.91 11.74 -2.70
CA ASP B 336 -0.38 12.31 -3.08
C ASP B 336 -1.27 12.62 -1.87
N MET B 337 -0.76 12.38 -0.66
CA MET B 337 -1.50 12.66 0.55
C MET B 337 -1.07 13.96 1.21
N LEU B 338 -0.49 14.88 0.44
CA LEU B 338 -0.12 16.20 0.91
C LEU B 338 -0.84 17.26 0.07
N ASP B 339 -1.07 18.42 0.67
CA ASP B 339 -1.75 19.50 -0.03
C ASP B 339 -0.84 20.13 -1.08
N GLU B 340 -1.46 20.86 -2.01
CA GLU B 340 -0.72 21.41 -3.14
C GLU B 340 0.28 22.50 -2.75
N GLU B 341 0.10 23.13 -1.58
CA GLU B 341 1.10 24.09 -1.13
C GLU B 341 2.45 23.41 -0.87
N VAL B 342 2.41 22.20 -0.30
CA VAL B 342 3.66 21.49 -0.03
C VAL B 342 4.14 20.75 -1.27
N GLN B 343 3.23 20.21 -2.07
CA GLN B 343 3.63 19.54 -3.31
C GLN B 343 4.28 20.52 -4.27
N SER B 344 3.96 21.82 -4.16
CA SER B 344 4.65 22.81 -4.97
C SER B 344 6.06 23.06 -4.45
N SER B 345 6.24 23.02 -3.13
CA SER B 345 7.57 23.22 -2.55
C SER B 345 8.57 22.20 -3.09
N PHE B 346 8.12 20.97 -3.31
CA PHE B 346 8.98 19.96 -3.91
C PHE B 346 9.20 20.24 -5.40
N GLU B 347 8.12 20.60 -6.10
CA GLU B 347 8.21 20.83 -7.55
C GLU B 347 9.18 21.95 -7.90
N SER B 348 9.29 22.96 -7.03
CA SER B 348 10.22 24.06 -7.28
C SER B 348 11.66 23.63 -7.00
N VAL B 349 11.85 22.68 -6.08
CA VAL B 349 13.19 22.20 -5.77
C VAL B 349 13.71 21.26 -6.86
N LEU B 350 12.87 20.31 -7.27
CA LEU B 350 13.24 19.42 -8.38
C LEU B 350 13.37 20.14 -9.70
N ALA B 351 12.92 21.40 -9.79
CA ALA B 351 13.02 22.17 -11.03
C ALA B 351 14.39 22.80 -11.21
N SER B 352 14.99 23.29 -10.13
CA SER B 352 16.30 23.92 -10.18
C SER B 352 17.46 22.91 -10.22
N LYS B 353 17.16 21.65 -10.53
CA LYS B 353 18.16 20.61 -10.68
C LYS B 353 17.98 19.95 -12.04
N SER B 354 19.09 19.63 -12.70
CA SER B 354 19.05 19.12 -14.06
C SER B 354 19.65 17.73 -14.23
N ASP B 355 20.67 17.37 -13.47
CA ASP B 355 21.32 16.08 -13.62
C ASP B 355 21.07 15.22 -12.39
N LYS B 356 21.10 13.90 -12.59
CA LYS B 356 20.81 12.96 -11.51
C LYS B 356 21.80 13.09 -10.36
N SER B 357 23.07 13.39 -10.66
CA SER B 357 24.06 13.52 -9.62
C SER B 357 23.84 14.76 -8.76
N GLU B 358 23.06 15.72 -9.25
CA GLU B 358 22.64 16.85 -8.43
C GLU B 358 21.64 16.46 -7.36
N ILE B 359 21.02 15.29 -7.48
CA ILE B 359 19.95 14.85 -6.58
C ILE B 359 20.41 13.71 -5.69
N PHE B 360 21.02 12.69 -6.29
CA PHE B 360 21.63 11.59 -5.55
C PHE B 360 23.10 11.87 -5.33
N SER B 361 23.64 11.33 -4.24
CA SER B 361 25.03 11.55 -3.86
C SER B 361 25.88 10.37 -4.32
N SER B 362 27.06 10.66 -4.84
CA SER B 362 27.96 9.62 -5.31
C SER B 362 28.80 9.07 -4.16
N LEU B 363 29.20 7.81 -4.28
CA LEU B 363 29.94 7.17 -3.20
C LEU B 363 31.36 7.69 -3.10
N GLY B 364 31.99 7.95 -4.25
CA GLY B 364 33.33 8.51 -4.25
C GLY B 364 34.34 7.58 -3.60
N ASP B 365 35.39 8.17 -3.04
CA ASP B 365 36.46 7.40 -2.41
C ASP B 365 36.04 7.09 -0.97
N MET B 366 35.39 5.95 -0.78
CA MET B 366 35.11 5.48 0.56
C MET B 366 36.32 4.75 1.11
N GLU B 367 36.51 4.87 2.43
CA GLU B 367 37.61 4.18 3.10
C GLU B 367 37.09 3.50 4.35
N ALA B 368 37.72 2.39 4.70
CA ALA B 368 37.32 1.60 5.87
C ALA B 368 38.53 0.81 6.35
N SER B 369 38.42 0.26 7.56
CA SER B 369 39.53 -0.43 8.18
C SER B 369 39.70 -1.84 7.61
N PRO B 370 40.94 -2.34 7.56
CA PRO B 370 41.15 -3.77 7.26
C PRO B 370 40.70 -4.69 8.38
N LEU B 371 40.18 -4.14 9.48
CA LEU B 371 39.65 -4.94 10.58
C LEU B 371 38.15 -5.17 10.48
N GLU B 372 37.42 -4.23 9.87
CA GLU B 372 35.98 -4.14 10.04
C GLU B 372 35.22 -4.53 8.78
N VAL B 373 33.96 -4.89 8.97
CA VAL B 373 32.95 -4.96 7.93
C VAL B 373 31.78 -4.09 8.37
N LYS B 374 31.50 -3.03 7.62
CA LYS B 374 30.45 -2.11 7.99
C LYS B 374 29.08 -2.64 7.58
N ILE B 375 28.16 -2.70 8.53
CA ILE B 375 26.83 -3.24 8.28
C ILE B 375 25.82 -2.10 8.39
N ALA B 376 24.68 -2.28 7.73
CA ALA B 376 23.62 -1.29 7.71
C ALA B 376 22.71 -1.45 8.91
N PHE B 377 22.17 -0.33 9.40
CA PHE B 377 21.26 -0.32 10.53
C PHE B 377 19.84 0.04 10.10
N ASN B 378 18.89 -0.33 10.95
CA ASN B 378 17.49 0.10 10.81
C ASN B 378 16.86 0.29 12.19
N SER B 379 15.54 0.11 12.29
CA SER B 379 14.86 0.34 13.55
C SER B 379 14.84 -0.89 14.46
N LYS B 380 15.13 -2.07 13.92
CA LYS B 380 15.14 -3.31 14.70
C LYS B 380 16.54 -3.84 14.94
N GLY B 381 17.58 -3.07 14.59
CA GLY B 381 18.96 -3.50 14.76
C GLY B 381 19.73 -3.43 13.46
N ILE B 382 20.70 -4.32 13.30
CA ILE B 382 21.51 -4.38 12.09
C ILE B 382 20.74 -5.13 11.02
N ILE B 383 21.26 -5.11 9.80
CA ILE B 383 20.64 -5.82 8.67
C ILE B 383 21.66 -5.89 7.54
N ASN B 384 21.84 -7.08 6.97
CA ASN B 384 22.82 -7.28 5.91
C ASN B 384 22.31 -6.89 4.54
N GLN B 385 21.47 -5.85 4.46
CA GLN B 385 21.06 -5.28 3.18
C GLN B 385 22.06 -4.26 2.64
N GLY B 386 23.13 -3.99 3.39
CA GLY B 386 24.21 -3.13 2.95
C GLY B 386 25.49 -3.42 3.72
N LEU B 387 26.50 -3.94 3.03
CA LEU B 387 27.77 -4.32 3.64
C LEU B 387 28.92 -3.61 2.95
N ILE B 388 29.94 -3.24 3.73
CA ILE B 388 31.15 -2.63 3.20
C ILE B 388 32.35 -3.30 3.84
N SER B 389 33.36 -3.61 3.02
CA SER B 389 34.58 -4.22 3.54
C SER B 389 35.64 -4.16 2.46
N VAL B 390 36.89 -3.94 2.89
CA VAL B 390 38.02 -4.14 1.99
C VAL B 390 38.27 -5.63 1.85
N LYS B 391 39.05 -5.98 0.82
CA LYS B 391 39.26 -7.39 0.49
C LYS B 391 40.02 -8.10 1.61
N ASP B 392 39.48 -9.25 2.02
CA ASP B 392 40.09 -10.11 3.05
C ASP B 392 40.24 -9.39 4.38
N SER B 393 39.27 -8.55 4.72
CA SER B 393 39.28 -7.90 6.02
C SER B 393 39.13 -8.93 7.13
N TYR B 394 39.57 -8.57 8.33
CA TYR B 394 39.55 -9.53 9.44
C TYR B 394 38.12 -9.88 9.84
N CYS B 395 37.21 -8.90 9.81
CA CYS B 395 35.82 -9.18 10.21
C CYS B 395 35.17 -10.17 9.26
N SER B 396 35.25 -9.92 7.95
CA SER B 396 34.59 -10.79 6.98
C SER B 396 35.10 -12.22 7.06
N ASN B 397 36.32 -12.43 7.57
CA ASN B 397 36.79 -13.79 7.79
C ASN B 397 36.09 -14.43 8.99
N LEU B 398 35.84 -13.64 10.04
CA LEU B 398 35.12 -14.16 11.19
C LEU B 398 33.64 -14.36 10.88
N ILE B 399 33.06 -13.51 10.04
CA ILE B 399 31.67 -13.71 9.64
C ILE B 399 31.54 -14.99 8.82
N VAL B 400 32.49 -15.24 7.93
CA VAL B 400 32.49 -16.50 7.18
C VAL B 400 32.72 -17.67 8.11
N LYS B 401 33.65 -17.54 9.05
CA LYS B 401 33.90 -18.63 9.99
C LYS B 401 32.76 -18.81 10.97
N GLN B 402 31.99 -17.75 11.25
CA GLN B 402 30.86 -17.86 12.16
C GLN B 402 29.71 -18.63 11.52
N ILE B 403 29.37 -18.29 10.27
CA ILE B 403 28.28 -18.97 9.58
C ILE B 403 28.60 -20.45 9.41
N GLU B 404 29.84 -20.76 9.01
CA GLU B 404 30.28 -22.14 8.85
C GLU B 404 30.05 -22.94 10.13
N ASN B 405 30.52 -22.40 11.27
CA ASN B 405 30.32 -23.06 12.55
C ASN B 405 28.84 -23.23 12.87
N ARG B 406 28.00 -22.31 12.41
CA ARG B 406 26.58 -22.37 12.75
C ARG B 406 25.83 -23.40 11.92
N TYR B 407 26.31 -23.71 10.71
CA TYR B 407 25.74 -24.82 9.95
C TYR B 407 26.29 -26.15 10.42
N LYS B 408 27.56 -26.19 10.85
CA LYS B 408 28.11 -27.40 11.44
C LYS B 408 27.26 -27.88 12.62
N ILE B 409 26.80 -26.94 13.45
CA ILE B 409 25.93 -27.31 14.57
C ILE B 409 24.60 -27.85 14.04
N LEU B 410 24.00 -27.14 13.09
CA LEU B 410 22.71 -27.55 12.52
C LEU B 410 22.76 -28.96 11.95
N ASN B 411 23.71 -29.21 11.05
CA ASN B 411 23.74 -30.49 10.34
C ASN B 411 24.10 -31.65 11.26
N ASN B 412 24.84 -31.39 12.34
CA ASN B 412 25.13 -32.43 13.33
C ASN B 412 23.86 -33.02 13.92
N SER B 413 22.76 -32.29 13.89
CA SER B 413 21.49 -32.74 14.44
C SER B 413 20.40 -32.93 13.40
N LEU B 414 20.47 -32.25 12.26
CA LEU B 414 19.43 -32.37 11.25
C LEU B 414 19.64 -33.60 10.37
N ASN B 415 20.87 -33.81 9.90
CA ASN B 415 21.13 -34.93 8.99
C ASN B 415 20.80 -36.30 9.57
N PRO B 416 21.02 -36.59 10.86
CA PRO B 416 20.54 -37.88 11.38
C PRO B 416 19.02 -38.04 11.30
N ALA B 417 18.27 -36.94 11.40
CA ALA B 417 16.81 -37.02 11.27
C ALA B 417 16.36 -37.10 9.82
N ILE B 418 17.12 -36.51 8.90
CA ILE B 418 16.79 -36.61 7.48
C ILE B 418 17.03 -38.03 6.99
N SER B 419 18.09 -38.68 7.48
CA SER B 419 18.46 -40.02 7.02
C SER B 419 17.46 -41.09 7.42
N GLU B 420 16.55 -40.81 8.34
CA GLU B 420 15.60 -41.81 8.81
C GLU B 420 14.31 -41.84 7.99
N ASP B 421 14.16 -40.94 7.03
CA ASP B 421 13.19 -41.07 5.93
C ASP B 421 11.74 -41.20 6.42
N ASN B 422 11.43 -40.63 7.58
CA ASN B 422 10.05 -40.64 8.06
C ASN B 422 9.27 -39.50 7.41
N ASP B 423 8.03 -39.31 7.84
CA ASP B 423 7.24 -38.17 7.37
C ASP B 423 7.78 -36.89 8.02
N PHE B 424 7.03 -35.80 7.91
CA PHE B 424 7.55 -34.52 8.39
C PHE B 424 7.60 -34.48 9.92
N ASN B 425 6.50 -34.85 10.58
CA ASN B 425 6.42 -34.67 12.03
C ASN B 425 7.35 -35.61 12.78
N THR B 426 7.57 -36.82 12.27
CA THR B 426 8.55 -37.70 12.89
C THR B 426 9.97 -37.19 12.67
N THR B 427 10.22 -36.54 11.53
CA THR B 427 11.52 -35.96 11.28
C THR B 427 11.77 -34.74 12.18
N THR B 428 10.73 -33.93 12.40
CA THR B 428 10.89 -32.74 13.24
C THR B 428 11.15 -33.14 14.69
N ASN B 429 10.37 -34.09 15.22
CA ASN B 429 10.58 -34.53 16.60
C ASN B 429 11.94 -35.20 16.77
N THR B 430 12.41 -35.92 15.75
CA THR B 430 13.76 -36.44 15.77
C THR B 430 14.79 -35.31 15.82
N PHE B 431 14.51 -34.23 15.09
CA PHE B 431 15.46 -33.12 15.01
C PHE B 431 15.48 -32.32 16.31
N ILE B 432 14.33 -32.16 16.96
CA ILE B 432 14.26 -31.37 18.19
C ILE B 432 15.00 -32.07 19.32
N ASP B 433 14.82 -33.39 19.44
CA ASP B 433 15.55 -34.13 20.46
C ASP B 433 17.06 -34.17 20.17
N SER B 434 17.46 -33.87 18.94
CA SER B 434 18.89 -33.90 18.61
C SER B 434 19.57 -32.58 18.95
N ILE B 435 18.91 -31.45 18.69
CA ILE B 435 19.46 -30.16 19.11
C ILE B 435 19.31 -29.97 20.61
N MET B 436 18.30 -30.60 21.22
CA MET B 436 18.15 -30.53 22.67
C MET B 436 19.24 -31.33 23.39
N ALA B 437 19.73 -32.39 22.74
CA ALA B 437 20.78 -33.21 23.36
C ALA B 437 22.10 -32.47 23.41
N GLU B 438 22.65 -32.12 22.25
CA GLU B 438 23.92 -31.40 22.19
C GLU B 438 23.71 -29.91 22.48
N ALA B 439 22.71 -29.59 23.32
CA ALA B 439 22.44 -28.22 23.70
C ALA B 439 23.45 -27.75 24.74
N ASN B 440 23.45 -26.44 24.99
CA ASN B 440 24.46 -25.84 25.84
C ASN B 440 23.90 -24.55 26.43
N ALA B 441 24.37 -24.24 27.65
CA ALA B 441 24.00 -22.96 28.26
C ALA B 441 24.54 -21.79 27.45
N ASP B 442 25.61 -22.01 26.69
CA ASP B 442 26.19 -20.94 25.89
C ASP B 442 25.38 -20.66 24.63
N ASN B 443 24.92 -21.71 23.94
CA ASN B 443 24.17 -21.55 22.70
C ASN B 443 22.67 -21.72 22.90
N GLY B 444 22.15 -21.35 24.07
CA GLY B 444 20.74 -21.52 24.34
C GLY B 444 19.85 -20.72 23.40
N ARG B 445 20.16 -19.43 23.25
CA ARG B 445 19.38 -18.57 22.36
C ARG B 445 19.47 -19.03 20.91
N PHE B 446 20.55 -19.73 20.56
CA PHE B 446 20.74 -20.18 19.18
C PHE B 446 19.95 -21.44 18.89
N MET B 447 20.08 -22.47 19.74
CA MET B 447 19.48 -23.77 19.45
C MET B 447 17.95 -23.71 19.41
N MET B 448 17.35 -22.73 20.09
CA MET B 448 15.89 -22.65 20.13
C MET B 448 15.31 -22.32 18.75
N GLU B 449 15.79 -21.24 18.13
CA GLU B 449 15.34 -20.90 16.79
C GLU B 449 15.77 -21.92 15.74
N LEU B 450 16.61 -22.88 16.11
CA LEU B 450 17.06 -23.91 15.18
C LEU B 450 15.94 -24.89 14.82
N GLY B 451 15.03 -25.15 15.76
CA GLY B 451 14.02 -26.19 15.58
C GLY B 451 12.99 -25.90 14.51
N LYS B 452 12.92 -24.65 14.04
CA LYS B 452 11.99 -24.26 12.98
C LYS B 452 12.67 -24.28 11.61
N TYR B 453 13.70 -25.10 11.42
CA TYR B 453 14.53 -24.95 10.24
C TYR B 453 13.87 -25.53 8.99
N LEU B 454 13.19 -26.67 9.11
CA LEU B 454 12.47 -27.19 7.95
C LEU B 454 11.31 -26.30 7.57
N ARG B 455 10.67 -25.68 8.57
CA ARG B 455 9.60 -24.70 8.39
C ARG B 455 10.10 -23.38 7.85
N VAL B 456 11.36 -23.24 7.43
CA VAL B 456 11.82 -21.98 6.85
C VAL B 456 11.18 -21.82 5.49
N GLY B 457 10.41 -20.75 5.31
CA GLY B 457 9.50 -20.67 4.19
C GLY B 457 8.26 -21.48 4.49
N PHE B 458 7.12 -21.14 3.88
CA PHE B 458 5.84 -21.81 4.02
C PHE B 458 5.19 -21.60 5.38
N PHE B 459 5.81 -20.86 6.30
CA PHE B 459 5.27 -20.73 7.65
C PHE B 459 5.65 -19.39 8.26
N PRO B 460 4.82 -18.88 9.17
CA PRO B 460 5.17 -17.65 9.88
C PRO B 460 6.06 -17.94 11.09
N ASP B 461 6.56 -16.86 11.69
CA ASP B 461 7.27 -16.91 12.97
C ASP B 461 8.48 -17.83 12.91
N VAL B 462 9.31 -17.64 11.87
CA VAL B 462 10.51 -18.42 11.68
C VAL B 462 11.69 -17.46 11.64
N LYS B 463 12.55 -17.53 12.66
CA LYS B 463 13.73 -16.69 12.76
C LYS B 463 15.02 -17.48 12.53
N THR B 464 14.94 -18.62 11.86
CA THR B 464 16.11 -19.46 11.66
C THR B 464 17.07 -18.88 10.62
N THR B 465 16.54 -18.17 9.63
CA THR B 465 17.41 -17.55 8.62
C THR B 465 18.31 -16.49 9.26
N ILE B 466 17.83 -15.82 10.31
CA ILE B 466 18.63 -14.79 10.96
C ILE B 466 19.76 -15.40 11.77
N ASN B 467 19.45 -16.43 12.55
CA ASN B 467 20.45 -17.04 13.43
C ASN B 467 21.52 -17.82 12.66
N LEU B 468 21.22 -18.28 11.44
CA LEU B 468 22.17 -19.04 10.63
C LEU B 468 23.12 -18.14 9.85
N SER B 469 22.56 -17.31 8.97
CA SER B 469 23.34 -16.56 8.01
C SER B 469 23.01 -15.08 8.01
N GLY B 470 22.25 -14.60 9.00
CA GLY B 470 21.79 -13.23 9.03
C GLY B 470 22.45 -12.39 10.09
N PRO B 471 21.75 -11.35 10.55
CA PRO B 471 22.32 -10.42 11.53
C PRO B 471 23.00 -11.07 12.73
N GLU B 472 22.41 -12.13 13.29
CA GLU B 472 23.01 -12.80 14.44
C GLU B 472 24.43 -13.25 14.15
N ALA B 473 24.68 -13.74 12.93
CA ALA B 473 26.02 -14.19 12.57
C ALA B 473 27.00 -13.02 12.53
N TYR B 474 26.56 -11.86 12.02
CA TYR B 474 27.44 -10.71 11.97
C TYR B 474 27.73 -10.16 13.36
N ALA B 475 26.71 -10.14 14.23
CA ALA B 475 26.92 -9.63 15.59
C ALA B 475 27.85 -10.55 16.38
N ALA B 476 27.80 -11.85 16.12
CA ALA B 476 28.71 -12.78 16.79
C ALA B 476 30.15 -12.53 16.37
N ALA B 477 30.37 -12.17 15.10
CA ALA B 477 31.71 -11.84 14.64
C ALA B 477 32.21 -10.54 15.26
N TYR B 478 31.31 -9.54 15.38
CA TYR B 478 31.70 -8.30 16.03
C TYR B 478 32.05 -8.53 17.49
N GLN B 479 31.38 -9.47 18.15
CA GLN B 479 31.79 -9.85 19.50
C GLN B 479 33.11 -10.61 19.47
N ASP B 480 33.26 -11.55 18.53
CA ASP B 480 34.52 -12.26 18.38
C ASP B 480 35.68 -11.29 18.26
N LEU B 481 35.50 -10.21 17.50
CA LEU B 481 36.57 -9.23 17.33
C LEU B 481 36.85 -8.48 18.63
N LEU B 482 35.79 -8.01 19.31
CA LEU B 482 35.94 -7.17 20.48
C LEU B 482 36.26 -7.94 21.75
N MET B 483 36.14 -9.27 21.74
CA MET B 483 36.43 -10.08 22.92
C MET B 483 37.78 -10.78 22.83
N PHE B 484 38.53 -10.59 21.74
CA PHE B 484 39.79 -11.31 21.51
C PHE B 484 39.59 -12.82 21.60
N LYS B 485 38.63 -13.32 20.83
CA LYS B 485 38.24 -14.72 20.87
C LYS B 485 37.52 -15.05 19.57
N GLU B 486 37.29 -16.35 19.37
CA GLU B 486 36.48 -16.83 18.25
C GLU B 486 35.43 -17.80 18.78
N GLY B 487 34.29 -17.86 18.09
CA GLY B 487 33.26 -18.83 18.42
C GLY B 487 32.30 -18.38 19.51
N SER B 488 31.76 -17.17 19.38
CA SER B 488 30.73 -16.70 20.29
C SER B 488 29.37 -17.15 19.79
N MET B 489 28.49 -17.53 20.71
CA MET B 489 27.17 -18.02 20.37
C MET B 489 26.04 -17.16 20.91
N ASN B 490 26.23 -16.46 22.02
CA ASN B 490 25.20 -15.62 22.62
C ASN B 490 25.68 -14.18 22.62
N ILE B 491 24.93 -13.30 21.97
CA ILE B 491 25.31 -11.90 21.89
C ILE B 491 24.98 -11.22 23.21
N HIS B 492 26.01 -10.68 23.87
CA HIS B 492 25.84 -9.84 25.05
C HIS B 492 26.51 -8.48 24.85
N LEU B 493 26.56 -8.01 23.60
CA LEU B 493 26.93 -6.63 23.30
C LEU B 493 25.68 -5.76 23.31
N ILE B 494 25.85 -4.50 23.72
CA ILE B 494 24.75 -3.55 23.67
C ILE B 494 24.65 -2.95 22.27
N GLU B 495 23.51 -2.33 21.99
CA GLU B 495 23.33 -1.71 20.67
C GLU B 495 24.33 -0.59 20.45
N ALA B 496 24.71 0.13 21.52
CA ALA B 496 25.73 1.16 21.38
C ALA B 496 27.07 0.58 20.96
N ASP B 497 27.34 -0.68 21.33
CA ASP B 497 28.58 -1.32 20.93
C ASP B 497 28.60 -1.58 19.42
N LEU B 498 27.48 -2.02 18.85
CA LEU B 498 27.45 -2.39 17.44
C LEU B 498 27.51 -1.19 16.52
N ARG B 499 27.06 -0.01 16.99
CA ARG B 499 27.03 1.17 16.12
C ARG B 499 28.41 1.64 15.69
N ASN B 500 29.48 1.04 16.21
CA ASN B 500 30.81 1.34 15.69
C ASN B 500 30.93 0.92 14.23
N PHE B 501 30.23 -0.14 13.84
CA PHE B 501 30.30 -0.70 12.49
C PHE B 501 29.12 -0.28 11.64
N GLU B 502 28.51 0.86 11.94
CA GLU B 502 27.31 1.31 11.25
C GLU B 502 27.66 1.96 9.92
N ILE B 503 26.79 1.76 8.94
CA ILE B 503 26.89 2.41 7.64
C ILE B 503 26.16 3.74 7.70
N SER B 504 26.80 4.79 7.18
CA SER B 504 26.19 6.12 7.19
C SER B 504 24.89 6.11 6.39
N LYS B 505 23.82 6.62 7.01
CA LYS B 505 22.52 6.68 6.34
C LYS B 505 22.52 7.63 5.16
N THR B 506 23.59 8.38 4.93
CA THR B 506 23.73 9.27 3.79
C THR B 506 24.28 8.57 2.55
N ASN B 507 24.58 7.28 2.62
CA ASN B 507 25.05 6.51 1.47
C ASN B 507 23.98 5.61 0.88
N ILE B 508 23.05 5.12 1.70
CA ILE B 508 21.97 4.24 1.26
C ILE B 508 20.63 4.84 1.68
N SER B 509 19.58 4.49 0.91
CA SER B 509 18.27 5.12 1.06
C SER B 509 17.27 4.25 1.80
N GLN B 510 17.27 2.94 1.57
CA GLN B 510 16.50 1.98 2.34
C GLN B 510 14.99 2.13 2.17
N SER B 511 14.46 3.31 2.47
CA SER B 511 13.02 3.54 2.46
C SER B 511 12.46 3.60 1.04
N THR B 512 12.72 2.58 0.24
CA THR B 512 12.25 2.52 -1.13
C THR B 512 10.87 1.88 -1.20
N GLU B 513 10.22 2.03 -2.37
CA GLU B 513 9.00 1.28 -2.63
C GLU B 513 9.19 -0.22 -2.39
N GLN B 514 10.37 -0.73 -2.72
CA GLN B 514 10.59 -2.19 -2.69
C GLN B 514 10.80 -2.70 -1.27
N GLU B 515 11.91 -2.30 -0.62
CA GLU B 515 12.16 -2.82 0.72
C GLU B 515 11.24 -2.21 1.77
N MET B 516 10.34 -1.31 1.39
CA MET B 516 9.18 -1.04 2.25
C MET B 516 8.06 -2.03 2.00
N ALA B 517 8.05 -2.69 0.85
CA ALA B 517 7.03 -3.67 0.50
C ALA B 517 7.42 -5.09 0.90
N SER B 518 8.54 -5.27 1.59
CA SER B 518 8.95 -6.57 2.11
C SER B 518 8.79 -6.63 3.63
N LEU B 519 7.76 -5.95 4.14
CA LEU B 519 7.39 -6.00 5.55
C LEU B 519 6.15 -6.84 5.80
N TRP B 520 5.81 -7.73 4.86
CA TRP B 520 4.66 -8.61 4.98
C TRP B 520 4.69 -9.36 6.30
N SER B 521 3.78 -8.98 7.21
CA SER B 521 3.82 -9.52 8.57
C SER B 521 3.62 -11.03 8.59
N PHE B 522 2.76 -11.55 7.71
CA PHE B 522 2.60 -12.99 7.55
C PHE B 522 2.14 -13.64 8.85
N ASP B 523 0.95 -13.24 9.31
CA ASP B 523 0.38 -13.78 10.53
C ASP B 523 -1.08 -13.40 10.62
N ASP B 524 -1.93 -14.37 10.97
CA ASP B 524 -3.38 -14.19 11.13
C ASP B 524 -4.09 -13.78 9.84
N ALA B 525 -3.42 -13.06 8.95
CA ALA B 525 -4.03 -12.57 7.72
C ALA B 525 -4.03 -13.60 6.60
N ARG B 526 -3.18 -14.62 6.67
CA ARG B 526 -3.18 -15.70 5.68
C ARG B 526 -4.05 -16.88 6.09
N ALA B 527 -4.34 -17.04 7.38
CA ALA B 527 -5.32 -18.01 7.82
C ALA B 527 -6.71 -17.40 7.71
N LYS B 528 -7.70 -18.23 7.34
CA LYS B 528 -9.07 -17.81 7.07
C LYS B 528 -9.16 -16.87 5.89
N ALA B 529 -8.35 -15.81 5.87
CA ALA B 529 -8.30 -14.87 4.77
C ALA B 529 -7.14 -15.21 3.83
N GLN B 530 -7.39 -15.09 2.53
CA GLN B 530 -6.44 -15.42 1.46
C GLN B 530 -6.17 -16.92 1.39
N PHE B 531 -6.25 -17.62 2.53
CA PHE B 531 -6.38 -19.07 2.48
C PHE B 531 -7.59 -19.48 1.65
N GLU B 532 -8.66 -18.69 1.68
CA GLU B 532 -9.82 -18.96 0.86
C GLU B 532 -9.60 -18.64 -0.61
N GLU B 533 -8.64 -17.78 -0.93
CA GLU B 533 -8.32 -17.52 -2.34
C GLU B 533 -7.94 -18.80 -3.05
N TYR B 534 -7.17 -19.67 -2.39
CA TYR B 534 -6.82 -20.96 -2.95
C TYR B 534 -8.06 -21.82 -3.14
N LYS B 535 -8.63 -21.80 -4.36
CA LYS B 535 -9.83 -22.57 -4.66
C LYS B 535 -9.92 -22.95 -6.14
N ARG B 536 -9.16 -22.26 -6.98
CA ARG B 536 -9.37 -22.31 -8.41
C ARG B 536 -8.55 -23.43 -9.06
N ASN B 537 -7.71 -23.08 -10.05
CA ASN B 537 -6.87 -24.08 -10.71
C ASN B 537 -5.43 -23.62 -10.79
N TYR B 538 -5.04 -22.98 -11.89
CA TYR B 538 -3.66 -22.53 -12.08
C TYR B 538 -3.40 -21.26 -11.29
N GLU C 1 29.25 16.20 -16.36
CA GLU C 1 30.28 17.17 -16.71
C GLU C 1 31.25 17.40 -15.55
N VAL C 2 32.42 16.78 -15.62
CA VAL C 2 33.50 17.01 -14.66
C VAL C 2 34.52 17.92 -15.30
N GLN C 3 35.04 18.88 -14.54
CA GLN C 3 36.02 19.83 -15.04
C GLN C 3 37.03 20.14 -13.96
N LEU C 4 38.32 20.09 -14.34
CA LEU C 4 39.42 20.49 -13.47
C LEU C 4 40.27 21.50 -14.23
N VAL C 5 40.33 22.72 -13.72
CA VAL C 5 41.06 23.81 -14.36
C VAL C 5 42.12 24.31 -13.39
N GLU C 6 43.38 24.17 -13.77
CA GLU C 6 44.50 24.59 -12.94
C GLU C 6 45.16 25.83 -13.53
N SER C 7 45.63 26.70 -12.64
CA SER C 7 46.26 27.96 -13.01
C SER C 7 47.39 28.25 -12.03
N GLY C 8 48.12 29.33 -12.29
CA GLY C 8 49.21 29.75 -11.44
C GLY C 8 50.59 29.47 -12.00
N GLY C 9 50.70 28.65 -13.04
CA GLY C 9 52.00 28.36 -13.60
C GLY C 9 52.53 29.49 -14.47
N GLY C 10 53.85 29.52 -14.61
CA GLY C 10 54.48 30.54 -15.42
C GLY C 10 55.99 30.44 -15.49
N LEU C 11 56.68 31.46 -14.98
CA LEU C 11 58.14 31.53 -15.07
C LEU C 11 58.68 32.05 -13.75
N VAL C 12 59.63 31.32 -13.17
CA VAL C 12 60.22 31.67 -11.89
C VAL C 12 61.72 31.41 -11.93
N GLN C 13 62.42 31.95 -10.93
CA GLN C 13 63.84 31.90 -10.69
C GLN C 13 64.18 30.71 -9.78
N PRO C 14 65.22 29.95 -10.14
CA PRO C 14 65.54 28.72 -9.39
C PRO C 14 65.80 28.97 -7.91
N GLY C 15 64.76 28.81 -7.10
CA GLY C 15 64.86 29.08 -5.68
C GLY C 15 63.63 29.78 -5.18
N GLY C 16 62.91 30.45 -6.09
CA GLY C 16 61.70 31.17 -5.75
C GLY C 16 60.54 30.25 -5.43
N SER C 17 59.31 30.73 -5.63
CA SER C 17 58.12 29.96 -5.26
C SER C 17 57.02 30.16 -6.28
N LEU C 18 56.09 29.21 -6.29
CA LEU C 18 54.91 29.27 -7.14
C LEU C 18 53.74 28.61 -6.39
N ARG C 19 52.53 28.95 -6.81
CA ARG C 19 51.31 28.46 -6.15
C ARG C 19 50.33 28.01 -7.23
N LEU C 20 50.19 26.69 -7.38
CA LEU C 20 49.30 26.11 -8.38
C LEU C 20 47.91 25.92 -7.78
N SER C 21 46.88 26.29 -8.55
CA SER C 21 45.51 26.32 -8.05
C SER C 21 44.62 25.54 -9.00
N CYS C 22 44.12 24.40 -8.53
CA CYS C 22 43.18 23.57 -9.28
C CYS C 22 41.76 23.83 -8.76
N ALA C 23 40.88 24.32 -9.64
CA ALA C 23 39.50 24.59 -9.30
C ALA C 23 38.62 23.48 -9.84
N ALA C 24 37.93 22.78 -8.94
CA ALA C 24 37.15 21.61 -9.30
C ALA C 24 35.68 21.95 -9.44
N SER C 25 35.02 21.29 -10.39
CA SER C 25 33.60 21.48 -10.64
C SER C 25 33.02 20.21 -11.23
N GLY C 26 31.73 19.99 -11.00
CA GLY C 26 31.01 18.89 -11.60
C GLY C 26 30.85 17.66 -10.72
N PHE C 27 31.53 17.60 -9.58
CA PHE C 27 31.39 16.50 -8.64
C PHE C 27 31.46 17.07 -7.24
N THR C 28 31.43 16.20 -6.24
CA THR C 28 31.60 16.59 -4.84
C THR C 28 33.10 16.61 -4.57
N PHE C 29 33.69 17.81 -4.55
CA PHE C 29 35.15 17.92 -4.49
C PHE C 29 35.74 17.28 -3.26
N ARG C 30 34.96 17.09 -2.20
CA ARG C 30 35.36 16.22 -1.12
C ARG C 30 35.37 14.80 -1.65
N SER C 31 34.88 13.83 -0.87
CA SER C 31 34.58 12.49 -1.40
C SER C 31 35.75 11.80 -2.10
N TYR C 32 36.67 12.57 -2.69
CA TYR C 32 37.72 12.05 -3.55
C TYR C 32 39.08 12.53 -3.09
N TRP C 33 40.09 11.67 -3.24
CA TRP C 33 41.47 12.07 -3.10
C TRP C 33 41.89 12.94 -4.29
N MET C 34 43.03 13.61 -4.15
CA MET C 34 43.53 14.47 -5.23
C MET C 34 45.02 14.26 -5.40
N HIS C 35 45.50 14.47 -6.63
CA HIS C 35 46.90 14.30 -6.99
C HIS C 35 47.40 15.49 -7.81
N TRP C 36 48.72 15.56 -7.89
CA TRP C 36 49.43 16.40 -8.85
C TRP C 36 50.41 15.51 -9.62
N VAL C 37 50.46 15.69 -10.94
CA VAL C 37 51.32 14.88 -11.80
C VAL C 37 51.92 15.80 -12.85
N ARG C 38 53.24 15.76 -13.01
CA ARG C 38 53.92 16.59 -13.98
C ARG C 38 54.43 15.75 -15.15
N GLN C 39 54.60 16.42 -16.29
CA GLN C 39 55.08 15.79 -17.51
C GLN C 39 56.01 16.77 -18.21
N VAL C 40 57.30 16.46 -18.25
CA VAL C 40 58.22 17.32 -19.01
C VAL C 40 57.83 17.27 -20.48
N PRO C 41 57.66 18.41 -21.16
CA PRO C 41 57.09 18.40 -22.51
C PRO C 41 57.87 17.52 -23.48
N GLY C 42 57.30 16.38 -23.82
CA GLY C 42 57.93 15.38 -24.66
C GLY C 42 58.30 14.11 -23.95
N LYS C 43 58.41 14.13 -22.63
CA LYS C 43 58.75 12.95 -21.86
C LYS C 43 57.49 12.33 -21.24
N GLY C 44 57.68 11.44 -20.28
CA GLY C 44 56.59 10.66 -19.73
C GLY C 44 55.98 11.27 -18.49
N LEU C 45 54.98 10.58 -17.96
CA LEU C 45 54.25 11.05 -16.79
C LEU C 45 55.00 10.70 -15.51
N VAL C 46 54.99 11.64 -14.56
CA VAL C 46 55.72 11.50 -13.30
C VAL C 46 54.82 11.98 -12.18
N TRP C 47 54.54 11.11 -11.21
CA TRP C 47 53.68 11.46 -10.10
C TRP C 47 54.45 12.26 -9.05
N VAL C 48 53.77 13.25 -8.47
CA VAL C 48 54.41 14.23 -7.60
C VAL C 48 53.87 14.14 -6.18
N SER C 49 52.58 14.44 -6.00
CA SER C 49 52.03 14.56 -4.66
C SER C 49 50.61 14.01 -4.63
N CYS C 50 50.10 13.82 -3.41
CA CYS C 50 48.80 13.20 -3.18
C CYS C 50 48.28 13.64 -1.82
N ILE C 51 46.96 13.76 -1.71
CA ILE C 51 46.33 14.26 -0.50
C ILE C 51 45.05 13.49 -0.22
N ASN C 52 44.70 13.42 1.07
CA ASN C 52 43.51 12.74 1.55
C ASN C 52 42.22 13.39 1.09
N LYS C 53 41.10 12.75 1.40
CA LYS C 53 39.79 13.40 1.29
C LYS C 53 39.74 14.63 2.20
N GLU C 54 39.94 14.40 3.49
CA GLU C 54 39.89 15.44 4.52
C GLU C 54 41.18 16.22 4.62
N GLY C 55 42.25 15.76 3.97
CA GLY C 55 43.56 16.35 4.13
C GLY C 55 44.31 15.89 5.36
N SER C 56 43.94 14.73 5.93
CA SER C 56 44.55 14.32 7.20
C SER C 56 46.00 13.92 7.03
N SER C 57 46.36 13.29 5.92
CA SER C 57 47.74 12.93 5.64
C SER C 57 48.02 13.16 4.16
N THR C 58 49.31 13.22 3.83
CA THR C 58 49.74 13.48 2.47
C THR C 58 50.93 12.60 2.14
N THR C 59 51.16 12.41 0.84
CA THR C 59 52.31 11.68 0.35
C THR C 59 52.96 12.47 -0.77
N TYR C 60 54.27 12.66 -0.68
CA TYR C 60 55.04 13.32 -1.72
C TYR C 60 56.00 12.32 -2.36
N ALA C 61 56.40 12.62 -3.59
CA ALA C 61 57.42 11.84 -4.25
C ALA C 61 58.79 12.16 -3.64
N ASP C 62 59.67 11.16 -3.66
CA ASP C 62 61.01 11.34 -3.09
C ASP C 62 61.75 12.51 -3.72
N SER C 63 61.37 12.92 -4.92
CA SER C 63 62.08 13.99 -5.63
C SER C 63 61.66 15.38 -5.18
N VAL C 64 60.50 15.52 -4.52
CA VAL C 64 60.03 16.83 -4.09
C VAL C 64 59.69 16.82 -2.61
N LYS C 65 60.02 15.73 -1.91
CA LYS C 65 59.84 15.69 -0.46
C LYS C 65 60.62 16.81 0.21
N GLY C 66 59.93 17.57 1.05
CA GLY C 66 60.51 18.72 1.71
C GLY C 66 60.39 20.01 0.94
N ARG C 67 60.57 19.94 -0.38
CA ARG C 67 60.47 21.16 -1.19
C ARG C 67 59.03 21.56 -1.45
N PHE C 68 58.16 20.59 -1.73
CA PHE C 68 56.79 20.88 -2.13
C PHE C 68 55.82 20.70 -0.97
N THR C 69 54.61 21.20 -1.18
CA THR C 69 53.56 21.16 -0.17
C THR C 69 52.22 21.13 -0.89
N ILE C 70 51.42 20.09 -0.61
CA ILE C 70 50.10 19.94 -1.21
C ILE C 70 49.04 20.34 -0.19
N SER C 71 48.09 21.15 -0.63
CA SER C 71 47.06 21.71 0.24
C SER C 71 45.70 21.55 -0.41
N ARG C 72 44.65 21.66 0.40
CA ARG C 72 43.30 21.38 -0.06
C ARG C 72 42.33 22.21 0.74
N ASP C 73 41.36 22.82 0.06
CA ASP C 73 40.34 23.66 0.69
C ASP C 73 38.97 23.15 0.22
N ASN C 74 38.27 22.45 1.11
CA ASN C 74 37.00 21.83 0.76
C ASN C 74 35.84 22.81 0.68
N ALA C 75 35.97 23.99 1.30
CA ALA C 75 34.95 25.02 1.19
C ALA C 75 34.96 25.62 -0.21
N LYS C 76 35.88 26.56 -0.45
CA LYS C 76 36.13 27.01 -1.81
C LYS C 76 36.83 25.88 -2.55
N ASN C 77 36.05 25.03 -3.22
CA ASN C 77 36.51 23.76 -3.78
C ASN C 77 37.75 23.95 -4.66
N THR C 78 38.95 23.83 -4.06
CA THR C 78 40.18 24.12 -4.77
C THR C 78 41.34 23.36 -4.15
N LEU C 79 42.25 22.87 -5.00
CA LEU C 79 43.45 22.16 -4.58
C LEU C 79 44.68 23.01 -4.88
N TYR C 80 45.74 22.84 -4.07
CA TYR C 80 46.88 23.73 -4.09
C TYR C 80 48.20 22.95 -4.15
N LEU C 81 49.20 23.59 -4.76
CA LEU C 81 50.59 23.14 -4.69
C LEU C 81 51.47 24.34 -4.39
N GLU C 82 52.27 24.23 -3.33
CA GLU C 82 53.28 25.22 -2.98
C GLU C 82 54.64 24.66 -3.37
N MET C 83 55.33 25.36 -4.26
CA MET C 83 56.59 24.89 -4.84
C MET C 83 57.72 25.79 -4.34
N ASN C 84 58.46 25.31 -3.34
CA ASN C 84 59.56 26.05 -2.74
C ASN C 84 60.89 25.40 -3.10
N SER C 85 61.95 26.21 -3.10
CA SER C 85 63.30 25.78 -3.43
C SER C 85 63.33 25.10 -4.81
N LEU C 86 62.90 25.85 -5.81
CA LEU C 86 62.71 25.30 -7.14
C LEU C 86 64.04 25.07 -7.86
N ARG C 87 64.11 23.98 -8.62
CA ARG C 87 65.27 23.68 -9.45
C ARG C 87 64.90 23.88 -10.91
N ALA C 88 65.88 23.60 -11.79
CA ALA C 88 65.57 23.43 -13.20
C ALA C 88 64.89 22.10 -13.47
N ASP C 89 65.00 21.15 -12.54
CA ASP C 89 64.37 19.84 -12.69
C ASP C 89 62.85 19.98 -12.87
N ASP C 90 62.25 20.93 -12.16
CA ASP C 90 60.81 21.02 -12.03
C ASP C 90 60.12 21.66 -13.23
N THR C 91 60.87 22.11 -14.23
CA THR C 91 60.25 22.67 -15.42
C THR C 91 59.47 21.60 -16.17
N ALA C 92 58.14 21.76 -16.22
CA ALA C 92 57.26 20.80 -16.86
C ALA C 92 55.85 21.38 -16.89
N VAL C 93 54.92 20.59 -17.43
CA VAL C 93 53.50 20.86 -17.35
C VAL C 93 52.96 20.07 -16.16
N TYR C 94 52.13 20.72 -15.34
CA TYR C 94 51.67 20.15 -14.08
C TYR C 94 50.16 19.89 -14.17
N TYR C 95 49.77 18.62 -14.03
CA TYR C 95 48.38 18.21 -14.14
C TYR C 95 47.76 17.95 -12.78
N CYS C 96 46.48 18.28 -12.66
CA CYS C 96 45.68 18.03 -11.47
C CYS C 96 44.78 16.83 -11.75
N LEU C 97 44.63 15.97 -10.76
CA LEU C 97 44.07 14.64 -11.03
C LEU C 97 43.39 14.11 -9.78
N ARG C 98 42.17 13.59 -9.92
CA ARG C 98 41.32 13.25 -8.79
C ARG C 98 41.15 11.75 -8.65
N GLY C 99 40.80 11.34 -7.43
CA GLY C 99 40.42 9.98 -7.09
C GLY C 99 41.58 9.18 -6.54
N TYR C 100 41.27 8.25 -5.63
CA TYR C 100 42.29 7.32 -5.16
C TYR C 100 42.77 6.44 -6.29
N ASP C 101 41.84 5.73 -6.94
CA ASP C 101 42.10 5.19 -8.26
C ASP C 101 41.72 6.28 -9.26
N VAL C 102 42.72 6.82 -9.92
CA VAL C 102 42.63 8.14 -10.51
C VAL C 102 42.02 8.04 -11.90
N ASP C 103 41.17 9.01 -12.24
CA ASP C 103 40.37 8.90 -13.45
C ASP C 103 40.40 10.16 -14.31
N TYR C 104 39.93 11.28 -13.78
CA TYR C 104 39.75 12.50 -14.56
C TYR C 104 40.92 13.44 -14.36
N TRP C 105 41.43 13.97 -15.47
CA TRP C 105 42.58 14.87 -15.50
C TRP C 105 42.14 16.30 -15.84
N GLY C 106 42.99 17.25 -15.48
CA GLY C 106 42.76 18.64 -15.79
C GLY C 106 43.37 19.04 -17.12
N GLN C 107 43.41 20.35 -17.35
CA GLN C 107 44.00 20.88 -18.58
C GLN C 107 45.52 20.89 -18.52
N GLY C 108 46.08 21.25 -17.37
CA GLY C 108 47.52 21.34 -17.22
C GLY C 108 48.04 22.76 -17.36
N THR C 109 48.94 23.15 -16.47
CA THR C 109 49.59 24.45 -16.50
C THR C 109 51.10 24.26 -16.62
N LEU C 110 51.75 25.19 -17.32
CA LEU C 110 53.17 25.08 -17.63
C LEU C 110 53.99 25.90 -16.64
N VAL C 111 54.96 25.25 -16.02
CA VAL C 111 55.87 25.90 -15.09
C VAL C 111 57.28 25.79 -15.67
N THR C 112 57.89 26.94 -15.95
CA THR C 112 59.28 27.01 -16.42
C THR C 112 60.12 27.68 -15.34
N VAL C 113 61.19 27.02 -14.93
CA VAL C 113 62.07 27.50 -13.87
C VAL C 113 63.48 27.63 -14.45
N SER C 114 63.94 28.87 -14.61
CA SER C 114 65.28 29.14 -15.10
C SER C 114 65.71 30.53 -14.66
N SER C 115 67.03 30.70 -14.57
CA SER C 115 67.65 31.91 -14.05
C SER C 115 68.11 32.87 -15.12
N ALA C 116 67.95 32.52 -16.39
CA ALA C 116 68.41 33.39 -17.46
C ALA C 116 67.50 34.61 -17.61
N SER C 117 68.04 35.63 -18.26
CA SER C 117 67.30 36.84 -18.59
C SER C 117 67.18 36.97 -20.10
N THR C 118 66.27 37.85 -20.53
CA THR C 118 65.93 37.99 -21.94
C THR C 118 67.18 38.28 -22.78
N LYS C 119 67.32 37.56 -23.88
CA LYS C 119 68.47 37.68 -24.77
C LYS C 119 68.04 37.48 -26.21
N GLY C 120 68.58 38.29 -27.11
CA GLY C 120 68.37 38.12 -28.53
C GLY C 120 69.19 36.98 -29.09
N PRO C 121 68.76 36.42 -30.21
CA PRO C 121 69.42 35.25 -30.78
C PRO C 121 70.59 35.61 -31.70
N SER C 122 71.44 34.61 -31.92
CA SER C 122 72.48 34.67 -32.93
C SER C 122 72.16 33.67 -34.04
N VAL C 123 72.27 34.11 -35.29
CA VAL C 123 71.79 33.34 -36.44
C VAL C 123 72.98 33.02 -37.33
N PHE C 124 73.13 31.74 -37.67
CA PHE C 124 74.21 31.25 -38.52
C PHE C 124 73.64 30.44 -39.67
N PRO C 125 74.25 30.53 -40.85
CA PRO C 125 73.71 29.83 -42.02
C PRO C 125 74.18 28.38 -42.09
N LEU C 126 73.40 27.58 -42.80
CA LEU C 126 73.70 26.16 -43.05
C LEU C 126 73.70 25.96 -44.56
N ALA C 127 74.88 26.12 -45.16
CA ALA C 127 75.02 26.12 -46.61
C ALA C 127 74.91 24.72 -47.18
N PRO C 128 74.46 24.59 -48.45
CA PRO C 128 74.38 23.31 -49.15
C PRO C 128 75.76 22.65 -49.34
N GLY C 129 70.59 15.48 -52.57
CA GLY C 129 70.17 14.23 -53.16
C GLY C 129 69.05 14.39 -54.18
N GLY C 130 69.42 14.68 -55.42
CA GLY C 130 68.46 15.02 -56.45
C GLY C 130 68.07 16.48 -56.36
N THR C 131 67.92 16.95 -55.11
CA THR C 131 67.67 18.35 -54.80
C THR C 131 68.52 18.72 -53.60
N ALA C 132 68.55 20.01 -53.27
CA ALA C 132 69.43 20.54 -52.24
C ALA C 132 68.65 21.13 -51.08
N ALA C 133 69.32 21.21 -49.93
CA ALA C 133 68.73 21.70 -48.70
C ALA C 133 69.69 22.66 -48.01
N LEU C 134 69.11 23.67 -47.35
CA LEU C 134 69.86 24.70 -46.66
C LEU C 134 69.01 25.23 -45.52
N GLY C 135 69.62 25.99 -44.62
CA GLY C 135 68.86 26.49 -43.49
C GLY C 135 69.62 27.48 -42.63
N CYS C 136 68.93 27.94 -41.59
CA CYS C 136 69.43 28.87 -40.60
C CYS C 136 69.55 28.19 -39.25
N LEU C 137 70.46 28.67 -38.42
CA LEU C 137 70.68 28.12 -37.08
C LEU C 137 70.50 29.25 -36.06
N VAL C 138 69.36 29.25 -35.38
CA VAL C 138 69.03 30.24 -34.36
C VAL C 138 69.36 29.60 -33.01
N LYS C 139 70.34 30.16 -32.29
CA LYS C 139 70.75 29.52 -31.05
C LYS C 139 71.19 30.56 -30.03
N ASP C 140 71.18 30.15 -28.76
CA ASP C 140 71.57 30.95 -27.60
C ASP C 140 70.64 32.14 -27.41
N TYR C 141 69.44 31.84 -26.88
CA TYR C 141 68.46 32.84 -26.51
C TYR C 141 67.53 32.20 -25.48
N PHE C 142 67.06 33.01 -24.51
CA PHE C 142 66.10 32.53 -23.51
C PHE C 142 65.00 33.56 -23.27
N PRO C 143 64.09 33.73 -24.22
CA PRO C 143 62.76 34.21 -23.87
C PRO C 143 61.68 33.74 -24.85
N GLU C 144 60.88 32.73 -24.49
CA GLU C 144 59.66 32.42 -25.23
C GLU C 144 60.07 31.97 -26.65
N PRO C 145 59.18 31.97 -27.68
CA PRO C 145 59.61 31.43 -28.97
C PRO C 145 60.18 32.44 -29.94
N VAL C 146 60.89 31.94 -30.95
CA VAL C 146 61.32 32.72 -32.11
C VAL C 146 60.60 32.18 -33.33
N THR C 147 60.04 33.07 -34.14
CA THR C 147 59.38 32.68 -35.37
C THR C 147 60.31 32.94 -36.56
N VAL C 148 60.34 31.98 -37.48
CA VAL C 148 61.23 32.04 -38.64
C VAL C 148 60.39 31.90 -39.90
N SER C 149 60.42 32.92 -40.74
CA SER C 149 59.94 32.85 -42.10
C SER C 149 61.13 32.84 -43.04
N TRP C 150 60.85 32.60 -44.33
CA TRP C 150 61.90 32.45 -45.33
C TRP C 150 61.62 33.38 -46.50
N ASN C 151 62.64 34.12 -46.90
CA ASN C 151 62.55 35.07 -48.01
C ASN C 151 61.42 36.08 -47.78
N SER C 152 61.41 36.68 -46.59
CA SER C 152 60.34 37.56 -46.12
C SER C 152 58.97 36.89 -46.23
N GLY C 153 58.95 35.55 -46.14
CA GLY C 153 57.71 34.82 -46.29
C GLY C 153 57.25 34.62 -47.71
N ALA C 154 58.18 34.65 -48.68
CA ALA C 154 57.84 34.50 -50.09
C ALA C 154 57.19 33.16 -50.36
N LEU C 155 58.01 32.14 -50.59
CA LEU C 155 57.51 30.79 -50.81
C LEU C 155 57.64 29.99 -49.53
N THR C 156 56.57 29.28 -49.18
CA THR C 156 56.49 28.54 -47.92
C THR C 156 56.38 27.04 -48.13
N SER C 157 56.70 26.54 -49.32
CA SER C 157 56.72 25.11 -49.57
C SER C 157 58.11 24.56 -49.30
N GLY C 158 58.18 23.53 -48.46
CA GLY C 158 59.44 22.92 -48.07
C GLY C 158 59.97 23.42 -46.74
N VAL C 159 59.48 24.54 -46.25
CA VAL C 159 59.94 25.09 -44.99
C VAL C 159 59.49 24.22 -43.84
N HIS C 160 60.42 23.85 -42.96
CA HIS C 160 60.09 23.18 -41.71
C HIS C 160 61.00 23.76 -40.62
N THR C 161 60.43 24.52 -39.70
CA THR C 161 61.16 25.03 -38.55
C THR C 161 61.00 24.05 -37.40
N PHE C 162 62.13 23.64 -36.84
CA PHE C 162 62.15 22.59 -35.83
C PHE C 162 61.76 23.13 -34.46
N PRO C 163 61.32 22.26 -33.55
CA PRO C 163 61.14 22.70 -32.16
C PRO C 163 62.48 23.03 -31.53
N ALA C 164 62.46 23.99 -30.62
CA ALA C 164 63.68 24.40 -29.95
C ALA C 164 64.08 23.36 -28.90
N VAL C 165 65.34 23.42 -28.50
CA VAL C 165 65.89 22.52 -27.50
C VAL C 165 66.67 23.35 -26.49
N LEU C 166 66.47 23.06 -25.20
CA LEU C 166 67.15 23.78 -24.14
C LEU C 166 68.52 23.16 -23.89
N GLN C 167 69.55 24.00 -23.88
CA GLN C 167 70.92 23.54 -23.83
C GLN C 167 71.40 23.43 -22.37
N SER C 168 72.70 23.18 -22.19
CA SER C 168 73.27 23.06 -20.86
C SER C 168 73.36 24.40 -20.15
N SER C 169 73.43 25.50 -20.89
CA SER C 169 73.61 26.81 -20.30
C SER C 169 72.30 27.48 -19.89
N GLY C 170 71.16 26.88 -20.23
CA GLY C 170 69.87 27.53 -19.99
C GLY C 170 69.43 28.43 -21.11
N LEU C 171 69.75 28.10 -22.37
CA LEU C 171 69.36 28.89 -23.53
C LEU C 171 68.85 27.97 -24.63
N TYR C 172 67.81 28.39 -25.34
CA TYR C 172 67.22 27.59 -26.40
C TYR C 172 67.98 27.72 -27.71
N SER C 173 67.68 26.81 -28.63
CA SER C 173 68.25 26.79 -29.98
C SER C 173 67.32 26.02 -30.90
N LEU C 174 67.12 26.54 -32.11
CA LEU C 174 66.34 25.82 -33.11
C LEU C 174 66.91 26.08 -34.49
N SER C 175 66.49 25.26 -35.44
CA SER C 175 66.87 25.40 -36.83
C SER C 175 65.63 25.48 -37.70
N SER C 176 65.81 26.09 -38.87
CA SER C 176 64.76 26.17 -39.89
C SER C 176 65.39 25.80 -41.22
N VAL C 177 64.73 24.93 -41.97
CA VAL C 177 65.27 24.44 -43.23
C VAL C 177 64.24 24.64 -44.32
N VAL C 178 64.74 24.85 -45.54
CA VAL C 178 63.91 25.01 -46.72
C VAL C 178 64.54 24.22 -47.86
N THR C 179 63.70 23.57 -48.66
CA THR C 179 64.14 22.76 -49.78
C THR C 179 63.92 23.54 -51.08
N VAL C 180 65.01 23.82 -51.78
CA VAL C 180 64.91 24.59 -53.02
C VAL C 180 65.50 23.74 -54.15
N PRO C 181 65.11 23.99 -55.40
CA PRO C 181 65.75 23.27 -56.52
C PRO C 181 67.25 23.54 -56.54
N SER C 182 68.02 22.46 -56.65
CA SER C 182 69.48 22.57 -56.76
C SER C 182 69.91 23.28 -58.03
N SER C 183 69.02 23.42 -59.01
CA SER C 183 69.35 24.16 -60.23
C SER C 183 69.38 25.66 -59.97
N SER C 184 68.28 26.20 -59.43
CA SER C 184 68.18 27.63 -59.16
C SER C 184 69.09 28.10 -58.04
N LEU C 185 69.70 27.18 -57.29
CA LEU C 185 70.68 27.58 -56.28
C LEU C 185 71.84 28.30 -56.95
N GLY C 186 72.23 29.43 -56.39
CA GLY C 186 73.08 30.35 -57.13
C GLY C 186 72.25 31.10 -58.16
N THR C 187 72.34 32.44 -58.15
CA THR C 187 71.50 33.32 -58.97
C THR C 187 70.02 33.15 -58.62
N GLN C 188 69.76 32.99 -57.32
CA GLN C 188 68.41 33.01 -56.75
C GLN C 188 68.57 33.08 -55.24
N THR C 189 68.43 34.28 -54.67
CA THR C 189 68.88 34.56 -53.31
C THR C 189 67.84 34.08 -52.30
N TYR C 190 68.30 33.35 -51.29
CA TYR C 190 67.46 32.84 -50.20
C TYR C 190 67.92 33.45 -48.88
N ILE C 191 67.01 34.16 -48.22
CA ILE C 191 67.27 34.68 -46.88
C ILE C 191 66.20 34.12 -45.95
N CYS C 192 66.53 34.07 -44.66
CA CYS C 192 65.57 33.71 -43.63
C CYS C 192 65.37 34.91 -42.71
N ASN C 193 64.16 35.02 -42.17
CA ASN C 193 63.78 36.14 -41.31
C ASN C 193 63.45 35.59 -39.93
N VAL C 194 64.41 35.71 -39.00
CA VAL C 194 64.20 35.35 -37.62
C VAL C 194 63.59 36.56 -36.90
N ASN C 195 62.40 36.40 -36.36
CA ASN C 195 61.72 37.44 -35.60
C ASN C 195 61.60 36.97 -34.16
N HIS C 196 62.15 37.76 -33.24
CA HIS C 196 62.20 37.40 -31.82
C HIS C 196 61.41 38.46 -31.05
N LYS C 197 60.13 38.15 -30.79
CA LYS C 197 59.23 39.14 -30.21
C LYS C 197 59.61 39.57 -28.80
N PRO C 198 60.01 38.67 -27.86
CA PRO C 198 60.29 39.11 -26.49
C PRO C 198 61.52 39.98 -26.32
N SER C 199 62.61 39.69 -27.04
CA SER C 199 63.79 40.54 -27.00
C SER C 199 63.76 41.64 -28.05
N ASN C 200 62.68 41.72 -28.84
CA ASN C 200 62.47 42.80 -29.80
C ASN C 200 63.58 42.86 -30.84
N THR C 201 64.02 41.69 -31.30
CA THR C 201 65.10 41.56 -32.26
C THR C 201 64.57 40.93 -33.54
N LYS C 202 65.05 41.40 -34.70
CA LYS C 202 64.77 40.74 -35.96
C LYS C 202 66.06 40.70 -36.78
N VAL C 203 66.51 39.49 -37.09
CA VAL C 203 67.71 39.29 -37.89
C VAL C 203 67.30 38.82 -39.28
N ASP C 204 68.05 39.25 -40.29
CA ASP C 204 67.84 38.81 -41.66
C ASP C 204 69.17 38.29 -42.19
N LYS C 205 69.21 37.00 -42.52
CA LYS C 205 70.45 36.35 -42.93
C LYS C 205 70.25 35.67 -44.28
N LYS C 206 71.10 36.03 -45.25
CA LYS C 206 71.12 35.36 -46.55
C LYS C 206 72.09 34.20 -46.50
N VAL C 207 71.63 33.04 -46.95
CA VAL C 207 72.45 31.83 -46.97
C VAL C 207 72.88 31.57 -48.40
N GLU C 208 74.20 31.56 -48.63
CA GLU C 208 74.77 31.21 -49.92
C GLU C 208 75.62 29.96 -49.77
N PRO C 209 75.81 29.21 -50.86
CA PRO C 209 76.65 28.01 -50.79
C PRO C 209 78.08 28.36 -50.37
N LYS C 210 78.71 27.42 -49.67
CA LYS C 210 80.06 27.64 -49.16
C LYS C 210 81.08 27.45 -50.29
N SER C 211 81.76 28.53 -50.64
CA SER C 211 82.87 28.46 -51.59
C SER C 211 84.09 27.98 -50.83
N CYS C 212 84.39 26.68 -50.97
CA CYS C 212 85.49 26.06 -50.23
C CYS C 212 86.82 26.31 -50.92
N ASP C 213 87.83 26.64 -50.12
CA ASP C 213 89.18 26.89 -50.63
C ASP C 213 89.84 25.60 -51.09
N GLN D 1 64.34 -4.08 -12.82
CA GLN D 1 64.70 -3.00 -13.71
C GLN D 1 64.13 -1.65 -13.25
N ALA D 2 63.07 -1.22 -13.93
CA ALA D 2 62.48 0.10 -13.74
C ALA D 2 61.05 0.02 -13.22
N VAL D 3 60.80 -0.91 -12.29
CA VAL D 3 59.53 -1.05 -11.59
C VAL D 3 58.41 -1.45 -12.53
N LEU D 4 58.35 -0.81 -13.71
CA LEU D 4 57.16 -0.89 -14.56
C LEU D 4 57.60 -0.48 -15.97
N THR D 5 57.81 -1.46 -16.83
CA THR D 5 58.43 -1.25 -18.14
C THR D 5 57.44 -1.50 -19.26
N GLN D 6 57.53 -0.67 -20.30
CA GLN D 6 56.67 -0.73 -21.47
C GLN D 6 57.51 -0.79 -22.75
N PRO D 7 56.91 -1.20 -23.88
CA PRO D 7 57.59 -1.05 -25.16
C PRO D 7 57.57 0.39 -25.62
N SER D 8 58.61 0.77 -26.38
CA SER D 8 58.72 2.14 -26.88
C SER D 8 57.56 2.49 -27.81
N SER D 9 57.42 1.75 -28.90
CA SER D 9 56.33 2.00 -29.83
C SER D 9 56.01 0.72 -30.59
N LEU D 10 54.83 0.71 -31.20
CA LEU D 10 54.49 -0.29 -32.20
C LEU D 10 53.48 0.32 -33.16
N SER D 11 53.38 -0.26 -34.34
CA SER D 11 52.48 0.23 -35.37
C SER D 11 51.72 -0.94 -35.98
N ALA D 12 50.44 -0.71 -36.28
CA ALA D 12 49.63 -1.71 -36.95
C ALA D 12 48.56 -1.02 -37.77
N SER D 13 48.01 -1.76 -38.73
CA SER D 13 47.07 -1.26 -39.73
C SER D 13 45.66 -1.22 -39.18
N PRO D 14 44.83 -0.30 -39.68
CA PRO D 14 43.42 -0.25 -39.25
C PRO D 14 42.73 -1.59 -39.43
N GLY D 15 42.03 -2.02 -38.38
CA GLY D 15 41.37 -3.31 -38.35
C GLY D 15 42.16 -4.38 -37.62
N ALA D 16 43.48 -4.25 -37.58
CA ALA D 16 44.30 -5.24 -36.90
C ALA D 16 44.03 -5.22 -35.40
N SER D 17 44.49 -6.27 -34.73
CA SER D 17 44.37 -6.40 -33.28
C SER D 17 45.76 -6.32 -32.65
N VAL D 18 45.92 -5.41 -31.70
CA VAL D 18 47.20 -5.21 -31.04
C VAL D 18 47.01 -5.43 -29.55
N SER D 19 48.11 -5.75 -28.89
CA SER D 19 48.12 -5.94 -27.45
C SER D 19 49.32 -5.23 -26.88
N LEU D 20 49.09 -4.44 -25.83
CA LEU D 20 50.13 -3.63 -25.20
C LEU D 20 50.50 -4.24 -23.86
N THR D 21 51.80 -4.38 -23.62
CA THR D 21 52.31 -5.05 -22.43
C THR D 21 52.93 -4.05 -21.47
N CYS D 22 52.50 -4.09 -20.21
CA CYS D 22 53.09 -3.27 -19.14
C CYS D 22 53.70 -4.26 -18.16
N THR D 23 55.03 -4.39 -18.21
CA THR D 23 55.70 -5.60 -17.73
C THR D 23 55.80 -5.66 -16.21
N LEU D 24 56.33 -4.61 -15.58
CA LEU D 24 56.63 -4.54 -14.15
C LEU D 24 57.64 -5.60 -13.72
N ARG D 25 58.70 -5.18 -13.02
CA ARG D 25 59.86 -6.04 -12.85
C ARG D 25 59.55 -7.28 -12.03
N SER D 26 60.08 -8.42 -12.48
CA SER D 26 60.00 -9.66 -11.74
C SER D 26 60.67 -9.48 -10.39
N ALA D 27 59.89 -9.10 -9.37
CA ALA D 27 60.46 -8.86 -8.06
C ALA D 27 59.40 -9.07 -6.98
N ILE D 28 59.32 -8.14 -6.03
CA ILE D 28 58.37 -8.21 -4.92
C ILE D 28 56.94 -8.15 -5.45
N ASN D 29 56.79 -7.96 -6.76
CA ASN D 29 55.49 -7.71 -7.37
C ASN D 29 55.12 -8.85 -8.30
N VAL D 30 53.82 -9.20 -8.29
CA VAL D 30 53.28 -10.19 -9.21
C VAL D 30 52.12 -9.56 -9.98
N GLY D 31 51.17 -10.37 -10.44
CA GLY D 31 50.06 -9.85 -11.19
C GLY D 31 48.80 -9.65 -10.36
N THR D 32 48.97 -9.43 -9.05
CA THR D 32 47.84 -9.22 -8.14
C THR D 32 47.71 -7.76 -7.72
N TYR D 33 47.97 -6.86 -8.66
CA TYR D 33 47.78 -5.42 -8.46
C TYR D 33 46.73 -4.92 -9.44
N ARG D 34 46.30 -3.67 -9.24
CA ARG D 34 45.39 -3.02 -10.18
C ARG D 34 46.18 -2.27 -11.23
N ILE D 35 45.87 -2.55 -12.49
CA ILE D 35 46.51 -1.90 -13.63
C ILE D 35 45.55 -0.84 -14.18
N TYR D 36 46.03 0.39 -14.32
CA TYR D 36 45.24 1.50 -14.83
C TYR D 36 45.87 1.96 -16.14
N TRP D 37 45.11 1.96 -17.22
CA TRP D 37 45.61 2.34 -18.53
C TRP D 37 45.09 3.73 -18.90
N TYR D 38 45.94 4.50 -19.60
CA TYR D 38 45.57 5.85 -20.02
C TYR D 38 46.01 6.09 -21.46
N GLN D 39 45.24 6.91 -22.14
CA GLN D 39 45.51 7.33 -23.51
C GLN D 39 45.74 8.84 -23.52
N GLN D 40 46.70 9.30 -24.31
CA GLN D 40 47.06 10.72 -24.40
C GLN D 40 47.43 11.04 -25.85
N LYS D 41 46.44 11.48 -26.62
CA LYS D 41 46.72 11.84 -28.01
C LYS D 41 47.54 13.12 -28.03
N PRO D 42 48.53 13.21 -28.91
CA PRO D 42 49.55 14.28 -28.79
C PRO D 42 48.95 15.67 -28.69
N GLY D 43 49.46 16.44 -27.72
CA GLY D 43 49.01 17.79 -27.49
C GLY D 43 47.88 17.94 -26.48
N SER D 44 47.33 16.83 -26.00
CA SER D 44 46.18 16.86 -25.11
C SER D 44 46.53 16.20 -23.78
N PRO D 45 45.73 16.41 -22.73
CA PRO D 45 45.98 15.73 -21.45
C PRO D 45 45.51 14.30 -21.50
N PRO D 46 45.94 13.47 -20.55
CA PRO D 46 45.56 12.05 -20.57
C PRO D 46 44.07 11.84 -20.38
N ARG D 47 43.62 10.64 -20.73
CA ARG D 47 42.26 10.17 -20.50
C ARG D 47 42.30 8.83 -19.78
N TYR D 48 41.42 8.67 -18.80
CA TYR D 48 41.21 7.35 -18.22
C TYR D 48 40.65 6.40 -19.27
N LEU D 49 41.20 5.19 -19.30
CA LEU D 49 40.81 4.21 -20.31
C LEU D 49 40.10 3.02 -19.69
N LEU D 50 40.76 2.24 -18.85
CA LEU D 50 40.13 1.13 -18.14
C LEU D 50 40.98 0.75 -16.94
N ARG D 51 40.68 -0.40 -16.35
CA ARG D 51 41.30 -0.86 -15.12
C ARG D 51 41.03 -2.35 -14.98
N TYR D 52 42.03 -3.10 -14.49
CA TYR D 52 41.86 -4.55 -14.39
C TYR D 52 42.58 -5.07 -13.16
N LYS D 53 42.03 -6.17 -12.61
CA LYS D 53 42.55 -6.92 -11.47
C LYS D 53 41.56 -8.04 -11.20
N SER D 54 41.76 -9.21 -11.81
CA SER D 54 40.78 -10.30 -11.78
C SER D 54 39.47 -9.91 -12.48
N GLY D 55 38.78 -10.90 -13.02
CA GLY D 55 37.55 -10.62 -13.77
C GLY D 55 36.40 -10.11 -12.92
N LEU D 56 36.54 -10.09 -11.59
CA LEU D 56 35.49 -9.61 -10.71
C LEU D 56 35.72 -8.19 -10.22
N ASP D 57 36.89 -7.60 -10.47
CA ASP D 57 37.10 -6.18 -10.23
C ASP D 57 36.89 -5.43 -11.54
N LYS D 58 37.93 -4.73 -12.01
CA LYS D 58 37.99 -4.18 -13.36
C LYS D 58 36.92 -3.14 -13.65
N HIS D 59 37.08 -2.39 -14.74
CA HIS D 59 36.28 -1.20 -15.03
C HIS D 59 36.69 -0.61 -16.38
N GLN D 60 35.73 -0.10 -17.14
CA GLN D 60 36.02 0.63 -18.37
C GLN D 60 35.47 2.04 -18.26
N GLY D 61 36.28 3.01 -18.72
CA GLY D 61 35.94 4.40 -18.52
C GLY D 61 34.68 4.82 -19.27
N SER D 62 34.08 5.91 -18.79
CA SER D 62 32.84 6.43 -19.36
C SER D 62 33.12 6.97 -20.76
N GLY D 63 32.52 6.31 -21.76
CA GLY D 63 32.71 6.71 -23.14
C GLY D 63 33.80 5.97 -23.89
N VAL D 64 34.48 5.03 -23.24
CA VAL D 64 35.55 4.28 -23.90
C VAL D 64 34.94 3.16 -24.72
N PRO D 65 35.33 3.00 -25.99
CA PRO D 65 34.70 1.98 -26.84
C PRO D 65 34.93 0.57 -26.30
N SER D 66 34.08 -0.34 -26.77
CA SER D 66 34.12 -1.73 -26.30
C SER D 66 35.35 -2.48 -26.78
N ARG D 67 35.99 -2.02 -27.85
CA ARG D 67 37.14 -2.73 -28.39
C ARG D 67 38.35 -2.69 -27.48
N PHE D 68 38.36 -1.85 -26.46
CA PHE D 68 39.41 -1.84 -25.45
C PHE D 68 39.06 -2.81 -24.34
N SER D 69 40.08 -3.54 -23.87
CA SER D 69 39.87 -4.54 -22.83
C SER D 69 41.22 -4.94 -22.26
N GLY D 70 41.26 -5.18 -20.96
CA GLY D 70 42.53 -5.46 -20.31
C GLY D 70 42.57 -6.78 -19.57
N SER D 71 43.60 -7.58 -19.84
CA SER D 71 43.85 -8.82 -19.13
C SER D 71 45.28 -8.77 -18.57
N LYS D 72 45.72 -9.89 -17.99
CA LYS D 72 47.09 -10.04 -17.53
C LYS D 72 47.59 -11.41 -17.93
N ASP D 73 48.64 -11.45 -18.74
CA ASP D 73 49.35 -12.70 -19.01
C ASP D 73 50.31 -12.94 -17.86
N ASP D 74 50.06 -13.99 -17.08
CA ASP D 74 50.93 -14.33 -15.97
C ASP D 74 52.27 -14.83 -16.52
N SER D 75 53.08 -15.42 -15.65
CA SER D 75 54.43 -15.87 -16.00
C SER D 75 55.31 -14.69 -16.41
N ALA D 76 54.79 -13.81 -17.28
CA ALA D 76 55.48 -12.59 -17.66
C ALA D 76 55.13 -11.40 -16.77
N ASN D 77 54.33 -11.62 -15.71
CA ASN D 77 54.02 -10.62 -14.69
C ASN D 77 53.22 -9.44 -15.24
N ALA D 78 53.07 -9.36 -16.55
CA ALA D 78 52.65 -8.14 -17.22
C ALA D 78 51.13 -8.06 -17.38
N GLY D 79 50.61 -6.83 -17.23
CA GLY D 79 49.25 -6.56 -17.64
C GLY D 79 49.16 -6.25 -19.12
N ILE D 80 47.96 -6.38 -19.67
CA ILE D 80 47.75 -6.29 -21.10
C ILE D 80 46.62 -5.30 -21.41
N LEU D 81 46.72 -4.67 -22.58
CA LEU D 81 45.65 -3.85 -23.14
C LEU D 81 45.35 -4.36 -24.55
N PHE D 82 44.26 -5.12 -24.69
CA PHE D 82 43.79 -5.51 -26.01
C PHE D 82 43.08 -4.34 -26.68
N ILE D 83 43.48 -4.04 -27.91
CA ILE D 83 42.74 -3.14 -28.79
C ILE D 83 42.49 -3.92 -30.08
N SER D 84 41.37 -4.62 -30.15
CA SER D 84 40.98 -5.37 -31.33
C SER D 84 40.09 -4.50 -32.21
N GLY D 85 40.43 -4.43 -33.50
CA GLY D 85 39.72 -3.53 -34.39
C GLY D 85 40.27 -2.12 -34.29
N LEU D 86 41.53 -1.96 -34.66
CA LEU D 86 42.20 -0.67 -34.57
C LEU D 86 41.53 0.35 -35.50
N GLN D 87 41.59 1.62 -35.09
CA GLN D 87 41.07 2.71 -35.91
C GLN D 87 41.98 3.92 -35.76
N SER D 88 41.84 4.86 -36.70
CA SER D 88 42.70 6.04 -36.74
C SER D 88 42.48 6.97 -35.54
N GLU D 89 41.43 6.76 -34.76
CA GLU D 89 41.24 7.57 -33.56
C GLU D 89 42.05 7.06 -32.37
N ASP D 90 42.84 6.01 -32.54
CA ASP D 90 43.58 5.40 -31.46
C ASP D 90 45.08 5.71 -31.50
N GLU D 91 45.54 6.50 -32.46
CA GLU D 91 46.94 6.90 -32.47
C GLU D 91 47.20 7.84 -31.31
N ALA D 92 47.99 7.38 -30.34
CA ALA D 92 48.23 8.13 -29.11
C ALA D 92 49.39 7.49 -28.36
N ASP D 93 49.65 7.97 -27.15
CA ASP D 93 50.59 7.36 -26.23
C ASP D 93 49.81 6.70 -25.10
N TYR D 94 50.28 5.54 -24.65
CA TYR D 94 49.56 4.75 -23.65
C TYR D 94 50.49 4.43 -22.48
N TYR D 95 50.09 4.85 -21.29
CA TYR D 95 50.82 4.59 -20.06
C TYR D 95 49.99 3.67 -19.17
N CYS D 96 50.63 3.11 -18.14
CA CYS D 96 49.91 2.30 -17.16
C CYS D 96 50.35 2.65 -15.73
N LEU D 97 49.48 2.30 -14.77
CA LEU D 97 49.59 2.73 -13.38
C LEU D 97 49.58 1.55 -12.41
N ILE D 98 50.31 1.72 -11.30
CA ILE D 98 50.28 0.80 -10.15
C ILE D 98 50.45 1.62 -8.88
N TRP D 99 49.78 1.18 -7.81
CA TRP D 99 50.08 1.64 -6.45
C TRP D 99 51.12 0.71 -5.83
N HIS D 100 52.24 1.28 -5.39
CA HIS D 100 53.29 0.46 -4.80
C HIS D 100 53.46 0.77 -3.32
N SER D 101 54.71 0.87 -2.85
CA SER D 101 54.99 1.18 -1.45
C SER D 101 54.51 2.60 -1.16
N SER D 102 53.18 2.72 -1.04
CA SER D 102 52.49 3.99 -1.28
C SER D 102 52.95 4.53 -2.61
N ALA D 103 52.82 5.84 -2.84
CA ALA D 103 53.18 6.46 -4.12
C ALA D 103 52.44 5.80 -5.29
N VAL D 104 52.63 6.30 -6.50
CA VAL D 104 51.97 5.68 -7.64
C VAL D 104 52.83 5.89 -8.88
N VAL D 105 53.27 4.79 -9.47
CA VAL D 105 54.32 4.78 -10.48
C VAL D 105 53.73 4.53 -11.85
N PHE D 106 54.23 5.26 -12.84
CA PHE D 106 53.78 5.16 -14.23
C PHE D 106 54.70 4.25 -15.02
N GLY D 107 54.26 3.93 -16.24
CA GLY D 107 55.12 3.30 -17.22
C GLY D 107 55.76 4.32 -18.13
N GLY D 108 56.66 3.83 -18.98
CA GLY D 108 57.32 4.71 -19.93
C GLY D 108 56.39 5.22 -21.02
N GLY D 109 55.37 4.46 -21.35
CA GLY D 109 54.46 4.82 -22.42
C GLY D 109 54.75 4.06 -23.69
N THR D 110 53.76 4.05 -24.60
CA THR D 110 53.90 3.39 -25.89
C THR D 110 53.31 4.27 -26.98
N LYS D 111 54.12 4.58 -27.99
CA LYS D 111 53.69 5.45 -29.10
C LYS D 111 53.01 4.58 -30.15
N LEU D 112 51.71 4.36 -29.96
CA LEU D 112 50.93 3.57 -30.91
C LEU D 112 50.73 4.38 -32.18
N THR D 113 51.13 3.81 -33.32
CA THR D 113 51.09 4.49 -34.61
C THR D 113 50.17 3.70 -35.53
N VAL D 114 48.89 4.10 -35.58
CA VAL D 114 47.94 3.51 -36.52
C VAL D 114 48.28 4.04 -37.91
N LEU D 115 48.83 3.19 -38.77
CA LEU D 115 49.37 3.65 -40.04
C LEU D 115 48.24 4.09 -40.98
N GLY D 116 48.57 5.06 -41.83
CA GLY D 116 47.68 5.54 -42.86
C GLY D 116 48.50 6.07 -44.02
N GLN D 117 49.76 5.62 -44.09
CA GLN D 117 50.73 6.07 -45.07
C GLN D 117 51.83 5.00 -45.14
N PRO D 118 52.41 4.76 -46.31
CA PRO D 118 53.52 3.81 -46.38
C PRO D 118 54.72 4.32 -45.60
N LYS D 119 55.44 3.39 -44.97
CA LYS D 119 56.58 3.75 -44.15
C LYS D 119 57.67 4.40 -44.98
N ALA D 120 58.40 5.33 -44.36
CA ALA D 120 59.48 6.05 -45.01
C ALA D 120 60.73 6.01 -44.13
N ALA D 121 61.88 5.96 -44.78
CA ALA D 121 63.17 5.96 -44.11
C ALA D 121 63.68 7.37 -43.90
N PRO D 122 64.41 7.60 -42.81
CA PRO D 122 64.86 8.96 -42.50
C PRO D 122 65.90 9.45 -43.50
N SER D 123 65.81 10.74 -43.83
CA SER D 123 66.78 11.41 -44.71
C SER D 123 67.67 12.28 -43.84
N VAL D 124 68.85 11.77 -43.52
CA VAL D 124 69.76 12.41 -42.59
C VAL D 124 70.65 13.39 -43.35
N THR D 125 70.84 14.57 -42.76
CA THR D 125 71.77 15.57 -43.27
C THR D 125 72.58 16.11 -42.11
N LEU D 126 73.90 16.06 -42.22
CA LEU D 126 74.80 16.42 -41.14
C LEU D 126 75.60 17.65 -41.55
N PHE D 127 75.37 18.76 -40.84
CA PHE D 127 75.97 20.06 -41.13
C PHE D 127 77.18 20.31 -40.25
N PRO D 128 78.33 20.67 -40.83
CA PRO D 128 79.50 20.99 -40.02
C PRO D 128 79.34 22.35 -39.36
N PRO D 129 80.25 22.73 -38.47
CA PRO D 129 80.26 24.11 -37.99
C PRO D 129 80.57 25.07 -39.14
N SER D 130 80.02 26.27 -39.05
CA SER D 130 80.17 27.25 -40.12
C SER D 130 81.39 28.14 -39.87
N SER D 131 81.66 29.00 -40.85
CA SER D 131 82.78 29.92 -40.72
C SER D 131 82.52 30.95 -39.63
N GLU D 132 81.31 31.50 -39.59
CA GLU D 132 80.96 32.44 -38.53
C GLU D 132 80.97 31.76 -37.17
N GLU D 133 80.37 30.58 -37.08
CA GLU D 133 80.25 29.83 -35.82
C GLU D 133 81.61 29.26 -35.43
N LEU D 134 82.67 30.07 -35.56
CA LEU D 134 84.00 29.58 -35.25
C LEU D 134 84.94 30.75 -34.95
N GLN D 135 84.71 31.89 -35.63
CA GLN D 135 85.36 33.12 -35.20
C GLN D 135 84.88 33.54 -33.82
N ALA D 136 83.64 33.18 -33.46
CA ALA D 136 83.08 33.46 -32.15
C ALA D 136 83.34 32.34 -31.15
N ASN D 137 84.46 31.62 -31.32
CA ASN D 137 84.72 30.38 -30.58
C ASN D 137 83.55 29.42 -30.82
N LYS D 138 83.45 28.37 -30.00
CA LYS D 138 82.33 27.43 -30.03
C LYS D 138 82.20 26.68 -31.36
N ALA D 139 81.66 25.47 -31.30
CA ALA D 139 81.39 24.68 -32.49
C ALA D 139 80.09 23.94 -32.28
N THR D 140 79.36 23.71 -33.38
CA THR D 140 78.04 23.10 -33.28
C THR D 140 77.74 22.33 -34.56
N LEU D 141 77.79 21.00 -34.47
CA LEU D 141 77.32 20.16 -35.57
C LEU D 141 75.82 19.96 -35.45
N VAL D 142 75.14 19.94 -36.59
CA VAL D 142 73.69 19.80 -36.65
C VAL D 142 73.37 18.57 -37.47
N CYS D 143 72.48 17.73 -36.95
CA CYS D 143 71.98 16.56 -37.66
C CYS D 143 70.48 16.73 -37.87
N LEU D 144 70.03 16.55 -39.11
CA LEU D 144 68.65 16.84 -39.48
C LEU D 144 68.03 15.58 -40.10
N ILE D 145 67.13 14.96 -39.35
CA ILE D 145 66.50 13.70 -39.74
C ILE D 145 65.10 14.01 -40.22
N SER D 146 64.83 13.78 -41.50
CA SER D 146 63.61 14.25 -42.13
C SER D 146 62.91 13.13 -42.89
N ASP D 147 61.58 13.23 -42.96
CA ASP D 147 60.72 12.38 -43.78
C ASP D 147 60.78 10.91 -43.39
N PHE D 148 60.00 10.54 -42.40
CA PHE D 148 59.84 9.15 -41.99
C PHE D 148 58.48 9.03 -41.32
N TYR D 149 57.78 7.92 -41.55
CA TYR D 149 56.41 7.88 -41.06
C TYR D 149 56.30 7.32 -39.65
N PRO D 150 56.90 6.16 -39.31
CA PRO D 150 56.91 5.76 -37.90
C PRO D 150 57.72 6.75 -37.07
N GLY D 151 57.07 7.82 -36.61
CA GLY D 151 57.75 8.92 -35.95
C GLY D 151 58.44 8.58 -34.64
N ALA D 152 59.44 7.71 -34.70
CA ALA D 152 60.23 7.35 -33.52
C ALA D 152 61.61 6.91 -33.99
N VAL D 153 62.64 7.68 -33.64
CA VAL D 153 64.00 7.40 -34.07
C VAL D 153 64.90 7.38 -32.84
N THR D 154 66.15 6.98 -33.04
CA THR D 154 67.14 6.90 -31.97
C THR D 154 68.46 7.46 -32.50
N VAL D 155 68.78 8.69 -32.12
CA VAL D 155 69.98 9.37 -32.59
C VAL D 155 71.10 9.17 -31.58
N ALA D 156 72.32 9.06 -32.09
CA ALA D 156 73.51 8.96 -31.26
C ALA D 156 74.70 9.45 -32.07
N TRP D 157 75.58 10.20 -31.43
CA TRP D 157 76.76 10.74 -32.09
C TRP D 157 77.99 9.91 -31.77
N LYS D 158 78.92 9.85 -32.72
CA LYS D 158 80.18 9.14 -32.57
C LYS D 158 81.32 10.06 -32.98
N ALA D 159 82.44 9.97 -32.25
CA ALA D 159 83.65 10.74 -32.54
C ALA D 159 84.77 9.75 -32.86
N ASP D 160 85.19 9.73 -34.13
CA ASP D 160 86.24 8.81 -34.60
C ASP D 160 85.83 7.36 -34.41
N GLY D 161 84.56 7.07 -34.65
CA GLY D 161 84.05 5.72 -34.48
C GLY D 161 83.64 5.44 -33.05
N SER D 162 84.36 6.03 -32.11
CA SER D 162 84.02 5.91 -30.71
C SER D 162 82.80 6.77 -30.39
N PRO D 163 81.92 6.32 -29.51
CA PRO D 163 80.72 7.11 -29.19
C PRO D 163 81.03 8.22 -28.20
N VAL D 164 80.22 9.27 -28.27
CA VAL D 164 80.23 10.34 -27.29
C VAL D 164 78.86 10.99 -27.27
N LYS D 165 78.29 11.13 -26.08
CA LYS D 165 77.07 11.90 -25.88
C LYS D 165 77.30 13.04 -24.91
N ALA D 166 78.55 13.39 -24.66
CA ALA D 166 78.89 14.55 -23.85
C ALA D 166 78.61 15.82 -24.65
N GLY D 167 77.51 16.50 -24.31
CA GLY D 167 77.14 17.72 -24.98
C GLY D 167 76.23 17.51 -26.17
N VAL D 168 75.22 16.68 -26.00
CA VAL D 168 74.26 16.38 -27.08
C VAL D 168 72.85 16.56 -26.53
N GLU D 169 72.10 17.49 -27.11
CA GLU D 169 70.69 17.67 -26.84
C GLU D 169 69.92 17.48 -28.14
N THR D 170 68.79 16.77 -28.06
CA THR D 170 68.08 16.30 -29.25
C THR D 170 66.59 16.58 -29.11
N THR D 171 65.96 17.00 -30.21
CA THR D 171 64.53 17.21 -30.24
C THR D 171 63.79 15.90 -30.52
N LYS D 172 62.49 15.93 -30.33
CA LYS D 172 61.71 14.77 -30.69
C LYS D 172 60.84 15.06 -31.92
N PRO D 173 60.48 14.04 -32.70
CA PRO D 173 59.86 14.29 -34.01
C PRO D 173 58.61 15.14 -33.93
N SER D 174 58.38 15.90 -34.99
CA SER D 174 57.23 16.80 -35.09
C SER D 174 56.58 16.64 -36.45
N LYS D 175 55.26 16.84 -36.50
CA LYS D 175 54.54 16.77 -37.76
C LYS D 175 55.05 17.83 -38.72
N GLN D 176 55.11 17.48 -40.01
CA GLN D 176 55.49 18.45 -41.02
C GLN D 176 54.40 18.58 -42.08
N SER D 177 54.75 19.19 -43.23
CA SER D 177 53.75 19.46 -44.25
C SER D 177 53.22 18.18 -44.89
N ASN D 178 54.11 17.29 -45.30
CA ASN D 178 53.69 16.09 -46.01
C ASN D 178 53.28 14.98 -45.04
N ASN D 179 52.76 15.36 -43.88
CA ASN D 179 52.16 14.47 -42.89
C ASN D 179 53.13 13.45 -42.32
N LYS D 180 54.42 13.51 -42.66
CA LYS D 180 55.42 12.65 -42.05
C LYS D 180 56.04 13.34 -40.85
N TYR D 181 57.17 12.83 -40.36
CA TYR D 181 57.77 13.33 -39.13
C TYR D 181 59.24 13.67 -39.36
N ALA D 182 59.76 14.55 -38.51
CA ALA D 182 61.12 15.04 -38.64
C ALA D 182 61.63 15.50 -37.28
N ALA D 183 62.91 15.22 -37.01
CA ALA D 183 63.54 15.58 -35.74
C ALA D 183 64.97 16.05 -36.00
N SER D 184 65.55 16.71 -34.99
CA SER D 184 66.87 17.31 -35.11
C SER D 184 67.70 17.02 -33.86
N SER D 185 69.02 17.01 -34.04
CA SER D 185 69.96 16.77 -32.96
C SER D 185 71.20 17.63 -33.16
N TYR D 186 71.75 18.15 -32.07
CA TYR D 186 72.89 19.04 -32.11
C TYR D 186 73.98 18.53 -31.18
N LEU D 187 75.23 18.56 -31.66
CA LEU D 187 76.40 18.24 -30.84
C LEU D 187 77.22 19.51 -30.69
N SER D 188 77.30 20.02 -29.46
CA SER D 188 78.07 21.23 -29.17
C SER D 188 79.50 20.85 -28.81
N LEU D 189 80.46 21.55 -29.43
CA LEU D 189 81.88 21.27 -29.22
C LEU D 189 82.60 22.56 -28.87
N THR D 190 83.91 22.55 -29.10
CA THR D 190 84.77 23.72 -29.10
C THR D 190 85.61 23.65 -30.36
N PRO D 191 86.19 24.78 -30.80
CA PRO D 191 87.10 24.71 -31.96
C PRO D 191 88.22 23.71 -31.78
N GLU D 192 88.69 23.54 -30.54
CA GLU D 192 89.74 22.56 -30.27
C GLU D 192 89.26 21.14 -30.49
N GLN D 193 88.01 20.84 -30.13
CA GLN D 193 87.48 19.51 -30.34
C GLN D 193 87.18 19.24 -31.81
N TRP D 194 86.52 20.20 -32.48
CA TRP D 194 86.14 19.98 -33.87
C TRP D 194 87.38 19.80 -34.76
N LYS D 195 88.45 20.54 -34.48
CA LYS D 195 89.64 20.45 -35.32
C LYS D 195 90.57 19.31 -34.93
N SER D 196 90.41 18.76 -33.71
CA SER D 196 91.35 17.72 -33.26
C SER D 196 90.99 16.35 -33.83
N HIS D 197 89.71 15.99 -33.82
CA HIS D 197 89.32 14.67 -34.30
C HIS D 197 89.19 14.66 -35.82
N ARG D 198 89.38 13.47 -36.40
CA ARG D 198 89.35 13.33 -37.85
C ARG D 198 87.93 13.21 -38.38
N SER D 199 87.07 12.47 -37.68
CA SER D 199 85.71 12.22 -38.15
C SER D 199 84.70 12.45 -37.04
N TYR D 200 83.47 12.73 -37.46
CA TYR D 200 82.31 12.85 -36.58
C TYR D 200 81.12 12.23 -37.30
N SER D 201 80.24 11.57 -36.56
CA SER D 201 79.14 10.87 -37.21
C SER D 201 77.87 10.97 -36.38
N CYS D 202 76.74 11.17 -37.08
CA CYS D 202 75.41 11.16 -36.50
C CYS D 202 74.70 9.91 -36.99
N GLN D 203 74.35 9.02 -36.06
CA GLN D 203 73.77 7.73 -36.38
C GLN D 203 72.35 7.66 -35.86
N VAL D 204 71.42 7.26 -36.73
CA VAL D 204 70.02 7.14 -36.36
C VAL D 204 69.58 5.69 -36.57
N THR D 205 68.57 5.28 -35.81
CA THR D 205 68.01 3.94 -35.90
C THR D 205 66.49 4.05 -35.99
N HIS D 206 65.91 3.48 -37.03
CA HIS D 206 64.48 3.62 -37.29
C HIS D 206 63.97 2.35 -37.94
N GLU D 207 63.22 1.55 -37.17
CA GLU D 207 62.74 0.24 -37.60
C GLU D 207 63.89 -0.68 -38.00
N GLY D 208 64.86 -0.82 -37.09
CA GLY D 208 66.01 -1.69 -37.29
C GLY D 208 67.15 -1.14 -38.13
N SER D 209 66.84 -0.37 -39.17
CA SER D 209 67.86 0.19 -40.02
C SER D 209 68.68 1.23 -39.27
N THR D 210 69.92 1.44 -39.73
CA THR D 210 70.86 2.31 -39.02
C THR D 210 71.61 3.16 -40.05
N VAL D 211 71.12 4.38 -40.26
CA VAL D 211 71.81 5.34 -41.12
C VAL D 211 72.86 6.07 -40.30
N GLU D 212 73.97 6.43 -40.95
CA GLU D 212 75.11 6.99 -40.23
C GLU D 212 75.92 7.84 -41.21
N LYS D 213 75.78 9.16 -41.10
CA LYS D 213 76.53 10.10 -41.91
C LYS D 213 77.78 10.55 -41.16
N THR D 214 78.80 10.95 -41.91
CA THR D 214 80.10 11.28 -41.33
C THR D 214 80.71 12.48 -42.05
N VAL D 215 81.25 13.42 -41.27
CA VAL D 215 81.91 14.61 -41.80
C VAL D 215 83.35 14.66 -41.27
N ALA D 216 84.13 15.60 -41.81
CA ALA D 216 85.53 15.75 -41.45
C ALA D 216 85.99 17.15 -41.80
N PRO D 217 86.92 17.73 -41.03
CA PRO D 217 87.49 19.03 -41.41
C PRO D 217 88.25 18.95 -42.73
N THR D 218 87.72 19.59 -43.77
CA THR D 218 88.36 19.61 -45.09
C THR D 218 88.87 21.01 -45.42
N GLU E 1 -28.52 -0.40 23.42
CA GLU E 1 -29.61 -0.56 24.37
C GLU E 1 -30.52 0.66 24.35
N VAL E 2 -31.66 0.54 23.67
CA VAL E 2 -32.62 1.64 23.58
C VAL E 2 -33.61 1.54 24.72
N GLN E 3 -33.72 2.61 25.51
CA GLN E 3 -34.68 2.67 26.59
C GLN E 3 -35.50 3.96 26.47
N LEU E 4 -36.79 3.84 26.73
CA LEU E 4 -37.70 4.98 26.79
C LEU E 4 -38.48 4.91 28.10
N VAL E 5 -38.41 5.99 28.88
CA VAL E 5 -39.03 6.05 30.19
C VAL E 5 -39.90 7.29 30.25
N GLU E 6 -41.21 7.11 30.42
CA GLU E 6 -42.13 8.22 30.54
C GLU E 6 -42.53 8.43 31.99
N SER E 7 -42.97 9.65 32.28
CA SER E 7 -43.37 10.05 33.63
C SER E 7 -44.42 11.14 33.52
N GLY E 8 -44.81 11.70 34.66
CA GLY E 8 -45.80 12.75 34.71
C GLY E 8 -47.22 12.28 34.95
N GLY E 9 -47.48 10.97 34.88
CA GLY E 9 -48.83 10.47 35.10
C GLY E 9 -49.18 10.43 36.57
N GLY E 10 -50.46 10.67 36.85
CA GLY E 10 -50.95 10.64 38.21
C GLY E 10 -52.46 10.59 38.31
N LEU E 11 -53.03 11.45 39.15
CA LEU E 11 -54.47 11.51 39.37
C LEU E 11 -54.92 12.97 39.24
N VAL E 12 -55.95 13.20 38.44
CA VAL E 12 -56.38 14.56 38.10
C VAL E 12 -57.89 14.68 38.18
N GLN E 13 -58.34 15.89 38.52
CA GLN E 13 -59.76 16.21 38.42
C GLN E 13 -60.18 16.26 36.95
N PRO E 14 -61.40 15.82 36.64
CA PRO E 14 -61.87 15.88 35.25
C PRO E 14 -61.99 17.31 34.75
N GLY E 15 -61.05 17.72 33.91
CA GLY E 15 -60.98 19.08 33.43
C GLY E 15 -59.60 19.66 33.62
N GLY E 16 -58.83 19.06 34.52
CA GLY E 16 -57.48 19.50 34.80
C GLY E 16 -56.53 19.21 33.64
N SER E 17 -55.24 19.31 33.97
CA SER E 17 -54.19 19.20 32.96
C SER E 17 -53.05 18.32 33.48
N LEU E 18 -52.26 17.81 32.53
CA LEU E 18 -51.11 16.98 32.85
C LEU E 18 -50.07 17.13 31.75
N ARG E 19 -48.80 16.98 32.12
CA ARG E 19 -47.67 17.11 31.20
C ARG E 19 -46.83 15.84 31.31
N LEU E 20 -47.01 14.93 30.35
CA LEU E 20 -46.25 13.69 30.32
C LEU E 20 -44.92 13.93 29.61
N SER E 21 -43.88 13.21 30.05
CA SER E 21 -42.52 13.47 29.57
C SER E 21 -41.81 12.13 29.38
N CYS E 22 -41.66 11.71 28.11
CA CYS E 22 -40.91 10.51 27.78
C CYS E 22 -39.47 10.92 27.45
N ALA E 23 -38.51 10.36 28.19
CA ALA E 23 -37.10 10.68 28.02
C ALA E 23 -36.40 9.55 27.29
N ALA E 24 -35.66 9.89 26.23
CA ALA E 24 -35.08 8.93 25.30
C ALA E 24 -33.59 8.77 25.52
N SER E 25 -33.11 7.53 25.39
CA SER E 25 -31.70 7.22 25.52
C SER E 25 -31.39 5.97 24.72
N GLY E 26 -30.15 5.87 24.25
CA GLY E 26 -29.68 4.69 23.53
C GLY E 26 -29.62 4.84 22.02
N PHE E 27 -30.38 5.77 21.45
CA PHE E 27 -30.39 6.02 20.02
C PHE E 27 -30.31 7.52 19.78
N THR E 28 -30.18 7.90 18.51
CA THR E 28 -30.23 9.32 18.14
C THR E 28 -31.67 9.81 18.25
N PHE E 29 -31.95 10.63 19.27
CA PHE E 29 -33.34 11.03 19.50
C PHE E 29 -33.91 11.85 18.36
N ARG E 30 -33.07 12.50 17.56
CA ARG E 30 -33.54 13.01 16.28
C ARG E 30 -33.75 11.82 15.36
N SER E 31 -33.49 11.96 14.06
CA SER E 31 -33.45 10.80 13.17
C SER E 31 -34.73 9.97 13.11
N TYR E 32 -35.58 10.05 14.14
CA TYR E 32 -36.76 9.22 14.26
C TYR E 32 -37.98 10.07 14.61
N TRP E 33 -39.15 9.58 14.24
CA TRP E 33 -40.41 10.16 14.65
C TRP E 33 -40.76 9.64 16.05
N MET E 34 -41.85 10.17 16.63
CA MET E 34 -42.32 9.68 17.92
C MET E 34 -43.84 9.68 17.94
N HIS E 35 -44.42 8.80 18.76
CA HIS E 35 -45.86 8.70 18.94
C HIS E 35 -46.23 8.65 20.42
N TRP E 36 -47.51 8.83 20.68
CA TRP E 36 -48.14 8.51 21.95
C TRP E 36 -49.31 7.56 21.69
N VAL E 37 -49.42 6.52 22.50
CA VAL E 37 -50.48 5.53 22.39
C VAL E 37 -50.99 5.21 23.78
N ARG E 38 -52.30 5.21 23.95
CA ARG E 38 -52.92 4.90 25.23
C ARG E 38 -53.61 3.55 25.18
N GLN E 39 -53.64 2.88 26.34
CA GLN E 39 -54.26 1.57 26.49
C GLN E 39 -55.12 1.60 27.75
N VAL E 40 -56.43 1.67 27.58
CA VAL E 40 -57.37 1.50 28.68
C VAL E 40 -57.11 0.13 29.27
N PRO E 41 -56.80 0.01 30.56
CA PRO E 41 -56.37 -1.28 31.11
C PRO E 41 -57.43 -2.34 30.94
N GLY E 42 -57.09 -3.38 30.19
CA GLY E 42 -58.03 -4.44 29.87
C GLY E 42 -58.63 -4.37 28.50
N LYS E 43 -58.22 -3.41 27.67
CA LYS E 43 -58.73 -3.27 26.32
C LYS E 43 -57.55 -3.11 25.36
N GLY E 44 -57.87 -2.94 24.08
CA GLY E 44 -56.87 -2.88 23.05
C GLY E 44 -56.06 -1.60 23.07
N LEU E 45 -55.14 -1.52 22.11
CA LEU E 45 -54.29 -0.35 21.94
C LEU E 45 -54.97 0.67 21.05
N VAL E 46 -54.78 1.94 21.37
CA VAL E 46 -55.42 3.05 20.67
C VAL E 46 -54.41 4.18 20.49
N TRP E 47 -54.30 4.68 19.27
CA TRP E 47 -53.32 5.71 18.92
C TRP E 47 -53.82 7.10 19.30
N VAL E 48 -52.88 7.97 19.64
CA VAL E 48 -53.21 9.31 20.14
C VAL E 48 -52.62 10.40 19.24
N SER E 49 -51.29 10.55 19.27
CA SER E 49 -50.66 11.66 18.58
C SER E 49 -49.30 11.24 18.03
N CYS E 50 -48.85 11.96 17.01
CA CYS E 50 -47.60 11.64 16.33
C CYS E 50 -46.93 12.94 15.87
N ILE E 51 -45.61 13.01 16.07
CA ILE E 51 -44.84 14.21 15.76
C ILE E 51 -43.75 13.88 14.74
N ASN E 52 -43.37 14.89 13.96
CA ASN E 52 -42.34 14.75 12.95
C ASN E 52 -40.96 14.56 13.58
N LYS E 53 -40.00 14.21 12.73
CA LYS E 53 -38.60 14.20 13.14
C LYS E 53 -38.20 15.56 13.69
N GLU E 54 -38.56 16.62 12.97
CA GLU E 54 -38.24 17.99 13.33
C GLU E 54 -39.37 18.69 14.07
N GLY E 55 -40.51 18.03 14.22
CA GLY E 55 -41.65 18.66 14.89
C GLY E 55 -42.34 19.71 14.06
N SER E 56 -42.27 19.61 12.74
CA SER E 56 -42.87 20.65 11.90
C SER E 56 -44.36 20.42 11.69
N SER E 57 -44.74 19.17 11.42
CA SER E 57 -46.14 18.79 11.27
C SER E 57 -46.48 17.71 12.29
N THR E 58 -47.75 17.67 12.69
CA THR E 58 -48.23 16.73 13.69
C THR E 58 -49.63 16.26 13.31
N THR E 59 -49.98 15.06 13.78
CA THR E 59 -51.30 14.48 13.55
C THR E 59 -51.85 13.96 14.87
N TYR E 60 -53.10 14.31 15.17
CA TYR E 60 -53.78 13.89 16.39
C TYR E 60 -54.96 12.99 16.05
N ALA E 61 -55.41 12.24 17.04
CA ALA E 61 -56.61 11.41 16.88
C ALA E 61 -57.86 12.25 17.08
N ASP E 62 -58.97 11.79 16.50
CA ASP E 62 -60.22 12.53 16.55
C ASP E 62 -60.72 12.74 17.98
N SER E 63 -60.34 11.87 18.91
CA SER E 63 -60.82 11.99 20.27
C SER E 63 -60.18 13.17 20.99
N VAL E 64 -58.88 13.39 20.75
CA VAL E 64 -58.11 14.39 21.49
C VAL E 64 -57.76 15.60 20.64
N LYS E 65 -58.37 15.74 19.46
CA LYS E 65 -58.14 16.93 18.65
C LYS E 65 -58.56 18.18 19.42
N GLY E 66 -57.64 19.14 19.51
CA GLY E 66 -57.94 20.38 20.20
C GLY E 66 -57.64 20.34 21.67
N ARG E 67 -57.79 19.16 22.28
CA ARG E 67 -57.55 19.01 23.71
C ARG E 67 -56.10 18.66 24.03
N PHE E 68 -55.38 18.03 23.10
CA PHE E 68 -54.04 17.55 23.35
C PHE E 68 -53.04 18.27 22.46
N THR E 69 -51.80 18.35 22.92
CA THR E 69 -50.71 18.97 22.18
C THR E 69 -49.45 18.12 22.34
N ILE E 70 -48.82 17.77 21.23
CA ILE E 70 -47.58 17.01 21.24
C ILE E 70 -46.41 17.97 21.02
N SER E 71 -45.33 17.74 21.75
CA SER E 71 -44.17 18.63 21.75
C SER E 71 -42.91 17.80 21.84
N ARG E 72 -41.84 18.29 21.22
CA ARG E 72 -40.61 17.52 21.11
C ARG E 72 -39.41 18.46 21.27
N ASP E 73 -38.54 18.14 22.23
CA ASP E 73 -37.33 18.90 22.51
C ASP E 73 -36.14 18.03 22.12
N ASN E 74 -35.51 18.35 20.99
CA ASN E 74 -34.39 17.55 20.51
C ASN E 74 -33.10 17.78 21.28
N ALA E 75 -33.00 18.87 22.04
CA ALA E 75 -31.84 19.09 22.90
C ALA E 75 -31.91 18.15 24.10
N LYS E 76 -32.65 18.55 25.13
CA LYS E 76 -33.03 17.63 26.19
C LYS E 76 -33.79 16.47 25.55
N ASN E 77 -33.08 15.38 25.22
CA ASN E 77 -33.67 14.26 24.48
C ASN E 77 -34.95 13.78 25.14
N THR E 78 -36.06 14.48 24.89
CA THR E 78 -37.29 14.26 25.62
C THR E 78 -38.49 14.63 24.75
N LEU E 79 -39.58 13.88 24.92
CA LEU E 79 -40.86 14.14 24.27
C LEU E 79 -41.86 14.63 25.31
N TYR E 80 -42.89 15.34 24.84
CA TYR E 80 -43.91 15.90 25.72
C TYR E 80 -45.30 15.63 25.18
N LEU E 81 -46.27 15.58 26.10
CA LEU E 81 -47.68 15.56 25.74
C LEU E 81 -48.42 16.36 26.80
N GLU E 82 -49.10 17.42 26.38
CA GLU E 82 -49.82 18.31 27.27
C GLU E 82 -51.32 18.03 27.10
N MET E 83 -51.94 17.50 28.16
CA MET E 83 -53.32 17.06 28.12
C MET E 83 -54.20 18.08 28.83
N ASN E 84 -55.09 18.73 28.09
CA ASN E 84 -56.01 19.71 28.63
C ASN E 84 -57.45 19.22 28.46
N SER E 85 -58.32 19.69 29.35
CA SER E 85 -59.74 19.33 29.34
C SER E 85 -59.92 17.81 29.38
N LEU E 86 -59.52 17.22 30.50
CA LEU E 86 -59.50 15.77 30.64
C LEU E 86 -60.89 15.22 30.98
N ARG E 87 -61.29 14.16 30.28
CA ARG E 87 -62.50 13.43 30.59
C ARG E 87 -62.13 12.15 31.34
N ALA E 88 -63.15 11.35 31.63
CA ALA E 88 -62.91 10.01 32.15
C ALA E 88 -62.55 9.02 31.05
N ASP E 89 -62.84 9.36 29.79
CA ASP E 89 -62.40 8.53 28.68
C ASP E 89 -60.88 8.42 28.63
N ASP E 90 -60.17 9.47 29.05
CA ASP E 90 -58.73 9.59 28.90
C ASP E 90 -57.97 8.79 29.95
N THR E 91 -58.65 8.22 30.93
CA THR E 91 -58.01 7.35 31.91
C THR E 91 -57.47 6.11 31.21
N ALA E 92 -56.15 5.94 31.25
CA ALA E 92 -55.49 4.81 30.59
C ALA E 92 -54.02 4.81 31.00
N VAL E 93 -53.25 3.92 30.36
CA VAL E 93 -51.79 3.93 30.42
C VAL E 93 -51.28 4.48 29.10
N TYR E 94 -50.39 5.46 29.16
CA TYR E 94 -49.88 6.12 27.97
C TYR E 94 -48.44 5.69 27.71
N TYR E 95 -48.19 5.15 26.53
CA TYR E 95 -46.87 4.71 26.08
C TYR E 95 -46.34 5.69 25.04
N CYS E 96 -45.04 5.90 25.03
CA CYS E 96 -44.38 6.61 23.94
C CYS E 96 -43.60 5.59 23.12
N LEU E 97 -43.67 5.70 21.79
CA LEU E 97 -42.97 4.73 20.95
C LEU E 97 -42.34 5.44 19.76
N ARG E 98 -41.40 4.73 19.13
CA ARG E 98 -40.38 5.33 18.29
C ARG E 98 -40.54 4.93 16.83
N GLY E 99 -40.24 5.86 15.93
CA GLY E 99 -40.09 5.61 14.50
C GLY E 99 -41.37 5.79 13.72
N TYR E 100 -41.22 6.12 12.44
CA TYR E 100 -42.39 6.20 11.56
C TYR E 100 -43.05 4.83 11.47
N ASP E 101 -42.35 3.85 10.89
CA ASP E 101 -42.70 2.46 11.16
C ASP E 101 -42.20 2.13 12.56
N VAL E 102 -43.12 1.85 13.46
CA VAL E 102 -42.89 2.03 14.88
C VAL E 102 -42.24 0.80 15.50
N ASP E 103 -41.20 1.04 16.29
CA ASP E 103 -40.30 -0.01 16.78
C ASP E 103 -40.47 -0.28 18.27
N TYR E 104 -39.87 0.57 19.08
CA TYR E 104 -39.65 0.31 20.50
C TYR E 104 -40.65 1.08 21.34
N TRP E 105 -41.05 0.48 22.46
CA TRP E 105 -42.05 1.04 23.36
C TRP E 105 -41.40 1.44 24.69
N GLY E 106 -42.12 2.26 25.45
CA GLY E 106 -41.67 2.71 26.75
C GLY E 106 -42.25 1.87 27.89
N GLN E 107 -41.99 2.33 29.11
CA GLN E 107 -42.51 1.63 30.28
C GLN E 107 -44.02 1.81 30.40
N GLY E 108 -44.50 3.01 30.09
CA GLY E 108 -45.90 3.34 30.28
C GLY E 108 -46.14 3.97 31.63
N THR E 109 -46.71 5.17 31.63
CA THR E 109 -47.11 5.86 32.85
C THR E 109 -48.63 5.89 32.92
N LEU E 110 -49.18 5.69 34.11
CA LEU E 110 -50.61 5.57 34.29
C LEU E 110 -51.21 6.94 34.58
N VAL E 111 -52.32 7.24 33.91
CA VAL E 111 -53.07 8.48 34.11
C VAL E 111 -54.50 8.11 34.48
N THR E 112 -54.96 8.61 35.63
CA THR E 112 -56.32 8.38 36.10
C THR E 112 -57.03 9.71 36.24
N VAL E 113 -58.26 9.78 35.72
CA VAL E 113 -59.07 10.99 35.75
C VAL E 113 -60.36 10.62 36.50
N SER E 114 -60.41 10.92 37.79
CA SER E 114 -61.57 10.63 38.62
C SER E 114 -61.79 11.80 39.59
N SER E 115 -63.01 11.88 40.11
CA SER E 115 -63.43 13.01 40.94
C SER E 115 -63.28 12.77 42.43
N ALA E 116 -63.43 11.54 42.90
CA ALA E 116 -63.47 11.27 44.33
C ALA E 116 -62.12 11.58 44.98
N SER E 117 -62.12 11.62 46.31
CA SER E 117 -60.96 11.97 47.10
C SER E 117 -60.56 10.82 48.00
N THR E 118 -59.34 10.90 48.53
CA THR E 118 -58.73 9.81 49.28
C THR E 118 -59.60 9.39 50.45
N LYS E 119 -59.78 8.07 50.59
CA LYS E 119 -60.55 7.49 51.69
C LYS E 119 -59.90 6.18 52.09
N GLY E 120 -59.79 5.95 53.40
CA GLY E 120 -59.27 4.71 53.90
C GLY E 120 -60.23 3.56 53.66
N PRO E 121 -59.77 2.33 53.89
CA PRO E 121 -60.61 1.16 53.63
C PRO E 121 -61.42 0.73 54.85
N SER E 122 -62.43 -0.08 54.57
CA SER E 122 -63.17 -0.81 55.59
C SER E 122 -62.96 -2.29 55.37
N VAL E 123 -62.68 -3.02 56.45
CA VAL E 123 -62.23 -4.40 56.36
C VAL E 123 -63.21 -5.29 57.13
N PHE E 124 -63.77 -6.28 56.45
CA PHE E 124 -64.73 -7.20 57.04
C PHE E 124 -64.29 -8.64 56.86
N PRO E 125 -64.43 -9.46 57.89
CA PRO E 125 -63.91 -10.84 57.82
C PRO E 125 -64.82 -11.76 57.02
N LEU E 126 -64.19 -12.71 56.36
CA LEU E 126 -64.86 -13.78 55.63
C LEU E 126 -64.50 -15.09 56.32
N ALA E 127 -65.34 -15.51 57.26
CA ALA E 127 -65.09 -16.65 58.13
C ALA E 127 -65.51 -17.95 57.46
N PRO E 128 -64.86 -19.07 57.84
CA PRO E 128 -65.23 -20.41 57.37
C PRO E 128 -66.62 -20.84 57.83
N GLY E 129 -64.47 -27.23 52.55
CA GLY E 129 -64.75 -28.29 51.60
C GLY E 129 -63.55 -29.15 51.25
N GLY E 130 -63.29 -30.16 52.08
CA GLY E 130 -62.07 -30.94 52.00
C GLY E 130 -60.90 -30.25 52.68
N THR E 131 -60.87 -28.92 52.60
CA THR E 131 -59.90 -28.11 53.34
C THR E 131 -60.47 -26.78 53.82
N ALA E 132 -61.47 -26.20 53.15
CA ALA E 132 -62.12 -24.94 53.53
C ALA E 132 -61.17 -23.76 53.50
N ALA E 133 -61.71 -22.55 53.36
CA ALA E 133 -60.86 -21.37 53.23
C ALA E 133 -61.55 -20.15 53.83
N LEU E 134 -60.73 -19.11 54.06
CA LEU E 134 -61.16 -17.88 54.73
C LEU E 134 -60.47 -16.70 54.07
N GLY E 135 -60.95 -15.49 54.38
CA GLY E 135 -60.37 -14.32 53.75
C GLY E 135 -60.83 -13.03 54.40
N CYS E 136 -60.34 -11.92 53.83
CA CYS E 136 -60.66 -10.58 54.27
C CYS E 136 -61.33 -9.83 53.12
N LEU E 137 -62.19 -8.86 53.47
CA LEU E 137 -62.86 -8.04 52.47
C LEU E 137 -62.49 -6.59 52.70
N VAL E 138 -61.78 -6.00 51.74
CA VAL E 138 -61.35 -4.61 51.81
C VAL E 138 -62.11 -3.85 50.74
N LYS E 139 -63.05 -3.00 51.14
CA LYS E 139 -63.89 -2.33 50.16
C LYS E 139 -64.03 -0.85 50.50
N ASP E 140 -64.43 -0.09 49.47
CA ASP E 140 -64.64 1.35 49.55
C ASP E 140 -63.37 2.09 49.98
N TYR E 141 -62.49 2.37 49.02
CA TYR E 141 -61.29 3.16 49.27
C TYR E 141 -60.94 3.91 47.99
N PHE E 142 -60.00 4.86 48.11
CA PHE E 142 -59.47 5.52 46.92
C PHE E 142 -57.94 5.50 47.02
N PRO E 143 -57.22 6.23 46.15
CA PRO E 143 -56.04 5.64 45.48
C PRO E 143 -55.90 4.12 45.54
N GLU E 144 -55.78 3.51 44.36
CA GLU E 144 -55.83 2.06 44.20
C GLU E 144 -54.74 1.26 44.93
N PRO E 145 -53.49 1.78 45.12
CA PRO E 145 -52.47 0.93 45.78
C PRO E 145 -52.83 0.47 47.18
N VAL E 146 -53.58 -0.62 47.28
CA VAL E 146 -53.87 -1.30 48.54
C VAL E 146 -53.18 -2.65 48.52
N THR E 147 -52.22 -2.84 49.41
CA THR E 147 -51.50 -4.09 49.55
C THR E 147 -52.03 -4.87 50.75
N VAL E 148 -52.02 -6.20 50.63
CA VAL E 148 -52.56 -7.08 51.66
C VAL E 148 -51.60 -8.25 51.84
N SER E 149 -51.00 -8.34 53.02
CA SER E 149 -50.29 -9.53 53.47
C SER E 149 -51.17 -10.30 54.44
N TRP E 150 -50.64 -11.40 54.96
CA TRP E 150 -51.40 -12.23 55.89
C TRP E 150 -50.53 -12.64 57.06
N ASN E 151 -51.05 -12.45 58.28
CA ASN E 151 -50.35 -12.80 59.51
C ASN E 151 -48.98 -12.13 59.58
N SER E 152 -48.97 -10.81 59.41
CA SER E 152 -47.74 -10.00 59.33
C SER E 152 -46.76 -10.55 58.31
N GLY E 153 -47.24 -11.28 57.31
CA GLY E 153 -46.38 -11.88 56.32
C GLY E 153 -45.81 -13.23 56.70
N ALA E 154 -46.47 -13.95 57.62
CA ALA E 154 -45.97 -15.23 58.12
C ALA E 154 -45.78 -16.24 56.99
N LEU E 155 -46.85 -16.93 56.63
CA LEU E 155 -46.81 -17.92 55.56
C LEU E 155 -47.61 -17.40 54.37
N THR E 156 -47.06 -17.60 53.18
CA THR E 156 -47.66 -17.07 51.95
C THR E 156 -48.23 -18.16 51.04
N SER E 157 -48.15 -19.43 51.42
CA SER E 157 -48.75 -20.49 50.63
C SER E 157 -50.27 -20.47 50.82
N GLY E 158 -51.00 -20.32 49.72
CA GLY E 158 -52.44 -20.26 49.76
C GLY E 158 -53.03 -18.87 49.68
N VAL E 159 -52.21 -17.82 49.79
CA VAL E 159 -52.69 -16.44 49.73
C VAL E 159 -52.88 -16.02 48.29
N HIS E 160 -54.01 -15.38 48.01
CA HIS E 160 -54.22 -14.73 46.70
C HIS E 160 -55.10 -13.50 46.93
N THR E 161 -54.51 -12.32 46.77
CA THR E 161 -55.27 -11.08 46.76
C THR E 161 -55.77 -10.82 45.35
N PHE E 162 -57.06 -10.58 45.21
CA PHE E 162 -57.66 -10.37 43.91
C PHE E 162 -57.42 -8.94 43.43
N PRO E 163 -57.42 -8.73 42.12
CA PRO E 163 -57.41 -7.35 41.61
C PRO E 163 -58.68 -6.62 42.02
N ALA E 164 -58.53 -5.32 42.27
CA ALA E 164 -59.66 -4.52 42.73
C ALA E 164 -60.64 -4.26 41.59
N VAL E 165 -61.83 -3.82 41.95
CA VAL E 165 -62.88 -3.54 40.98
C VAL E 165 -63.48 -2.18 41.33
N LEU E 166 -63.73 -1.37 40.29
CA LEU E 166 -64.30 -0.04 40.48
C LEU E 166 -65.82 -0.13 40.58
N GLN E 167 -66.36 0.42 41.66
CA GLN E 167 -67.79 0.41 41.91
C GLN E 167 -68.44 1.64 41.28
N SER E 168 -69.77 1.64 41.27
CA SER E 168 -70.51 2.77 40.71
C SER E 168 -70.21 4.05 41.45
N SER E 169 -69.97 3.97 42.76
CA SER E 169 -69.63 5.12 43.58
C SER E 169 -68.21 5.62 43.37
N GLY E 170 -67.51 5.13 42.36
CA GLY E 170 -66.16 5.59 42.09
C GLY E 170 -65.13 5.17 43.11
N LEU E 171 -65.40 4.10 43.86
CA LEU E 171 -64.49 3.62 44.89
C LEU E 171 -64.14 2.16 44.63
N TYR E 172 -62.94 1.77 45.05
CA TYR E 172 -62.41 0.44 44.78
C TYR E 172 -62.67 -0.53 45.92
N SER E 173 -62.72 -1.81 45.57
CA SER E 173 -62.88 -2.89 46.53
C SER E 173 -62.11 -4.10 46.02
N LEU E 174 -61.39 -4.77 46.92
CA LEU E 174 -60.76 -6.04 46.58
C LEU E 174 -60.97 -7.01 47.74
N SER E 175 -60.56 -8.26 47.51
CA SER E 175 -60.61 -9.29 48.53
C SER E 175 -59.32 -10.09 48.48
N SER E 176 -58.95 -10.65 49.62
CA SER E 176 -57.78 -11.52 49.74
C SER E 176 -58.19 -12.76 50.51
N VAL E 177 -57.81 -13.93 49.98
CA VAL E 177 -58.20 -15.20 50.57
C VAL E 177 -56.95 -16.04 50.79
N VAL E 178 -57.08 -17.00 51.70
CA VAL E 178 -55.97 -17.89 52.05
C VAL E 178 -56.55 -19.24 52.47
N THR E 179 -55.94 -20.32 51.99
CA THR E 179 -56.39 -21.67 52.24
C THR E 179 -55.57 -22.26 53.39
N VAL E 180 -56.26 -22.65 54.46
CA VAL E 180 -55.59 -23.20 55.63
C VAL E 180 -56.12 -24.61 55.90
N PRO E 181 -55.33 -25.48 56.56
CA PRO E 181 -55.85 -26.81 56.90
C PRO E 181 -57.05 -26.73 57.82
N SER E 182 -58.07 -27.55 57.54
CA SER E 182 -59.26 -27.57 58.37
C SER E 182 -58.95 -28.03 59.79
N SER E 183 -57.83 -28.72 60.00
CA SER E 183 -57.46 -29.17 61.34
C SER E 183 -57.00 -27.99 62.20
N SER E 184 -56.07 -27.19 61.68
CA SER E 184 -55.51 -26.09 62.45
C SER E 184 -56.49 -24.93 62.64
N LEU E 185 -57.62 -24.94 61.96
CA LEU E 185 -58.62 -23.90 62.16
C LEU E 185 -59.12 -23.93 63.60
N GLY E 186 -59.20 -22.76 64.23
CA GLY E 186 -59.46 -22.70 65.64
C GLY E 186 -58.22 -23.05 66.43
N THR E 187 -57.95 -22.31 67.50
CA THR E 187 -56.70 -22.41 68.26
C THR E 187 -55.49 -22.24 67.36
N GLN E 188 -55.59 -21.28 66.44
CA GLN E 188 -54.49 -20.81 65.61
C GLN E 188 -54.95 -19.56 64.87
N THR E 189 -54.47 -18.39 65.31
CA THR E 189 -55.06 -17.13 64.90
C THR E 189 -54.57 -16.71 63.52
N TYR E 190 -55.52 -16.35 62.64
CA TYR E 190 -55.23 -15.86 61.30
C TYR E 190 -55.71 -14.42 61.20
N ILE E 191 -54.78 -13.49 61.14
CA ILE E 191 -55.08 -12.07 60.93
C ILE E 191 -54.60 -11.68 59.55
N CYS E 192 -55.21 -10.64 58.98
CA CYS E 192 -54.81 -10.09 57.70
C CYS E 192 -54.43 -8.63 57.89
N ASN E 193 -53.37 -8.21 57.20
CA ASN E 193 -52.79 -6.88 57.38
C ASN E 193 -53.04 -6.07 56.11
N VAL E 194 -54.07 -5.24 56.13
CA VAL E 194 -54.33 -4.30 55.05
C VAL E 194 -53.46 -3.07 55.27
N ASN E 195 -52.72 -2.67 54.24
CA ASN E 195 -51.87 -1.49 54.31
C ASN E 195 -52.20 -0.57 53.14
N HIS E 196 -52.96 0.48 53.43
CA HIS E 196 -53.32 1.47 52.43
C HIS E 196 -52.33 2.62 52.52
N LYS E 197 -51.42 2.69 51.54
CA LYS E 197 -50.34 3.68 51.61
C LYS E 197 -50.84 5.11 51.42
N PRO E 198 -51.62 5.45 50.39
CA PRO E 198 -51.92 6.87 50.16
C PRO E 198 -52.78 7.51 51.25
N SER E 199 -53.65 6.76 51.91
CA SER E 199 -54.46 7.30 53.00
C SER E 199 -53.79 7.16 54.36
N ASN E 200 -52.61 6.57 54.42
CA ASN E 200 -51.84 6.42 55.65
C ASN E 200 -52.66 5.68 56.72
N THR E 201 -53.08 4.47 56.36
CA THR E 201 -53.91 3.63 57.22
C THR E 201 -53.40 2.20 57.16
N LYS E 202 -53.52 1.48 58.28
CA LYS E 202 -53.13 0.08 58.34
C LYS E 202 -54.10 -0.63 59.28
N VAL E 203 -55.01 -1.42 58.72
CA VAL E 203 -56.01 -2.16 59.48
C VAL E 203 -55.55 -3.60 59.64
N ASP E 204 -55.65 -4.14 60.85
CA ASP E 204 -55.29 -5.52 61.15
C ASP E 204 -56.51 -6.21 61.75
N LYS E 205 -57.04 -7.19 61.03
CA LYS E 205 -58.28 -7.87 61.40
C LYS E 205 -58.05 -9.36 61.53
N LYS E 206 -58.60 -9.94 62.60
CA LYS E 206 -58.53 -11.37 62.85
C LYS E 206 -59.83 -12.03 62.42
N VAL E 207 -59.71 -13.06 61.60
CA VAL E 207 -60.86 -13.81 61.08
C VAL E 207 -60.99 -15.08 61.90
N GLU E 208 -62.12 -15.25 62.58
CA GLU E 208 -62.41 -16.47 63.32
C GLU E 208 -63.75 -17.03 62.86
N PRO E 209 -63.87 -18.36 62.86
CA PRO E 209 -65.09 -18.99 62.32
C PRO E 209 -66.35 -18.44 62.97
N LYS E 210 -67.37 -18.20 62.15
CA LYS E 210 -68.61 -17.62 62.65
C LYS E 210 -69.30 -18.59 63.61
N SER E 211 -69.84 -18.04 64.69
CA SER E 211 -70.61 -18.79 65.66
C SER E 211 -72.09 -18.51 65.42
N CYS E 212 -72.87 -19.58 65.21
CA CYS E 212 -74.31 -19.48 64.99
C CYS E 212 -75.03 -20.44 65.91
N ASP E 213 -76.25 -20.06 66.29
CA ASP E 213 -77.03 -20.86 67.24
C ASP E 213 -78.13 -21.65 66.52
N GLN F 1 -66.73 -2.47 7.45
CA GLN F 1 -66.71 -2.70 8.89
C GLN F 1 -65.87 -1.68 9.64
N ALA F 2 -64.82 -2.18 10.31
CA ALA F 2 -64.03 -1.36 11.21
C ALA F 2 -62.57 -1.27 10.78
N VAL F 3 -62.33 -0.86 9.52
CA VAL F 3 -60.99 -0.53 9.03
C VAL F 3 -60.03 -1.70 9.08
N LEU F 4 -59.86 -2.30 10.27
CA LEU F 4 -58.83 -3.31 10.49
C LEU F 4 -59.27 -4.18 11.65
N THR F 5 -59.64 -5.43 11.36
CA THR F 5 -60.33 -6.28 12.33
C THR F 5 -59.61 -7.60 12.53
N GLN F 6 -59.50 -8.02 13.79
CA GLN F 6 -58.91 -9.30 14.17
C GLN F 6 -59.93 -10.18 14.88
N PRO F 7 -59.66 -11.48 14.97
CA PRO F 7 -60.52 -12.34 15.80
C PRO F 7 -60.34 -12.05 17.28
N SER F 8 -61.35 -12.42 18.06
CA SER F 8 -61.32 -12.17 19.50
C SER F 8 -60.23 -12.99 20.19
N SER F 9 -60.29 -14.31 20.06
CA SER F 9 -59.35 -15.17 20.76
C SER F 9 -59.32 -16.54 20.09
N LEU F 10 -58.21 -17.23 20.28
CA LEU F 10 -58.05 -18.59 19.80
C LEU F 10 -57.08 -19.31 20.71
N SER F 11 -57.20 -20.63 20.77
CA SER F 11 -56.36 -21.46 21.60
C SER F 11 -55.79 -22.61 20.79
N ALA F 12 -54.60 -23.07 21.19
CA ALA F 12 -53.95 -24.18 20.52
C ALA F 12 -52.96 -24.81 21.49
N SER F 13 -52.58 -26.06 21.20
CA SER F 13 -51.71 -26.85 22.07
C SER F 13 -50.24 -26.61 21.72
N PRO F 14 -49.33 -26.78 22.69
CA PRO F 14 -47.90 -26.56 22.39
C PRO F 14 -47.40 -27.47 21.28
N GLY F 15 -46.50 -26.94 20.47
CA GLY F 15 -46.01 -27.60 19.29
C GLY F 15 -46.80 -27.32 18.04
N ALA F 16 -48.11 -27.07 18.18
CA ALA F 16 -48.95 -26.81 17.02
C ALA F 16 -48.53 -25.52 16.32
N SER F 17 -48.98 -25.37 15.09
CA SER F 17 -48.73 -24.18 14.29
C SER F 17 -50.04 -23.42 14.12
N VAL F 18 -50.01 -22.12 14.40
CA VAL F 18 -51.19 -21.27 14.31
C VAL F 18 -50.94 -20.21 13.24
N SER F 19 -52.03 -19.54 12.86
CA SER F 19 -51.94 -18.40 11.96
C SER F 19 -53.02 -17.41 12.37
N LEU F 20 -52.62 -16.23 12.80
CA LEU F 20 -53.54 -15.17 13.16
C LEU F 20 -53.77 -14.28 11.95
N THR F 21 -54.99 -13.74 11.83
CA THR F 21 -55.39 -12.94 10.70
C THR F 21 -55.71 -11.50 11.14
N CYS F 22 -55.31 -10.51 10.32
CA CYS F 22 -55.67 -9.11 10.58
C CYS F 22 -56.27 -8.66 9.25
N THR F 23 -57.61 -8.59 9.17
CA THR F 23 -58.38 -8.74 7.93
C THR F 23 -58.53 -7.44 7.15
N LEU F 24 -58.91 -6.34 7.82
CA LEU F 24 -59.10 -5.02 7.22
C LEU F 24 -60.19 -4.99 6.15
N ARG F 25 -61.14 -4.06 6.27
CA ARG F 25 -62.33 -4.11 5.45
C ARG F 25 -61.97 -3.91 3.98
N SER F 26 -62.84 -4.44 3.11
CA SER F 26 -62.63 -4.30 1.68
C SER F 26 -62.91 -2.88 1.23
N ALA F 27 -62.69 -2.63 -0.05
CA ALA F 27 -62.94 -1.32 -0.63
C ALA F 27 -61.67 -0.56 -0.94
N ILE F 28 -61.47 0.57 -0.26
CA ILE F 28 -60.37 1.48 -0.54
C ILE F 28 -59.06 0.88 -0.02
N ASN F 29 -59.09 -0.38 0.38
CA ASN F 29 -57.93 -1.01 1.01
C ASN F 29 -57.71 -2.39 0.40
N VAL F 30 -56.44 -2.72 0.13
CA VAL F 30 -56.05 -4.01 -0.43
C VAL F 30 -54.91 -4.60 0.39
N GLY F 31 -53.97 -5.26 -0.27
CA GLY F 31 -52.82 -5.82 0.42
C GLY F 31 -51.50 -5.21 -0.03
N THR F 32 -51.49 -3.90 -0.28
CA THR F 32 -50.28 -3.18 -0.65
C THR F 32 -49.81 -2.24 0.45
N TYR F 33 -50.13 -2.58 1.69
CA TYR F 33 -49.64 -1.89 2.87
C TYR F 33 -48.66 -2.80 3.62
N ARG F 34 -48.05 -2.25 4.65
CA ARG F 34 -47.28 -3.07 5.59
C ARG F 34 -48.18 -3.50 6.74
N ILE F 35 -47.87 -4.66 7.30
CA ILE F 35 -48.57 -5.20 8.47
C ILE F 35 -47.56 -5.29 9.61
N TYR F 36 -47.76 -4.51 10.66
CA TYR F 36 -46.85 -4.45 11.79
C TYR F 36 -47.42 -5.26 12.94
N TRP F 37 -46.73 -6.32 13.34
CA TRP F 37 -47.24 -7.20 14.39
C TRP F 37 -46.60 -6.90 15.74
N TYR F 38 -47.35 -7.18 16.80
CA TYR F 38 -46.94 -6.84 18.15
C TYR F 38 -47.39 -7.92 19.12
N GLN F 39 -46.52 -8.23 20.08
CA GLN F 39 -46.81 -9.19 21.14
C GLN F 39 -46.77 -8.46 22.47
N GLN F 40 -47.80 -8.67 23.29
CA GLN F 40 -47.91 -8.05 24.61
C GLN F 40 -48.23 -9.15 25.61
N LYS F 41 -47.20 -9.73 26.22
CA LYS F 41 -47.42 -10.69 27.28
C LYS F 41 -47.99 -9.95 28.49
N PRO F 42 -49.10 -10.43 29.06
CA PRO F 42 -49.88 -9.59 29.99
C PRO F 42 -49.05 -9.02 31.13
N GLY F 43 -49.34 -7.77 31.48
CA GLY F 43 -48.62 -7.04 32.50
C GLY F 43 -47.42 -6.29 31.99
N SER F 44 -47.16 -6.30 30.69
CA SER F 44 -45.96 -5.74 30.10
C SER F 44 -46.34 -4.91 28.89
N PRO F 45 -45.45 -4.03 28.43
CA PRO F 45 -45.72 -3.27 27.21
C PRO F 45 -45.50 -4.11 25.97
N PRO F 46 -46.00 -3.67 24.82
CA PRO F 46 -45.88 -4.47 23.60
C PRO F 46 -44.44 -4.69 23.18
N ARG F 47 -44.26 -5.67 22.28
CA ARG F 47 -42.99 -5.99 21.67
C ARG F 47 -43.14 -6.00 20.16
N TYR F 48 -42.22 -5.30 19.48
CA TYR F 48 -42.18 -5.37 18.02
C TYR F 48 -41.90 -6.80 17.56
N LEU F 49 -42.54 -7.20 16.47
CA LEU F 49 -42.44 -8.58 16.02
C LEU F 49 -42.05 -8.68 14.55
N LEU F 50 -42.93 -8.24 13.65
CA LEU F 50 -42.68 -8.34 12.21
C LEU F 50 -43.19 -7.11 11.50
N ARG F 51 -43.05 -7.08 10.18
CA ARG F 51 -43.38 -5.89 9.41
C ARG F 51 -43.86 -6.23 7.99
N TYR F 52 -43.65 -7.48 7.56
CA TYR F 52 -43.98 -7.98 6.21
C TYR F 52 -44.93 -7.14 5.36
N LYS F 53 -44.42 -6.62 4.25
CA LYS F 53 -45.20 -6.03 3.18
C LYS F 53 -45.07 -6.78 1.87
N SER F 54 -43.97 -7.51 1.68
CA SER F 54 -43.65 -8.20 0.44
C SER F 54 -42.52 -9.15 0.75
N GLY F 55 -42.20 -10.01 -0.22
CA GLY F 55 -41.05 -10.90 -0.06
C GLY F 55 -39.76 -10.14 0.20
N LEU F 56 -39.66 -8.92 -0.33
CA LEU F 56 -38.45 -8.11 -0.19
C LEU F 56 -38.60 -6.97 0.81
N ASP F 57 -39.80 -6.73 1.32
CA ASP F 57 -40.06 -5.67 2.29
C ASP F 57 -40.61 -6.31 3.57
N LYS F 58 -39.78 -7.08 4.26
CA LYS F 58 -40.16 -7.75 5.49
C LYS F 58 -39.07 -7.56 6.54
N HIS F 59 -39.44 -7.78 7.79
CA HIS F 59 -38.55 -7.50 8.91
C HIS F 59 -39.03 -8.28 10.13
N GLN F 60 -38.08 -8.73 10.94
CA GLN F 60 -38.36 -9.33 12.23
C GLN F 60 -37.60 -8.58 13.31
N GLY F 61 -38.28 -8.30 14.42
CA GLY F 61 -37.66 -7.54 15.48
C GLY F 61 -36.47 -8.26 16.08
N SER F 62 -35.49 -7.47 16.53
CA SER F 62 -34.29 -8.03 17.14
C SER F 62 -34.66 -8.84 18.37
N GLY F 63 -34.33 -10.12 18.34
CA GLY F 63 -34.66 -11.03 19.42
C GLY F 63 -35.91 -11.85 19.19
N VAL F 64 -36.67 -11.56 18.15
CA VAL F 64 -37.87 -12.36 17.86
C VAL F 64 -37.43 -13.73 17.33
N PRO F 65 -37.91 -14.84 17.89
CA PRO F 65 -37.52 -16.15 17.38
C PRO F 65 -37.90 -16.31 15.92
N SER F 66 -37.14 -17.15 15.22
CA SER F 66 -37.34 -17.34 13.79
C SER F 66 -38.65 -18.05 13.47
N ARG F 67 -39.35 -18.59 14.48
CA ARG F 67 -40.60 -19.28 14.24
C ARG F 67 -41.76 -18.35 13.91
N PHE F 68 -41.62 -17.05 14.20
CA PHE F 68 -42.63 -16.07 13.81
C PHE F 68 -42.37 -15.62 12.37
N SER F 69 -43.42 -15.66 11.56
CA SER F 69 -43.33 -15.22 10.18
C SER F 69 -44.64 -14.57 9.79
N GLY F 70 -44.56 -13.69 8.80
CA GLY F 70 -45.75 -13.00 8.31
C GLY F 70 -45.84 -13.09 6.81
N SER F 71 -47.08 -13.19 6.32
CA SER F 71 -47.38 -13.08 4.91
C SER F 71 -48.75 -12.43 4.78
N LYS F 72 -49.29 -12.40 3.57
CA LYS F 72 -50.64 -11.91 3.34
C LYS F 72 -51.38 -12.88 2.45
N ASP F 73 -52.57 -13.30 2.89
CA ASP F 73 -53.44 -14.15 2.09
C ASP F 73 -54.34 -13.24 1.26
N ASP F 74 -54.15 -13.26 -0.06
CA ASP F 74 -54.98 -12.49 -0.95
C ASP F 74 -56.41 -13.04 -0.94
N SER F 75 -57.28 -12.42 -1.73
CA SER F 75 -58.70 -12.76 -1.81
C SER F 75 -59.43 -12.46 -0.51
N ALA F 76 -58.71 -12.47 0.62
CA ALA F 76 -59.27 -12.14 1.92
C ALA F 76 -58.70 -10.85 2.50
N ASN F 77 -57.77 -10.20 1.80
CA ASN F 77 -57.25 -8.88 2.16
C ASN F 77 -56.47 -8.90 3.48
N ALA F 78 -56.35 -10.05 4.11
CA ALA F 78 -55.83 -10.16 5.46
C ALA F 78 -54.32 -10.38 5.47
N GLY F 79 -53.68 -9.91 6.54
CA GLY F 79 -52.30 -10.24 6.82
C GLY F 79 -52.24 -11.37 7.83
N ILE F 80 -51.15 -12.14 7.79
CA ILE F 80 -51.06 -13.37 8.58
C ILE F 80 -49.84 -13.32 9.48
N LEU F 81 -49.90 -14.13 10.55
CA LEU F 81 -48.81 -14.27 11.53
C LEU F 81 -48.68 -15.76 11.84
N PHE F 82 -47.87 -16.45 11.05
CA PHE F 82 -47.56 -17.84 11.35
C PHE F 82 -46.71 -17.93 12.61
N ILE F 83 -47.12 -18.77 13.56
CA ILE F 83 -46.30 -19.13 14.70
C ILE F 83 -46.24 -20.64 14.72
N SER F 84 -45.16 -21.21 14.21
CA SER F 84 -44.93 -22.64 14.23
C SER F 84 -44.08 -23.01 15.43
N GLY F 85 -44.28 -24.22 15.94
CA GLY F 85 -43.57 -24.64 17.13
C GLY F 85 -44.03 -23.87 18.35
N LEU F 86 -45.34 -23.91 18.62
CA LEU F 86 -45.92 -23.11 19.69
C LEU F 86 -45.39 -23.55 21.05
N GLN F 87 -45.35 -22.61 21.98
CA GLN F 87 -44.94 -22.86 23.35
C GLN F 87 -45.78 -22.02 24.30
N SER F 88 -45.70 -22.35 25.58
CA SER F 88 -46.45 -21.60 26.59
C SER F 88 -45.93 -20.17 26.72
N GLU F 89 -44.66 -19.93 26.36
CA GLU F 89 -44.09 -18.59 26.42
C GLU F 89 -44.60 -17.68 25.31
N ASP F 90 -45.48 -18.16 24.44
CA ASP F 90 -46.06 -17.35 23.38
C ASP F 90 -47.49 -16.91 23.69
N GLU F 91 -48.03 -17.31 24.84
CA GLU F 91 -49.36 -16.87 25.25
C GLU F 91 -49.34 -15.38 25.53
N ALA F 92 -50.09 -14.61 24.75
CA ALA F 92 -50.12 -13.15 24.86
C ALA F 92 -51.28 -12.63 24.01
N ASP F 93 -51.35 -11.31 23.89
CA ASP F 93 -52.25 -10.61 22.98
C ASP F 93 -51.44 -10.11 21.79
N TYR F 94 -52.09 -10.10 20.62
CA TYR F 94 -51.40 -9.78 19.37
C TYR F 94 -52.20 -8.72 18.60
N TYR F 95 -51.52 -7.62 18.24
CA TYR F 95 -52.13 -6.51 17.51
C TYR F 95 -51.37 -6.27 16.20
N CYS F 96 -52.06 -5.74 15.16
CA CYS F 96 -51.42 -5.33 13.92
C CYS F 96 -51.57 -3.82 13.73
N LEU F 97 -50.73 -3.27 12.83
CA LEU F 97 -50.83 -1.86 12.45
C LEU F 97 -51.02 -1.69 10.95
N ILE F 98 -51.48 -0.49 10.60
CA ILE F 98 -51.53 0.02 9.24
C ILE F 98 -51.52 1.55 9.28
N TRP F 99 -50.73 2.16 8.40
CA TRP F 99 -50.83 3.59 8.15
C TRP F 99 -51.97 3.86 7.16
N HIS F 100 -52.98 4.61 7.58
CA HIS F 100 -54.10 4.89 6.69
C HIS F 100 -54.06 6.33 6.19
N SER F 101 -55.22 6.96 6.03
CA SER F 101 -55.28 8.37 5.65
C SER F 101 -54.53 9.21 6.67
N SER F 102 -53.19 9.18 6.59
CA SER F 102 -52.33 9.56 7.71
C SER F 102 -52.74 8.76 8.94
N ALA F 103 -52.34 9.22 10.13
CA ALA F 103 -52.66 8.51 11.37
C ALA F 103 -52.15 7.07 11.33
N VAL F 104 -52.49 6.27 12.34
CA VAL F 104 -52.12 4.86 12.37
C VAL F 104 -53.15 4.12 13.21
N VAL F 105 -53.59 2.97 12.69
CA VAL F 105 -54.73 2.24 13.23
C VAL F 105 -54.30 0.87 13.71
N PHE F 106 -54.83 0.46 14.86
CA PHE F 106 -54.61 -0.85 15.46
C PHE F 106 -55.73 -1.82 15.12
N GLY F 107 -55.50 -3.09 15.46
CA GLY F 107 -56.52 -4.11 15.39
C GLY F 107 -57.16 -4.35 16.74
N GLY F 108 -58.17 -5.23 16.73
CA GLY F 108 -58.87 -5.54 17.96
C GLY F 108 -58.04 -6.30 18.97
N GLY F 109 -57.15 -7.17 18.49
CA GLY F 109 -56.31 -7.98 19.36
C GLY F 109 -56.79 -9.41 19.47
N THR F 110 -55.86 -10.36 19.49
CA THR F 110 -56.16 -11.78 19.57
C THR F 110 -55.58 -12.33 20.86
N LYS F 111 -56.44 -12.74 21.78
CA LYS F 111 -56.04 -13.31 23.07
C LYS F 111 -55.73 -14.78 22.83
N LEU F 112 -54.49 -15.06 22.41
CA LEU F 112 -54.06 -16.42 22.12
C LEU F 112 -53.76 -17.13 23.42
N THR F 113 -54.39 -18.29 23.63
CA THR F 113 -54.26 -19.08 24.85
C THR F 113 -53.58 -20.40 24.51
N VAL F 114 -52.30 -20.50 24.82
CA VAL F 114 -51.55 -21.74 24.62
C VAL F 114 -51.64 -22.54 25.91
N LEU F 115 -52.39 -23.64 25.87
CA LEU F 115 -52.67 -24.43 27.07
C LEU F 115 -51.55 -25.47 27.27
N GLY F 116 -50.74 -25.26 28.30
CA GLY F 116 -49.65 -26.17 28.60
C GLY F 116 -49.67 -26.71 30.02
N GLN F 117 -50.86 -26.87 30.58
CA GLN F 117 -51.03 -27.38 31.93
C GLN F 117 -52.29 -28.25 31.96
N PRO F 118 -52.42 -29.11 32.97
CA PRO F 118 -53.67 -29.89 33.10
C PRO F 118 -54.85 -28.99 33.43
N LYS F 119 -55.93 -29.16 32.68
CA LYS F 119 -57.14 -28.37 32.90
C LYS F 119 -57.73 -28.64 34.28
N ALA F 120 -58.32 -27.62 34.88
CA ALA F 120 -58.90 -27.72 36.21
C ALA F 120 -60.23 -27.00 36.26
N ALA F 121 -61.11 -27.48 37.15
CA ALA F 121 -62.43 -26.91 37.37
C ALA F 121 -62.39 -25.88 38.48
N PRO F 122 -63.24 -24.86 38.41
CA PRO F 122 -63.24 -23.81 39.43
C PRO F 122 -63.69 -24.31 40.79
N SER F 123 -63.17 -23.66 41.84
CA SER F 123 -63.56 -23.93 43.22
C SER F 123 -64.32 -22.70 43.70
N VAL F 124 -65.64 -22.76 43.62
CA VAL F 124 -66.51 -21.63 43.93
C VAL F 124 -66.81 -21.63 45.43
N THR F 125 -66.54 -20.50 46.07
CA THR F 125 -66.84 -20.30 47.48
C THR F 125 -67.68 -19.03 47.60
N LEU F 126 -68.84 -19.15 48.25
CA LEU F 126 -69.81 -18.07 48.30
C LEU F 126 -70.01 -17.65 49.75
N PHE F 127 -69.66 -16.40 50.07
CA PHE F 127 -69.68 -15.84 51.42
C PHE F 127 -70.89 -14.94 51.61
N PRO F 128 -71.65 -15.14 52.68
CA PRO F 128 -72.74 -14.22 52.99
C PRO F 128 -72.20 -12.92 53.57
N PRO F 129 -73.06 -11.92 53.78
CA PRO F 129 -72.60 -10.71 54.48
C PRO F 129 -72.29 -11.03 55.93
N SER F 130 -71.19 -10.45 56.42
CA SER F 130 -70.76 -10.69 57.78
C SER F 130 -71.59 -9.86 58.77
N SER F 131 -71.47 -10.20 60.05
CA SER F 131 -72.20 -9.47 61.09
C SER F 131 -71.75 -8.01 61.14
N GLU F 132 -70.46 -7.76 60.91
CA GLU F 132 -69.96 -6.40 60.91
C GLU F 132 -70.52 -5.59 59.74
N GLU F 133 -70.38 -6.12 58.53
CA GLU F 133 -70.84 -5.43 57.32
C GLU F 133 -72.37 -5.53 57.22
N LEU F 134 -73.04 -5.26 58.32
CA LEU F 134 -74.49 -5.31 58.37
C LEU F 134 -74.94 -4.36 59.47
N GLN F 135 -74.06 -4.18 60.46
CA GLN F 135 -74.21 -3.08 61.40
C GLN F 135 -73.87 -1.75 60.74
N ALA F 136 -73.00 -1.77 59.74
CA ALA F 136 -72.61 -0.55 59.02
C ALA F 136 -73.54 -0.34 57.83
N ASN F 137 -74.77 -0.80 57.95
CA ASN F 137 -75.69 -0.93 56.82
C ASN F 137 -74.97 -1.82 55.79
N LYS F 138 -75.34 -1.67 54.52
CA LYS F 138 -74.66 -2.33 53.41
C LYS F 138 -74.76 -3.86 53.46
N ALA F 139 -74.94 -4.48 52.30
CA ALA F 139 -74.99 -5.93 52.21
C ALA F 139 -74.23 -6.35 50.96
N THR F 140 -73.20 -7.18 51.13
CA THR F 140 -72.31 -7.53 50.03
C THR F 140 -72.01 -9.01 50.06
N LEU F 141 -72.40 -9.73 49.01
CA LEU F 141 -72.06 -11.13 48.84
C LEU F 141 -70.82 -11.24 47.95
N VAL F 142 -69.92 -12.16 48.32
CA VAL F 142 -68.64 -12.31 47.65
C VAL F 142 -68.57 -13.73 47.08
N CYS F 143 -68.47 -13.83 45.77
CA CYS F 143 -68.32 -15.10 45.08
C CYS F 143 -66.87 -15.20 44.62
N LEU F 144 -66.17 -16.24 45.05
CA LEU F 144 -64.73 -16.36 44.85
C LEU F 144 -64.41 -17.63 44.09
N ILE F 145 -63.96 -17.47 42.86
CA ILE F 145 -63.69 -18.57 41.94
C ILE F 145 -62.20 -18.82 41.93
N SER F 146 -61.78 -20.01 42.37
CA SER F 146 -60.37 -20.29 42.59
C SER F 146 -59.94 -21.55 41.86
N ASP F 147 -58.67 -21.56 41.41
CA ASP F 147 -58.00 -22.74 40.90
C ASP F 147 -58.69 -23.36 39.70
N PHE F 148 -58.34 -22.90 38.49
CA PHE F 148 -58.86 -23.47 37.25
C PHE F 148 -57.95 -23.00 36.14
N TYR F 149 -57.62 -23.90 35.20
CA TYR F 149 -56.60 -23.50 34.24
C TYR F 149 -57.18 -22.80 33.01
N PRO F 150 -58.22 -23.34 32.34
CA PRO F 150 -58.80 -22.57 31.24
C PRO F 150 -59.41 -21.26 31.75
N GLY F 151 -58.57 -20.23 31.86
CA GLY F 151 -58.93 -19.00 32.55
C GLY F 151 -59.94 -18.11 31.85
N ALA F 152 -61.09 -18.69 31.49
CA ALA F 152 -62.18 -17.92 30.87
C ALA F 152 -63.49 -18.45 31.45
N VAL F 153 -64.10 -17.69 32.36
CA VAL F 153 -65.32 -18.07 33.04
C VAL F 153 -66.41 -17.06 32.72
N THR F 154 -67.63 -17.41 33.12
CA THR F 154 -68.79 -16.53 32.97
C THR F 154 -69.61 -16.61 34.24
N VAL F 155 -69.69 -15.51 34.98
CA VAL F 155 -70.38 -15.46 36.26
C VAL F 155 -71.72 -14.75 36.06
N ALA F 156 -72.70 -15.14 36.87
CA ALA F 156 -74.03 -14.56 36.82
C ALA F 156 -74.75 -14.89 38.11
N TRP F 157 -75.30 -13.87 38.76
CA TRP F 157 -75.98 -14.03 40.04
C TRP F 157 -77.46 -14.34 39.84
N LYS F 158 -78.03 -15.03 40.82
CA LYS F 158 -79.46 -15.30 40.84
C LYS F 158 -80.00 -15.04 42.25
N ALA F 159 -81.26 -14.60 42.30
CA ALA F 159 -81.98 -14.39 43.55
C ALA F 159 -83.31 -15.15 43.48
N ASP F 160 -83.48 -16.14 44.36
CA ASP F 160 -84.69 -16.97 44.39
C ASP F 160 -84.91 -17.70 43.07
N GLY F 161 -83.84 -18.02 42.37
CA GLY F 161 -83.91 -18.68 41.08
C GLY F 161 -83.97 -17.72 39.89
N SER F 162 -84.68 -16.62 40.06
CA SER F 162 -84.72 -15.59 39.03
C SER F 162 -83.34 -14.94 38.88
N PRO F 163 -82.98 -14.50 37.68
CA PRO F 163 -81.70 -13.82 37.50
C PRO F 163 -81.80 -12.32 37.73
N VAL F 164 -80.66 -11.75 38.10
CA VAL F 164 -80.54 -10.32 38.31
C VAL F 164 -79.09 -9.91 38.10
N LYS F 165 -78.89 -8.79 37.39
CA LYS F 165 -77.57 -8.23 37.21
C LYS F 165 -77.52 -6.76 37.62
N ALA F 166 -78.57 -6.26 38.27
CA ALA F 166 -78.58 -4.90 38.80
C ALA F 166 -77.69 -4.84 40.03
N GLY F 167 -76.55 -4.16 39.91
CA GLY F 167 -75.66 -3.99 41.04
C GLY F 167 -74.63 -5.10 41.18
N VAL F 168 -73.91 -5.39 40.10
CA VAL F 168 -72.83 -6.36 40.13
C VAL F 168 -71.64 -5.80 39.36
N GLU F 169 -70.49 -5.74 40.03
CA GLU F 169 -69.21 -5.46 39.39
C GLU F 169 -68.31 -6.66 39.61
N THR F 170 -67.61 -7.09 38.56
CA THR F 170 -66.91 -8.36 38.57
C THR F 170 -65.53 -8.21 37.94
N THR F 171 -64.53 -8.84 38.57
CA THR F 171 -63.17 -8.85 38.07
C THR F 171 -62.98 -9.96 37.05
N LYS F 172 -61.93 -9.81 36.25
CA LYS F 172 -61.55 -10.82 35.26
C LYS F 172 -60.46 -11.72 35.81
N PRO F 173 -60.38 -12.96 35.32
CA PRO F 173 -59.43 -13.92 35.88
C PRO F 173 -58.00 -13.39 35.91
N SER F 174 -57.23 -13.85 36.90
CA SER F 174 -55.87 -13.39 37.11
C SER F 174 -55.00 -14.55 37.54
N LYS F 175 -53.74 -14.54 37.10
CA LYS F 175 -52.80 -15.58 37.50
C LYS F 175 -52.60 -15.56 39.00
N GLN F 176 -52.47 -16.76 39.60
CA GLN F 176 -52.12 -16.84 41.01
C GLN F 176 -50.77 -17.52 41.18
N SER F 177 -50.50 -18.03 42.39
CA SER F 177 -49.16 -18.52 42.71
C SER F 177 -48.86 -19.83 42.00
N ASN F 178 -49.78 -20.80 42.06
CA ASN F 178 -49.54 -22.11 41.46
C ASN F 178 -49.82 -22.09 39.97
N ASN F 179 -49.64 -20.93 39.33
CA ASN F 179 -49.68 -20.74 37.88
C ASN F 179 -51.06 -21.00 37.29
N LYS F 180 -52.10 -21.16 38.12
CA LYS F 180 -53.47 -21.28 37.64
C LYS F 180 -54.17 -19.92 37.73
N TYR F 181 -55.49 -19.92 37.61
CA TYR F 181 -56.26 -18.68 37.54
C TYR F 181 -57.30 -18.62 38.64
N ALA F 182 -57.75 -17.40 38.92
CA ALA F 182 -58.73 -17.16 39.97
C ALA F 182 -59.41 -15.83 39.71
N ALA F 183 -60.73 -15.80 39.89
CA ALA F 183 -61.52 -14.60 39.67
C ALA F 183 -62.50 -14.42 40.82
N SER F 184 -62.92 -13.17 41.01
CA SER F 184 -63.83 -12.82 42.09
C SER F 184 -64.99 -12.02 41.51
N SER F 185 -66.12 -12.06 42.22
CA SER F 185 -67.31 -11.34 41.83
C SER F 185 -68.06 -10.91 43.09
N TYR F 186 -68.58 -9.68 43.07
CA TYR F 186 -69.26 -9.11 44.22
C TYR F 186 -70.67 -8.69 43.83
N LEU F 187 -71.58 -8.78 44.79
CA LEU F 187 -72.98 -8.39 44.61
C LEU F 187 -73.36 -7.46 45.75
N SER F 188 -73.59 -6.19 45.44
CA SER F 188 -74.00 -5.21 46.43
C SER F 188 -75.51 -5.14 46.52
N LEU F 189 -76.00 -4.86 47.73
CA LEU F 189 -77.44 -4.81 47.98
C LEU F 189 -77.78 -3.79 49.06
N THR F 190 -78.82 -4.08 49.83
CA THR F 190 -79.22 -3.37 51.03
C THR F 190 -79.71 -4.41 52.02
N PRO F 191 -79.54 -4.17 53.32
CA PRO F 191 -80.00 -5.16 54.32
C PRO F 191 -81.45 -5.54 54.16
N GLU F 192 -82.29 -4.65 53.63
CA GLU F 192 -83.69 -4.98 53.38
C GLU F 192 -83.81 -6.11 52.38
N GLN F 193 -83.00 -6.07 51.31
CA GLN F 193 -83.08 -7.09 50.27
C GLN F 193 -82.48 -8.42 50.73
N TRP F 194 -81.37 -8.37 51.45
CA TRP F 194 -80.74 -9.59 51.93
C TRP F 194 -81.65 -10.36 52.87
N LYS F 195 -82.48 -9.66 53.63
CA LYS F 195 -83.38 -10.28 54.60
C LYS F 195 -84.74 -10.63 54.00
N SER F 196 -84.95 -10.38 52.71
CA SER F 196 -86.26 -10.55 52.09
C SER F 196 -86.35 -11.81 51.24
N HIS F 197 -85.47 -11.97 50.25
CA HIS F 197 -85.49 -13.16 49.42
C HIS F 197 -84.98 -14.36 50.20
N ARG F 198 -85.34 -15.55 49.72
CA ARG F 198 -84.95 -16.78 50.43
C ARG F 198 -83.53 -17.20 50.07
N SER F 199 -83.24 -17.33 48.78
CA SER F 199 -81.97 -17.86 48.34
C SER F 199 -81.17 -16.83 47.55
N TYR F 200 -79.86 -17.05 47.50
CA TYR F 200 -78.94 -16.35 46.62
C TYR F 200 -77.95 -17.37 46.09
N SER F 201 -77.44 -17.13 44.87
CA SER F 201 -76.80 -18.22 44.14
C SER F 201 -75.35 -17.96 43.74
N CYS F 202 -75.14 -17.08 42.74
CA CYS F 202 -73.88 -17.00 41.98
C CYS F 202 -73.60 -18.30 41.25
N GLN F 203 -73.59 -18.24 39.92
CA GLN F 203 -73.45 -19.42 39.08
C GLN F 203 -72.40 -19.12 38.02
N VAL F 204 -71.33 -19.89 38.01
CA VAL F 204 -70.25 -19.72 37.04
C VAL F 204 -70.34 -20.84 36.01
N THR F 205 -69.86 -20.55 34.81
CA THR F 205 -69.85 -21.51 33.71
C THR F 205 -68.44 -21.58 33.16
N HIS F 206 -67.90 -22.79 33.03
CA HIS F 206 -66.51 -22.96 32.62
C HIS F 206 -66.38 -24.28 31.89
N GLU F 207 -66.17 -24.21 30.57
CA GLU F 207 -66.08 -25.38 29.70
C GLU F 207 -67.38 -26.18 29.71
N GLY F 208 -68.47 -25.50 29.39
CA GLY F 208 -69.78 -26.14 29.30
C GLY F 208 -70.40 -26.47 30.63
N SER F 209 -69.57 -26.79 31.62
CA SER F 209 -70.03 -27.13 32.96
C SER F 209 -70.47 -25.88 33.71
N THR F 210 -71.36 -26.07 34.69
CA THR F 210 -72.00 -24.95 35.38
C THR F 210 -72.08 -25.30 36.88
N VAL F 211 -71.10 -24.83 37.65
CA VAL F 211 -71.20 -24.90 39.10
C VAL F 211 -72.18 -23.83 39.57
N GLU F 212 -72.86 -24.10 40.69
CA GLU F 212 -73.85 -23.17 41.21
C GLU F 212 -73.97 -23.38 42.71
N LYS F 213 -73.42 -22.46 43.49
CA LYS F 213 -73.53 -22.47 44.94
C LYS F 213 -74.78 -21.71 45.36
N THR F 214 -75.12 -21.82 46.64
CA THR F 214 -76.33 -21.16 47.14
C THR F 214 -76.25 -21.02 48.65
N VAL F 215 -76.48 -19.80 49.13
CA VAL F 215 -76.60 -19.53 50.57
C VAL F 215 -77.98 -18.95 50.83
N ALA F 216 -78.30 -18.72 52.11
CA ALA F 216 -79.61 -18.20 52.49
C ALA F 216 -79.50 -17.62 53.90
N PRO F 217 -80.28 -16.59 54.21
CA PRO F 217 -80.32 -16.08 55.60
C PRO F 217 -80.92 -17.12 56.53
N THR F 218 -80.15 -17.53 57.53
CA THR F 218 -80.62 -18.53 58.50
C THR F 218 -80.86 -17.88 59.86
#